data_9HQX
#
_entry.id   9HQX
#
_cell.length_a   1.00
_cell.length_b   1.00
_cell.length_c   1.00
_cell.angle_alpha   90.00
_cell.angle_beta   90.00
_cell.angle_gamma   90.00
#
_symmetry.space_group_name_H-M   'P 1'
#
loop_
_entity.id
_entity.type
_entity.pdbx_description
1 polymer 'DUF3732 domain-containing protein'
2 polymer 'ABC-three component systems C-terminal domain-containing protein'
3 polymer LmuC
4 polymer 'DNA (29-MER)'
5 polymer 'DNA (29-MER)'
#
loop_
_entity_poly.entity_id
_entity_poly.type
_entity_poly.pdbx_seq_one_letter_code
_entity_poly.pdbx_strand_id
1 'polypeptide(L)'
;MYFQIRGIILWPRNKNFKPHTIRFELGKVNVISGASRTGKSAVIPIIDYCLGANTCSIPVKTIRKYCEWFGIVVATEQGE
KLLARKEPGNQRSTTDMFVLEAENITSIPIRLEKNTNVIAVKRMLDDLANLSNLDFSGGDENSGFDGRPAFRDLAAFTFQ
PQNVVANPDVLFFKTNTYEHREKLRKIFPYVLGAITSELMAKQFELNRIRLFLRRKERELKDAQDVSAQWLADLKSKYSE
AQELGLVPKPQEQLSRKQMISQLEEVISRTDLTLKVTVSTISDALSELNTLESEERLVSRELTTMRHRLEEMNRLRVGMH
QYENALLMQRDRLKISGWLLSNTNDESDCPMCGSHTDSAKQKLQALVQRLSDVEAAVGADAHKEVPAAFDRELQRVTTEV
ANATERLRAIQSRKRTLTSRSKEAREQQFSTRRAERFIGNVESALELHRKLGSDSELVEEVRKLKEMVQTLEKELREKDV
ELRKNQALRVINAQAGNILQGLDVEDPSAPISLEINDLTIKVLGDERDDYLSEIGSGSNWLSYHLAILLSLHQFYLSQKN
NPVPSFLILDQPSQVYFPKTTQLPNIANEDEPKLRDEDVEAVRRAFKAMGNVVIKEKGKLQLIVLDHAPREVWGEIDGVV
GLPEWRDGIKLVPMEWLTGV
;
B,f
2 'polypeptide(L)'
;MAISKTNGQSKPKRKTEVPGQALGYSLQFTLLTHLLLQAPEGSLCSLEVLDDVAQENNSGDIKFIQSASALTANPAADRA
KSLWKTLSNWIDLATSPDFEVEKAIFELYVSRPVEGSIVKKFNEAKTPEDAQEAITHARTELWGDSPHFTLKDGISKEIS
KYVEKVFTADQNLLQRLICNFQLTLGSGSPQADLEACVRSHPVSPSKVSDITNYLCGKVKRHIDMLLEAEKPAVIARDDF
YTWYKAYVQKIDRQMVLSSRAQAPVKEKAQEYLPDKFVQQLEIIGLPYEEILGAISDYLMASFDRTDWAARGEVDETSFD
DLDTALQRTWKNKQRICGLTHSEKSEQDQGKLLYFECMQFNIPLQAMSPPSHFIPGCYHILADSLAVGWHPNYTTQLKNK
KVA
;
A
3 'polypeptide(L)'
;MLAREAQNIQNPALGAALVWRFCCGYVKTNRVSAPPPLPFLFLVLPIILHQETSEFVKRTYKSSGLRAFAAKFGDSSVSK
QDLLFQIHERSIRWRQLSLRSIELAVASDLLKLQDGSDVIPLSKTKARGLSDEVKTLMDLAEKLGSWFGELSIHEVVTTL
KVKL
;
d
4 'polydeoxyribonucleotide'
;(DA)(DT)(DC)(DT)(DC)(DG)(DA)(DT)(DA)(DA)(DC)(DT)(DC)(DA)(DA)(DA)(DA)(DA)(DA)(DT)
(DA)(DC)(DG)(DC)(DC)(DC)(DG)(DG)(DT)
;
E
5 'polydeoxyribonucleotide'
;(DA)(DC)(DC)(DG)(DG)(DG)(DC)(DG)(DT)(DA)(DT)(DT)(DT)(DT)(DT)(DT)(DG)(DA)(DG)(DT)
(DT)(DA)(DT)(DC)(DG)(DA)(DG)(DA)(DT)
;
F
#
# COMPACT_ATOMS: atom_id res chain seq x y z
N MET A 1 18.76 25.26 2.63
CA MET A 1 17.59 25.94 3.25
C MET A 1 18.06 27.02 4.22
N TYR A 2 17.12 27.85 4.67
CA TYR A 2 17.38 28.89 5.65
C TYR A 2 17.10 28.30 7.03
N PHE A 3 18.16 28.07 7.81
CA PHE A 3 18.02 27.41 9.10
C PHE A 3 19.23 27.83 9.93
N GLN A 4 19.02 28.77 10.84
CA GLN A 4 20.10 29.33 11.64
C GLN A 4 19.76 29.22 13.12
N ILE A 5 20.77 29.31 13.97
CA ILE A 5 20.60 29.14 15.40
C ILE A 5 20.55 30.53 16.03
N ARG A 6 19.36 30.94 16.46
CA ARG A 6 19.20 32.24 17.08
C ARG A 6 19.69 32.25 18.53
N GLY A 7 19.65 31.12 19.21
CA GLY A 7 20.11 31.08 20.58
C GLY A 7 19.99 29.69 21.17
N ILE A 8 20.68 29.50 22.29
CA ILE A 8 20.65 28.26 23.05
C ILE A 8 19.96 28.53 24.37
N ILE A 9 19.37 27.49 24.95
CA ILE A 9 18.65 27.59 26.20
C ILE A 9 18.99 26.38 27.05
N LEU A 10 18.97 26.56 28.37
CA LEU A 10 19.17 25.46 29.31
C LEU A 10 18.18 25.58 30.46
N TRP A 11 17.77 24.42 30.97
CA TRP A 11 16.84 24.34 32.09
C TRP A 11 17.51 23.65 33.27
N PRO A 12 17.74 24.34 34.38
CA PRO A 12 18.46 23.72 35.48
C PRO A 12 17.73 22.51 36.03
N ARG A 13 18.51 21.52 36.48
CA ARG A 13 17.92 20.34 37.12
C ARG A 13 17.14 20.74 38.36
N ASN A 14 17.70 21.62 39.17
CA ASN A 14 17.02 22.13 40.35
C ASN A 14 16.12 23.28 39.95
N LYS A 15 14.80 23.09 40.08
CA LYS A 15 13.83 24.09 39.65
C LYS A 15 13.80 25.24 40.64
N ASN A 16 14.91 25.99 40.65
CA ASN A 16 15.02 27.20 41.46
C ASN A 16 15.56 28.38 40.68
N PHE A 17 16.12 28.16 39.49
CA PHE A 17 16.70 29.22 38.69
C PHE A 17 16.04 29.24 37.32
N LYS A 18 15.84 30.44 36.79
CA LYS A 18 15.20 30.57 35.50
C LYS A 18 16.09 29.96 34.42
N PRO A 19 15.51 29.53 33.30
CA PRO A 19 16.34 28.94 32.25
C PRO A 19 17.35 29.96 31.72
N HIS A 20 18.54 29.48 31.41
CA HIS A 20 19.63 30.34 30.97
C HIS A 20 19.66 30.38 29.45
N THR A 21 19.74 31.59 28.90
CA THR A 21 19.71 31.81 27.46
C THR A 21 21.03 32.39 26.99
N ILE A 22 21.48 31.94 25.83
CA ILE A 22 22.66 32.49 25.15
C ILE A 22 22.18 32.87 23.76
N ARG A 23 21.97 34.15 23.52
CA ARG A 23 21.35 34.62 22.29
C ARG A 23 22.43 34.95 21.27
N PHE A 24 22.41 34.23 20.14
CA PHE A 24 23.29 34.54 19.03
C PHE A 24 22.65 35.63 18.18
N GLU A 25 23.19 35.84 16.99
CA GLU A 25 22.59 36.72 16.00
C GLU A 25 22.46 35.96 14.68
N LEU A 26 21.54 36.41 13.86
CA LEU A 26 21.27 35.78 12.57
C LEU A 26 22.03 36.53 11.48
N GLY A 27 22.75 35.77 10.65
CA GLY A 27 23.47 36.37 9.56
C GLY A 27 24.74 37.09 9.97
N LYS A 28 25.38 36.66 11.05
CA LYS A 28 26.63 37.26 11.47
C LYS A 28 27.52 36.18 12.06
N VAL A 29 28.82 36.45 12.07
CA VAL A 29 29.80 35.50 12.60
C VAL A 29 29.75 35.61 14.13
N ASN A 30 28.99 34.74 14.77
CA ASN A 30 28.80 34.78 16.21
C ASN A 30 30.05 34.20 16.87
N VAL A 31 30.87 35.08 17.44
CA VAL A 31 32.13 34.68 18.05
C VAL A 31 31.92 34.47 19.53
N ILE A 32 32.33 33.31 20.03
CA ILE A 32 32.25 32.98 21.44
C ILE A 32 33.69 32.91 21.96
N SER A 33 34.17 34.04 22.48
CA SER A 33 35.56 34.17 22.87
C SER A 33 35.77 33.68 24.29
N GLY A 34 36.96 33.93 24.84
CA GLY A 34 37.21 33.58 26.22
C GLY A 34 37.32 32.07 26.42
N ALA A 35 36.94 31.64 27.62
CA ALA A 35 37.05 30.24 28.03
C ALA A 35 38.48 29.75 27.94
N SER A 36 39.34 30.39 28.74
CA SER A 36 40.75 30.01 28.75
C SER A 36 40.92 28.52 29.02
N ARG A 37 40.29 28.03 30.09
CA ARG A 37 40.23 26.59 30.32
C ARG A 37 39.33 25.95 29.28
N THR A 38 39.81 24.88 28.66
CA THR A 38 39.09 24.20 27.58
C THR A 38 38.96 22.73 27.95
N GLY A 39 37.93 22.40 28.71
CA GLY A 39 37.57 21.01 28.91
C GLY A 39 37.07 20.47 27.59
N LYS A 40 35.93 21.00 27.14
CA LYS A 40 35.48 20.83 25.76
C LYS A 40 34.23 21.67 25.58
N SER A 41 34.04 22.18 24.37
CA SER A 41 32.88 23.00 24.07
C SER A 41 31.63 22.13 24.03
N ALA A 42 30.63 22.52 24.80
CA ALA A 42 29.36 21.80 24.82
C ALA A 42 28.36 22.36 23.83
N VAL A 43 28.70 23.43 23.11
CA VAL A 43 27.74 24.01 22.17
C VAL A 43 27.39 23.00 21.09
N ILE A 44 28.39 22.34 20.51
CA ILE A 44 28.12 21.35 19.47
C ILE A 44 27.34 20.16 20.01
N PRO A 45 27.73 19.54 21.12
CA PRO A 45 26.90 18.46 21.66
C PRO A 45 25.47 18.89 21.94
N ILE A 46 25.28 20.10 22.48
CA ILE A 46 23.93 20.54 22.76
C ILE A 46 23.14 20.70 21.47
N ILE A 47 23.74 21.33 20.46
CA ILE A 47 22.99 21.60 19.23
C ILE A 47 22.67 20.30 18.51
N ASP A 48 23.58 19.33 18.52
CA ASP A 48 23.28 18.09 17.84
C ASP A 48 22.25 17.27 18.61
N TYR A 49 22.37 17.25 19.95
CA TYR A 49 21.40 16.52 20.76
C TYR A 49 20.01 17.09 20.56
N CYS A 50 19.87 18.41 20.66
CA CYS A 50 18.58 19.04 20.43
C CYS A 50 18.09 18.83 19.00
N LEU A 51 18.99 18.54 18.07
CA LEU A 51 18.59 18.30 16.68
C LEU A 51 18.42 16.82 16.36
N GLY A 52 18.53 15.95 17.35
CA GLY A 52 18.18 14.55 17.16
C GLY A 52 19.35 13.60 17.11
N ALA A 53 20.48 13.99 17.68
CA ALA A 53 21.63 13.10 17.70
C ALA A 53 21.28 11.81 18.42
N ASN A 54 21.80 10.69 17.90
CA ASN A 54 21.43 9.39 18.44
C ASN A 54 21.82 9.26 19.91
N THR A 55 23.02 9.71 20.26
CA THR A 55 23.54 9.56 21.60
C THR A 55 23.96 10.92 22.14
N CYS A 56 23.91 11.05 23.47
CA CYS A 56 24.20 12.31 24.13
C CYS A 56 25.72 12.47 24.26
N SER A 57 26.25 13.49 23.60
CA SER A 57 27.66 13.84 23.73
C SER A 57 27.91 14.95 24.74
N ILE A 58 26.86 15.42 25.42
CA ILE A 58 27.03 16.50 26.40
C ILE A 58 27.89 16.00 27.54
N PRO A 59 28.83 16.80 28.05
CA PRO A 59 29.69 16.33 29.15
C PRO A 59 28.85 15.81 30.32
N VAL A 60 29.07 14.55 30.67
CA VAL A 60 28.28 13.91 31.71
C VAL A 60 28.55 14.56 33.07
N LYS A 61 29.82 14.73 33.41
CA LYS A 61 30.21 15.11 34.76
C LYS A 61 30.02 16.58 35.06
N THR A 62 29.85 17.41 34.03
CA THR A 62 29.85 18.86 34.22
C THR A 62 28.53 19.54 33.88
N ILE A 63 27.79 19.01 32.91
CA ILE A 63 26.56 19.65 32.43
C ILE A 63 25.34 18.78 32.70
N ARG A 64 25.42 17.49 32.42
CA ARG A 64 24.28 16.61 32.67
C ARG A 64 23.92 16.53 34.14
N LYS A 65 24.81 16.96 35.03
CA LYS A 65 24.54 16.97 36.46
C LYS A 65 23.76 18.21 36.90
N TYR A 66 23.45 19.13 35.99
CA TYR A 66 22.74 20.35 36.34
C TYR A 66 21.65 20.76 35.36
N CYS A 67 21.62 20.20 34.16
CA CYS A 67 20.67 20.61 33.13
C CYS A 67 19.60 19.54 32.96
N GLU A 68 18.34 19.95 33.02
CA GLU A 68 17.23 19.04 32.80
C GLU A 68 16.82 18.99 31.33
N TRP A 69 16.55 20.14 30.74
CA TRP A 69 16.11 20.24 29.35
C TRP A 69 17.08 21.11 28.58
N PHE A 70 17.88 20.51 27.71
CA PHE A 70 18.65 21.32 26.79
C PHE A 70 17.72 21.84 25.70
N GLY A 71 18.09 22.94 25.08
CA GLY A 71 17.22 23.53 24.09
C GLY A 71 17.94 24.52 23.21
N ILE A 72 17.42 24.68 21.99
CA ILE A 72 17.91 25.69 21.06
C ILE A 72 16.72 26.36 20.43
N VAL A 73 16.95 27.55 19.90
CA VAL A 73 15.97 28.29 19.13
C VAL A 73 16.52 28.45 17.72
N VAL A 74 15.77 28.01 16.73
CA VAL A 74 16.24 28.01 15.34
C VAL A 74 15.30 28.84 14.51
N ALA A 75 15.86 29.78 13.77
CA ALA A 75 15.10 30.56 12.80
C ALA A 75 15.08 29.78 11.50
N THR A 76 13.88 29.55 10.97
CA THR A 76 13.69 28.77 9.76
C THR A 76 12.81 29.52 8.77
N GLU A 77 12.40 28.84 7.71
CA GLU A 77 11.43 29.43 6.80
C GLU A 77 10.03 29.41 7.40
N GLN A 78 9.68 28.34 8.13
CA GLN A 78 8.41 28.28 8.83
C GLN A 78 8.32 29.32 9.95
N GLY A 79 9.43 29.86 10.40
CA GLY A 79 9.48 30.74 11.55
C GLY A 79 10.16 30.07 12.74
N GLU A 80 10.44 30.90 13.74
CA GLU A 80 11.24 30.45 14.87
C GLU A 80 10.63 29.21 15.49
N LYS A 81 11.50 28.27 15.86
CA LYS A 81 11.10 27.05 16.54
C LYS A 81 12.02 26.84 17.73
N LEU A 82 11.44 26.55 18.89
CA LEU A 82 12.21 26.17 20.06
C LEU A 82 12.18 24.65 20.14
N LEU A 83 13.35 24.03 20.04
CA LEU A 83 13.50 22.58 20.11
C LEU A 83 14.24 22.24 21.39
N ALA A 84 13.64 21.41 22.24
CA ALA A 84 14.24 21.07 23.52
C ALA A 84 14.22 19.57 23.71
N ARG A 85 15.27 19.04 24.30
CA ARG A 85 15.41 17.62 24.58
C ARG A 85 15.69 17.44 26.07
N LYS A 86 14.95 16.52 26.70
CA LYS A 86 15.18 16.22 28.10
C LYS A 86 16.53 15.56 28.28
N GLU A 87 17.18 15.86 29.39
CA GLU A 87 18.46 15.22 29.69
C GLU A 87 18.24 13.72 29.78
N PRO A 88 19.08 12.90 29.14
CA PRO A 88 18.79 11.46 29.06
C PRO A 88 18.89 10.72 30.39
N GLY A 89 19.11 11.42 31.49
CA GLY A 89 19.21 10.73 32.76
C GLY A 89 20.33 9.70 32.72
N ASN A 90 20.01 8.47 33.11
CA ASN A 90 20.97 7.38 33.16
C ASN A 90 20.89 6.49 31.91
N GLN A 91 20.61 7.08 30.75
CA GLN A 91 20.51 6.33 29.51
C GLN A 91 21.30 7.04 28.42
N ARG A 92 21.65 6.29 27.37
CA ARG A 92 22.38 6.87 26.25
C ARG A 92 21.56 7.95 25.55
N SER A 93 20.24 7.94 25.72
CA SER A 93 19.39 8.94 25.09
C SER A 93 17.96 8.74 25.57
N THR A 94 17.16 9.79 25.41
CA THR A 94 15.74 9.76 25.71
C THR A 94 14.99 10.44 24.57
N THR A 95 13.94 9.80 24.09
CA THR A 95 13.18 10.34 22.97
C THR A 95 12.29 11.52 23.35
N ASP A 96 12.11 11.78 24.64
CA ASP A 96 11.24 12.87 25.07
C ASP A 96 11.76 14.20 24.53
N MET A 97 10.86 15.05 24.10
CA MET A 97 11.24 16.37 23.61
C MET A 97 10.08 17.34 23.79
N PHE A 98 10.42 18.62 23.70
CA PHE A 98 9.45 19.70 23.71
C PHE A 98 9.68 20.55 22.47
N VAL A 99 8.61 21.04 21.87
CA VAL A 99 8.71 21.86 20.68
C VAL A 99 7.73 23.01 20.79
N LEU A 100 8.19 24.19 20.41
CA LEU A 100 7.33 25.36 20.29
C LEU A 100 7.62 26.00 18.95
N GLU A 101 6.63 26.72 18.42
CA GLU A 101 6.79 27.41 17.15
C GLU A 101 6.18 28.80 17.26
N ALA A 102 6.64 29.71 16.41
CA ALA A 102 6.08 31.04 16.40
C ALA A 102 6.74 31.83 15.29
N GLU A 103 6.13 32.94 14.92
CA GLU A 103 6.78 33.85 13.99
C GLU A 103 7.96 34.54 14.64
N ASN A 104 7.95 34.67 15.96
CA ASN A 104 9.09 35.22 16.70
C ASN A 104 8.98 34.72 18.13
N ILE A 105 9.86 33.79 18.50
CA ILE A 105 9.83 33.26 19.86
C ILE A 105 10.35 34.33 20.80
N THR A 106 9.53 34.73 21.76
CA THR A 106 9.91 35.74 22.74
C THR A 106 9.88 35.19 24.16
N SER A 107 8.80 34.53 24.55
CA SER A 107 8.70 33.94 25.87
C SER A 107 9.34 32.57 25.89
N ILE A 108 9.72 32.12 27.08
CA ILE A 108 10.29 30.79 27.26
C ILE A 108 9.62 30.15 28.47
N PRO A 109 9.08 28.94 28.35
CA PRO A 109 8.49 28.30 29.52
C PRO A 109 9.50 28.14 30.64
N ILE A 110 9.05 28.38 31.87
CA ILE A 110 9.91 28.15 33.02
C ILE A 110 10.15 26.66 33.23
N ARG A 111 9.13 25.85 33.02
CA ARG A 111 9.24 24.41 33.09
C ARG A 111 8.75 23.79 31.79
N LEU A 112 9.25 22.60 31.49
CA LEU A 112 8.95 21.92 30.24
C LEU A 112 8.41 20.52 30.53
N GLU A 113 7.48 20.10 29.68
CA GLU A 113 6.94 18.75 29.71
C GLU A 113 7.02 18.15 28.32
N LYS A 114 7.03 16.81 28.28
CA LYS A 114 7.09 16.12 27.01
C LYS A 114 6.00 16.62 26.08
N ASN A 115 6.37 16.98 24.86
CA ASN A 115 5.43 17.54 23.90
C ASN A 115 5.45 16.74 22.60
N THR A 116 6.58 16.10 22.31
CA THR A 116 6.73 15.28 21.11
C THR A 116 7.83 14.26 21.39
N ASN A 117 8.32 13.62 20.33
CA ASN A 117 9.39 12.65 20.43
C ASN A 117 10.43 12.92 19.36
N VAL A 118 11.60 12.31 19.54
CA VAL A 118 12.73 12.59 18.65
C VAL A 118 12.38 12.26 17.21
N ILE A 119 11.66 11.16 16.99
CA ILE A 119 11.38 10.74 15.62
C ILE A 119 10.55 11.80 14.90
N ALA A 120 9.53 12.32 15.57
CA ALA A 120 8.67 13.30 14.93
C ALA A 120 9.44 14.56 14.57
N VAL A 121 10.30 15.03 15.47
CA VAL A 121 11.06 16.24 15.17
C VAL A 121 12.08 15.96 14.07
N LYS A 122 12.64 14.76 14.03
CA LYS A 122 13.53 14.40 12.93
C LYS A 122 12.79 14.50 11.60
N ARG A 123 11.56 13.97 11.56
CA ARG A 123 10.77 14.06 10.33
C ARG A 123 10.44 15.52 9.99
N MET A 124 10.16 16.32 11.01
CA MET A 124 9.90 17.74 10.78
C MET A 124 11.11 18.43 10.17
N LEU A 125 12.30 18.15 10.69
CA LEU A 125 13.50 18.73 10.12
C LEU A 125 13.71 18.21 8.70
N ASP A 126 13.50 16.93 8.48
CA ASP A 126 13.66 16.37 7.15
C ASP A 126 12.79 17.10 6.14
N ASP A 127 11.49 17.22 6.42
CA ASP A 127 10.61 17.85 5.46
C ASP A 127 10.74 19.37 5.46
N LEU A 128 11.44 19.95 6.44
CA LEU A 128 12.02 21.27 6.22
C LEU A 128 13.05 21.21 5.11
N ALA A 129 13.87 20.16 5.10
CA ALA A 129 14.91 19.98 4.10
C ALA A 129 14.43 19.21 2.87
N ASN A 130 13.16 18.83 2.81
CA ASN A 130 12.60 18.12 1.66
C ASN A 130 13.23 16.73 1.50
N LEU A 131 13.53 16.09 2.63
CA LEU A 131 14.18 14.79 2.62
C LEU A 131 13.27 13.69 3.16
N SER A 132 11.96 13.84 2.97
CA SER A 132 11.00 12.80 3.30
C SER A 132 10.64 11.96 2.08
N ASN A 133 11.59 11.79 1.17
CA ASN A 133 11.36 11.15 -0.10
C ASN A 133 11.51 9.63 0.04
N LEU A 134 11.58 8.93 -1.08
CA LEU A 134 11.57 7.48 -1.10
C LEU A 134 12.59 6.88 -0.14
N GLY A 147 17.42 5.06 3.43
CA GLY A 147 17.37 4.93 1.98
C GLY A 147 17.71 6.22 1.26
N ARG A 148 17.37 7.34 1.90
CA ARG A 148 17.63 8.67 1.36
C ARG A 148 18.45 9.47 2.36
N PRO A 149 19.17 10.49 1.90
CA PRO A 149 19.89 11.34 2.86
C PRO A 149 18.92 11.90 3.90
N ALA A 150 19.28 11.74 5.16
CA ALA A 150 18.48 12.24 6.28
C ALA A 150 19.10 13.54 6.79
N PHE A 151 18.30 14.27 7.57
CA PHE A 151 18.79 15.54 8.09
C PHE A 151 20.07 15.35 8.87
N ARG A 152 20.09 14.38 9.78
CA ARG A 152 21.29 14.15 10.59
C ARG A 152 22.50 13.87 9.72
N ASP A 153 22.30 13.22 8.56
CA ASP A 153 23.41 12.94 7.68
C ASP A 153 24.09 14.21 7.20
N LEU A 154 23.41 15.36 7.28
CA LEU A 154 23.99 16.61 6.85
C LEU A 154 24.87 17.25 7.91
N ALA A 155 24.97 16.63 9.09
CA ALA A 155 25.84 17.18 10.13
C ALA A 155 27.25 17.44 9.62
N ALA A 156 27.64 16.77 8.53
CA ALA A 156 28.98 16.96 7.99
C ALA A 156 29.22 18.39 7.57
N PHE A 157 28.23 19.02 6.93
CA PHE A 157 28.44 20.33 6.33
C PHE A 157 28.12 21.48 7.27
N THR A 158 27.89 21.21 8.54
CA THR A 158 27.54 22.26 9.49
C THR A 158 28.27 22.16 10.82
N PHE A 159 29.19 21.20 10.96
CA PHE A 159 29.93 21.02 12.20
C PHE A 159 31.41 20.92 11.86
N GLN A 160 32.25 21.47 12.73
CA GLN A 160 33.70 21.40 12.57
C GLN A 160 34.33 21.40 13.95
N PRO A 161 34.27 20.29 14.66
CA PRO A 161 34.84 20.24 16.01
C PRO A 161 36.29 20.70 16.04
N GLN A 162 36.82 20.96 17.23
CA GLN A 162 38.14 21.58 17.32
C GLN A 162 39.18 20.81 16.51
N ASN A 163 39.12 19.48 16.57
CA ASN A 163 40.07 18.69 15.78
C ASN A 163 39.81 18.84 14.29
N VAL A 164 38.56 18.67 13.87
CA VAL A 164 38.26 18.62 12.44
C VAL A 164 38.66 19.90 11.74
N VAL A 165 38.58 21.03 12.45
CA VAL A 165 38.79 22.32 11.78
C VAL A 165 40.20 22.43 11.24
N ALA A 166 41.19 21.95 11.99
CA ALA A 166 42.59 22.05 11.58
C ALA A 166 43.21 20.70 11.29
N ASN A 167 42.44 19.62 11.39
CA ASN A 167 43.00 18.30 11.12
C ASN A 167 43.26 18.15 9.62
N PRO A 168 44.51 17.97 9.20
CA PRO A 168 44.79 17.96 7.75
C PRO A 168 44.13 16.83 7.00
N ASP A 169 43.74 15.75 7.68
CA ASP A 169 43.17 14.60 7.01
C ASP A 169 41.64 14.64 7.01
N VAL A 170 41.03 14.68 8.18
CA VAL A 170 39.57 14.68 8.27
C VAL A 170 39.06 16.05 7.84
N LEU A 171 38.33 16.10 6.74
CA LEU A 171 37.80 17.35 6.22
C LEU A 171 36.35 17.57 6.57
N PHE A 172 35.62 16.53 6.94
CA PHE A 172 34.21 16.65 7.28
C PHE A 172 33.92 15.91 8.58
N PHE A 173 33.06 16.51 9.39
CA PHE A 173 32.65 15.87 10.63
C PHE A 173 31.96 14.55 10.32
N LYS A 174 32.08 13.61 11.26
CA LYS A 174 31.47 12.28 11.12
C LYS A 174 32.06 11.54 9.92
N THR A 175 33.37 11.68 9.73
CA THR A 175 34.12 10.83 8.80
C THR A 175 35.19 10.14 9.63
N ASN A 176 34.79 9.08 10.34
CA ASN A 176 35.70 8.36 11.22
C ASN A 176 35.49 6.86 11.16
N THR A 177 34.87 6.37 10.09
CA THR A 177 34.55 4.96 9.97
C THR A 177 34.13 4.62 8.55
N TYR A 178 33.78 3.36 8.32
CA TYR A 178 33.42 2.92 6.98
C TYR A 178 32.02 3.39 6.61
N GLU A 179 31.04 3.02 7.43
CA GLU A 179 29.64 3.32 7.11
C GLU A 179 29.43 4.82 6.96
N HIS A 180 29.97 5.63 7.88
CA HIS A 180 29.78 7.07 7.78
C HIS A 180 30.46 7.65 6.55
N ARG A 181 31.67 7.18 6.24
CA ARG A 181 32.37 7.70 5.07
C ARG A 181 31.60 7.39 3.81
N GLU A 182 31.22 6.13 3.61
CA GLU A 182 30.46 5.79 2.42
C GLU A 182 29.12 6.49 2.40
N LYS A 183 28.51 6.69 3.56
CA LYS A 183 27.28 7.45 3.65
C LYS A 183 27.50 8.80 3.01
N LEU A 184 28.37 9.61 3.62
CA LEU A 184 28.61 10.96 3.14
C LEU A 184 28.95 10.94 1.65
N ARG A 185 29.71 9.93 1.22
CA ARG A 185 30.07 9.82 -0.18
C ARG A 185 28.84 9.68 -1.07
N LYS A 186 27.88 8.86 -0.63
CA LYS A 186 26.66 8.67 -1.41
C LYS A 186 25.72 9.86 -1.34
N ILE A 187 25.75 10.61 -0.24
CA ILE A 187 24.91 11.80 -0.15
C ILE A 187 25.46 12.99 -0.91
N PHE A 188 26.78 13.11 -1.10
CA PHE A 188 27.29 14.27 -1.83
C PHE A 188 26.59 14.53 -3.15
N PRO A 189 26.38 13.55 -4.03
CA PRO A 189 25.74 13.86 -5.31
C PRO A 189 24.38 14.52 -5.16
N TYR A 190 23.59 14.10 -4.17
CA TYR A 190 22.30 14.74 -3.95
C TYR A 190 22.46 16.18 -3.51
N VAL A 191 23.40 16.44 -2.60
CA VAL A 191 23.58 17.79 -2.08
C VAL A 191 23.99 18.75 -3.18
N LEU A 192 24.90 18.31 -4.05
CA LEU A 192 25.41 19.19 -5.10
C LEU A 192 24.35 19.55 -6.13
N GLY A 193 23.21 18.89 -6.11
CA GLY A 193 22.13 19.20 -7.02
C GLY A 193 22.05 18.34 -8.26
N ALA A 194 22.86 17.28 -8.35
CA ALA A 194 22.80 16.41 -9.51
C ALA A 194 21.63 15.44 -9.39
N ILE A 195 21.64 14.60 -8.36
CA ILE A 195 20.54 13.67 -8.11
C ILE A 195 19.42 14.44 -7.43
N THR A 196 18.35 14.70 -8.15
CA THR A 196 17.18 15.36 -7.59
C THR A 196 16.14 14.31 -7.21
N SER A 197 15.43 14.56 -6.11
CA SER A 197 14.41 13.62 -5.66
C SER A 197 13.44 13.32 -6.80
N GLU A 198 13.16 14.31 -7.63
CA GLU A 198 12.36 14.07 -8.83
C GLU A 198 13.01 13.01 -9.71
N LEU A 199 14.33 13.07 -9.86
CA LEU A 199 15.01 12.08 -10.71
C LEU A 199 14.97 10.69 -10.08
N MET A 200 15.10 10.60 -8.76
CA MET A 200 14.96 9.30 -8.13
C MET A 200 13.56 8.73 -8.34
N ALA A 201 12.54 9.58 -8.20
CA ALA A 201 11.18 9.13 -8.44
C ALA A 201 11.01 8.65 -9.88
N LYS A 202 11.53 9.42 -10.83
CA LYS A 202 11.42 9.02 -12.23
C LYS A 202 12.14 7.71 -12.48
N GLN A 203 13.30 7.51 -11.86
CA GLN A 203 14.01 6.26 -12.03
C GLN A 203 13.20 5.09 -11.51
N PHE A 204 12.58 5.24 -10.33
CA PHE A 204 11.80 4.15 -9.78
C PHE A 204 10.59 3.86 -10.66
N GLU A 205 9.93 4.92 -11.14
CA GLU A 205 8.81 4.76 -12.06
C GLU A 205 9.24 4.04 -13.32
N LEU A 206 10.39 4.41 -13.87
CA LEU A 206 10.88 3.77 -15.08
C LEU A 206 11.16 2.30 -14.84
N ASN A 207 11.71 1.96 -13.68
CA ASN A 207 11.95 0.55 -13.36
C ASN A 207 10.64 -0.23 -13.34
N ARG A 208 9.63 0.31 -12.64
CA ARG A 208 8.38 -0.43 -12.54
C ARG A 208 7.72 -0.57 -13.91
N ILE A 209 7.74 0.50 -14.70
CA ILE A 209 7.16 0.42 -16.04
C ILE A 209 7.93 -0.56 -16.91
N ARG A 210 9.25 -0.63 -16.72
CA ARG A 210 10.04 -1.62 -17.44
C ARG A 210 9.54 -3.02 -17.12
N LEU A 211 9.35 -3.32 -15.84
CA LEU A 211 8.88 -4.65 -15.48
C LEU A 211 7.51 -4.94 -16.09
N PHE A 212 6.60 -3.96 -15.99
CA PHE A 212 5.25 -4.16 -16.50
C PHE A 212 5.28 -4.38 -18.01
N LEU A 213 6.05 -3.57 -18.73
CA LEU A 213 6.15 -3.72 -20.17
C LEU A 213 6.83 -5.02 -20.55
N ARG A 214 7.78 -5.49 -19.75
CA ARG A 214 8.38 -6.79 -20.03
C ARG A 214 7.33 -7.89 -19.98
N ARG A 215 6.54 -7.93 -18.91
CA ARG A 215 5.50 -8.95 -18.83
C ARG A 215 4.50 -8.80 -19.97
N LYS A 216 4.10 -7.57 -20.28
CA LYS A 216 3.10 -7.37 -21.31
C LYS A 216 3.63 -7.76 -22.68
N GLU A 217 4.89 -7.44 -22.98
CA GLU A 217 5.49 -7.90 -24.23
C GLU A 217 5.54 -9.40 -24.30
N ARG A 218 5.93 -10.05 -23.20
CA ARG A 218 5.95 -11.51 -23.18
C ARG A 218 4.58 -12.07 -23.55
N GLU A 219 3.55 -11.59 -22.86
CA GLU A 219 2.21 -12.14 -23.08
C GLU A 219 1.71 -11.83 -24.48
N LEU A 220 1.89 -10.60 -24.95
CA LEU A 220 1.42 -10.24 -26.29
C LEU A 220 2.14 -11.07 -27.34
N LYS A 221 3.45 -11.26 -27.19
CA LYS A 221 4.19 -12.05 -28.17
C LYS A 221 3.69 -13.47 -28.20
N ASP A 222 3.46 -14.07 -27.02
CA ASP A 222 2.95 -15.43 -27.00
C ASP A 222 1.60 -15.52 -27.69
N ALA A 223 0.70 -14.57 -27.38
CA ALA A 223 -0.62 -14.61 -27.98
C ALA A 223 -0.55 -14.44 -29.49
N GLN A 224 0.29 -13.52 -29.97
CA GLN A 224 0.41 -13.32 -31.41
C GLN A 224 1.02 -14.54 -32.08
N ASP A 225 1.97 -15.20 -31.40
CA ASP A 225 2.52 -16.44 -31.94
C ASP A 225 1.43 -17.49 -32.08
N VAL A 226 0.58 -17.63 -31.06
CA VAL A 226 -0.50 -18.61 -31.14
C VAL A 226 -1.44 -18.26 -32.28
N SER A 227 -1.80 -16.99 -32.39
CA SER A 227 -2.70 -16.57 -33.45
C SER A 227 -2.10 -16.88 -34.82
N ALA A 228 -0.82 -16.56 -35.01
CA ALA A 228 -0.19 -16.79 -36.30
C ALA A 228 -0.11 -18.27 -36.63
N GLN A 229 0.30 -19.10 -35.67
CA GLN A 229 0.43 -20.51 -35.96
C GLN A 229 -0.94 -21.14 -36.24
N TRP A 230 -1.99 -20.70 -35.54
CA TRP A 230 -3.32 -21.18 -35.88
C TRP A 230 -3.73 -20.74 -37.27
N LEU A 231 -3.60 -19.43 -37.55
CA LEU A 231 -3.97 -18.91 -38.85
C LEU A 231 -3.22 -19.58 -39.99
N ALA A 232 -2.03 -20.11 -39.72
CA ALA A 232 -1.33 -20.89 -40.72
C ALA A 232 -2.16 -22.10 -41.14
N ASP A 233 -2.79 -22.75 -40.16
CA ASP A 233 -3.64 -23.90 -40.43
C ASP A 233 -5.05 -23.50 -40.88
N LEU A 234 -5.27 -22.22 -41.20
CA LEU A 234 -6.62 -21.76 -41.50
C LEU A 234 -7.20 -22.50 -42.71
N LYS A 235 -6.40 -22.68 -43.76
CA LYS A 235 -6.92 -23.33 -44.96
C LYS A 235 -7.22 -24.81 -44.71
N SER A 236 -6.32 -25.51 -44.02
CA SER A 236 -6.60 -26.88 -43.64
C SER A 236 -7.80 -26.95 -42.72
N LYS A 237 -7.92 -25.98 -41.80
CA LYS A 237 -9.09 -25.95 -40.93
C LYS A 237 -10.37 -25.79 -41.73
N TYR A 238 -10.37 -24.93 -42.73
CA TYR A 238 -11.58 -24.70 -43.52
C TYR A 238 -11.89 -25.92 -44.38
N SER A 239 -10.86 -26.61 -44.86
CA SER A 239 -11.09 -27.88 -45.56
C SER A 239 -11.73 -28.88 -44.63
N GLU A 240 -11.25 -28.97 -43.39
CA GLU A 240 -11.88 -29.84 -42.41
C GLU A 240 -13.34 -29.43 -42.18
N ALA A 241 -13.59 -28.12 -42.15
CA ALA A 241 -14.95 -27.64 -41.93
C ALA A 241 -15.88 -28.09 -43.04
N GLN A 242 -15.50 -27.82 -44.30
CA GLN A 242 -16.34 -28.25 -45.41
C GLN A 242 -16.46 -29.76 -45.47
N GLU A 243 -15.43 -30.49 -45.05
CA GLU A 243 -15.54 -31.94 -44.94
C GLU A 243 -16.62 -32.32 -43.93
N LEU A 244 -16.64 -31.66 -42.77
CA LEU A 244 -17.65 -31.96 -41.76
C LEU A 244 -19.04 -31.58 -42.23
N GLY A 245 -19.16 -30.77 -43.28
CA GLY A 245 -20.46 -30.40 -43.80
C GLY A 245 -21.02 -29.17 -43.11
N LEU A 246 -20.15 -28.21 -42.78
CA LEU A 246 -20.58 -26.98 -42.15
C LEU A 246 -20.60 -25.80 -43.11
N VAL A 247 -19.95 -25.91 -44.26
CA VAL A 247 -19.91 -24.82 -45.24
C VAL A 247 -20.03 -25.42 -46.64
N PRO A 248 -20.49 -24.63 -47.60
CA PRO A 248 -20.59 -25.13 -48.98
C PRO A 248 -19.22 -25.47 -49.54
N LYS A 249 -19.25 -26.10 -50.70
CA LYS A 249 -18.01 -26.48 -51.37
C LYS A 249 -17.32 -25.21 -51.88
N PRO A 250 -16.09 -24.91 -51.42
CA PRO A 250 -15.38 -23.75 -51.99
C PRO A 250 -15.04 -23.94 -53.44
N GLN A 251 -15.68 -23.18 -54.33
CA GLN A 251 -15.45 -23.34 -55.76
C GLN A 251 -14.08 -22.81 -56.17
N GLU A 252 -13.67 -21.68 -55.59
CA GLU A 252 -12.41 -21.03 -55.95
C GLU A 252 -11.71 -20.58 -54.67
N GLN A 253 -10.44 -20.23 -54.80
CA GLN A 253 -9.64 -19.84 -53.64
C GLN A 253 -10.29 -18.69 -52.90
N LEU A 254 -10.31 -18.80 -51.58
CA LEU A 254 -11.04 -17.87 -50.72
C LEU A 254 -10.10 -16.84 -50.13
N SER A 255 -10.69 -15.81 -49.54
CA SER A 255 -9.97 -14.75 -48.84
C SER A 255 -10.07 -14.96 -47.35
N ARG A 256 -8.98 -14.66 -46.63
CA ARG A 256 -8.96 -14.87 -45.19
C ARG A 256 -10.16 -14.23 -44.52
N LYS A 257 -10.49 -13.00 -44.92
CA LYS A 257 -11.62 -12.31 -44.30
C LYS A 257 -12.93 -13.06 -44.52
N GLN A 258 -13.18 -13.51 -45.75
CA GLN A 258 -14.44 -14.18 -46.01
C GLN A 258 -14.42 -15.61 -45.50
N MET A 259 -13.25 -16.25 -45.44
CA MET A 259 -13.17 -17.53 -44.74
C MET A 259 -13.57 -17.37 -43.28
N ILE A 260 -13.01 -16.39 -42.60
CA ILE A 260 -13.39 -16.12 -41.22
C ILE A 260 -14.88 -15.82 -41.14
N SER A 261 -15.40 -15.07 -42.12
CA SER A 261 -16.83 -14.78 -42.17
C SER A 261 -17.64 -16.07 -42.18
N GLN A 262 -17.30 -16.99 -43.07
CA GLN A 262 -17.95 -18.29 -43.09
C GLN A 262 -17.87 -18.96 -41.73
N LEU A 263 -16.70 -18.91 -41.11
CA LEU A 263 -16.51 -19.63 -39.85
C LEU A 263 -17.43 -19.09 -38.76
N GLU A 264 -17.46 -17.76 -38.56
CA GLU A 264 -18.20 -17.27 -37.42
C GLU A 264 -19.69 -17.30 -37.70
N GLU A 265 -20.10 -17.11 -38.96
CA GLU A 265 -21.52 -17.29 -39.25
C GLU A 265 -21.93 -18.73 -39.04
N VAL A 266 -21.03 -19.68 -39.29
CA VAL A 266 -21.31 -21.08 -38.98
C VAL A 266 -21.50 -21.26 -37.48
N ILE A 267 -20.55 -20.77 -36.69
CA ILE A 267 -20.62 -21.01 -35.25
C ILE A 267 -21.77 -20.27 -34.61
N SER A 268 -22.24 -19.18 -35.21
CA SER A 268 -23.29 -18.36 -34.62
C SER A 268 -24.67 -18.97 -34.78
N ARG A 269 -24.85 -19.95 -35.65
CA ARG A 269 -26.17 -20.54 -35.86
C ARG A 269 -26.69 -21.11 -34.56
N THR A 270 -27.91 -20.72 -34.19
CA THR A 270 -28.47 -21.16 -32.92
C THR A 270 -28.65 -22.68 -32.90
N ASP A 271 -29.14 -23.24 -33.99
CA ASP A 271 -29.33 -24.69 -34.12
C ASP A 271 -28.81 -25.10 -35.49
N LEU A 272 -27.58 -25.61 -35.53
CA LEU A 272 -26.97 -26.08 -36.75
C LEU A 272 -27.15 -27.60 -36.84
N THR A 273 -27.61 -28.07 -38.00
CA THR A 273 -27.88 -29.47 -38.23
C THR A 273 -26.91 -30.03 -39.25
N LEU A 274 -26.54 -31.30 -39.07
CA LEU A 274 -25.66 -31.96 -40.00
C LEU A 274 -26.35 -32.18 -41.34
N LYS A 275 -25.54 -32.32 -42.39
CA LYS A 275 -26.05 -32.50 -43.74
C LYS A 275 -26.42 -33.96 -43.95
N VAL A 276 -27.55 -34.35 -43.38
CA VAL A 276 -28.05 -35.72 -43.44
C VAL A 276 -29.52 -35.67 -43.85
N THR A 277 -29.90 -36.57 -44.76
CA THR A 277 -31.28 -36.63 -45.20
C THR A 277 -32.17 -37.23 -44.11
N VAL A 278 -33.45 -36.86 -44.15
CA VAL A 278 -34.42 -37.32 -43.16
C VAL A 278 -35.39 -38.33 -43.73
N SER A 279 -35.45 -38.51 -45.05
CA SER A 279 -36.38 -39.45 -45.64
C SER A 279 -36.11 -40.87 -45.13
N THR A 280 -34.85 -41.27 -45.09
CA THR A 280 -34.45 -42.57 -44.56
C THR A 280 -33.92 -42.33 -43.15
N ILE A 281 -34.84 -42.32 -42.18
CA ILE A 281 -34.52 -42.08 -40.79
C ILE A 281 -34.85 -43.33 -39.99
N SER A 282 -33.86 -43.86 -39.30
CA SER A 282 -34.06 -45.05 -38.50
C SER A 282 -34.80 -44.71 -37.21
N ASP A 283 -35.32 -45.75 -36.56
CA ASP A 283 -35.95 -45.55 -35.26
C ASP A 283 -34.94 -45.01 -34.25
N ALA A 284 -33.71 -45.55 -34.27
CA ALA A 284 -32.70 -45.10 -33.34
C ALA A 284 -32.37 -43.62 -33.56
N LEU A 285 -32.22 -43.21 -34.82
CA LEU A 285 -31.88 -41.81 -35.10
C LEU A 285 -33.02 -40.88 -34.73
N SER A 286 -34.26 -41.28 -35.01
CA SER A 286 -35.41 -40.46 -34.61
C SER A 286 -35.47 -40.34 -33.10
N GLU A 287 -35.22 -41.43 -32.38
CA GLU A 287 -35.18 -41.38 -30.92
C GLU A 287 -34.07 -40.45 -30.45
N LEU A 288 -32.91 -40.51 -31.11
CA LEU A 288 -31.81 -39.63 -30.73
C LEU A 288 -32.19 -38.17 -30.92
N ASN A 289 -32.83 -37.84 -32.05
CA ASN A 289 -33.23 -36.47 -32.29
C ASN A 289 -34.27 -36.01 -31.27
N THR A 290 -35.22 -36.88 -30.93
CA THR A 290 -36.22 -36.51 -29.93
C THR A 290 -35.57 -36.27 -28.57
N LEU A 291 -34.64 -37.15 -28.18
CA LEU A 291 -33.96 -36.95 -26.91
C LEU A 291 -33.16 -35.67 -26.92
N GLU A 292 -32.53 -35.35 -28.05
CA GLU A 292 -31.76 -34.12 -28.11
C GLU A 292 -32.67 -32.90 -28.02
N SER A 293 -33.85 -32.95 -28.62
CA SER A 293 -34.79 -31.84 -28.48
C SER A 293 -35.24 -31.68 -27.04
N GLU A 294 -35.58 -32.80 -26.38
CA GLU A 294 -35.91 -32.74 -24.96
C GLU A 294 -34.76 -32.15 -24.17
N GLU A 295 -33.53 -32.49 -24.55
CA GLU A 295 -32.36 -31.98 -23.86
C GLU A 295 -32.26 -30.47 -24.03
N ARG A 296 -32.49 -29.96 -25.25
CA ARG A 296 -32.49 -28.52 -25.44
C ARG A 296 -33.53 -27.86 -24.56
N LEU A 297 -34.74 -28.43 -24.52
CA LEU A 297 -35.81 -27.82 -23.75
C LEU A 297 -35.45 -27.77 -22.27
N VAL A 298 -35.00 -28.90 -21.72
CA VAL A 298 -34.65 -28.95 -20.31
C VAL A 298 -33.49 -28.01 -20.01
N SER A 299 -32.53 -27.91 -20.94
CA SER A 299 -31.39 -27.02 -20.72
C SER A 299 -31.83 -25.58 -20.65
N ARG A 300 -32.75 -25.18 -21.55
CA ARG A 300 -33.25 -23.80 -21.50
C ARG A 300 -34.02 -23.55 -20.21
N GLU A 301 -34.86 -24.50 -19.81
CA GLU A 301 -35.62 -24.35 -18.58
C GLU A 301 -34.69 -24.20 -17.39
N LEU A 302 -33.65 -25.03 -17.34
CA LEU A 302 -32.70 -24.96 -16.25
C LEU A 302 -31.86 -23.68 -16.31
N THR A 303 -31.62 -23.15 -17.51
CA THR A 303 -30.95 -21.87 -17.62
C THR A 303 -31.77 -20.77 -16.97
N THR A 304 -33.05 -20.67 -17.32
CA THR A 304 -33.89 -19.65 -16.71
C THR A 304 -33.98 -19.85 -15.20
N MET A 305 -34.12 -21.10 -14.77
CA MET A 305 -34.23 -21.37 -13.35
C MET A 305 -32.96 -20.97 -12.62
N ARG A 306 -31.80 -21.25 -13.20
CA ARG A 306 -30.54 -20.79 -12.60
C ARG A 306 -30.46 -19.28 -12.56
N HIS A 307 -30.94 -18.62 -13.62
CA HIS A 307 -31.00 -17.16 -13.60
C HIS A 307 -31.76 -16.68 -12.36
N ARG A 308 -32.93 -17.28 -12.14
CA ARG A 308 -33.74 -16.87 -11.00
C ARG A 308 -33.02 -17.14 -9.69
N LEU A 309 -32.37 -18.30 -9.57
CA LEU A 309 -31.67 -18.61 -8.33
C LEU A 309 -30.54 -17.63 -8.07
N GLU A 310 -29.80 -17.27 -9.13
CA GLU A 310 -28.75 -16.27 -8.98
C GLU A 310 -29.32 -14.97 -8.46
N GLU A 311 -30.40 -14.50 -9.10
CA GLU A 311 -30.95 -13.21 -8.70
C GLU A 311 -31.46 -13.24 -7.27
N MET A 312 -32.09 -14.34 -6.85
CA MET A 312 -32.53 -14.43 -5.46
C MET A 312 -31.35 -14.42 -4.51
N ASN A 313 -30.30 -15.17 -4.84
CA ASN A 313 -29.15 -15.23 -3.95
C ASN A 313 -28.55 -13.85 -3.76
N ARG A 314 -28.44 -13.07 -4.84
CA ARG A 314 -27.88 -11.74 -4.69
C ARG A 314 -28.88 -10.77 -4.07
N LEU A 315 -30.17 -11.00 -4.24
CA LEU A 315 -31.16 -10.11 -3.63
C LEU A 315 -31.20 -10.26 -2.13
N ARG A 316 -30.91 -11.45 -1.61
CA ARG A 316 -30.79 -11.58 -0.17
C ARG A 316 -29.72 -10.64 0.37
N VAL A 317 -28.55 -10.65 -0.27
CA VAL A 317 -27.47 -9.76 0.13
C VAL A 317 -27.89 -8.31 -0.05
N GLY A 318 -28.64 -8.03 -1.12
CA GLY A 318 -29.11 -6.67 -1.33
C GLY A 318 -30.00 -6.19 -0.20
N MET A 319 -30.94 -7.02 0.23
CA MET A 319 -31.81 -6.62 1.33
C MET A 319 -31.00 -6.43 2.60
N HIS A 320 -30.05 -7.31 2.87
CA HIS A 320 -29.25 -7.16 4.08
C HIS A 320 -28.46 -5.85 4.05
N GLN A 321 -27.86 -5.53 2.91
CA GLN A 321 -27.10 -4.29 2.81
C GLN A 321 -27.99 -3.06 2.93
N TYR A 322 -29.20 -3.13 2.37
CA TYR A 322 -30.13 -2.02 2.53
C TYR A 322 -30.52 -1.86 3.99
N GLU A 323 -30.73 -2.96 4.69
CA GLU A 323 -31.02 -2.88 6.12
C GLU A 323 -29.90 -2.17 6.85
N ASN A 324 -28.66 -2.55 6.58
CA ASN A 324 -27.54 -1.90 7.26
C ASN A 324 -27.47 -0.42 6.89
N ALA A 325 -27.71 -0.08 5.64
CA ALA A 325 -27.68 1.33 5.23
C ALA A 325 -28.74 2.12 5.96
N LEU A 326 -29.94 1.57 6.07
CA LEU A 326 -31.00 2.28 6.81
C LEU A 326 -30.61 2.45 8.26
N LEU A 327 -30.01 1.43 8.87
CA LEU A 327 -29.57 1.58 10.25
C LEU A 327 -28.55 2.70 10.38
N MET A 328 -27.58 2.77 9.46
CA MET A 328 -26.60 3.85 9.55
C MET A 328 -27.24 5.21 9.39
N GLN A 329 -28.17 5.35 8.45
CA GLN A 329 -28.83 6.65 8.28
C GLN A 329 -29.62 7.02 9.53
N ARG A 330 -30.31 6.05 10.12
CA ARG A 330 -31.05 6.33 11.35
C ARG A 330 -30.10 6.76 12.46
N ASP A 331 -28.96 6.07 12.59
CA ASP A 331 -28.01 6.44 13.62
C ASP A 331 -27.50 7.85 13.42
N ARG A 332 -27.17 8.21 12.18
CA ARG A 332 -26.63 9.53 11.91
C ARG A 332 -27.67 10.63 11.97
N LEU A 333 -28.96 10.29 11.92
CA LEU A 333 -30.01 11.29 11.99
C LEU A 333 -30.65 11.41 13.37
N LYS A 334 -30.53 10.38 14.21
CA LYS A 334 -31.26 10.38 15.47
C LYS A 334 -31.02 11.66 16.26
N ILE A 335 -29.80 12.16 16.28
CA ILE A 335 -29.48 13.31 17.11
C ILE A 335 -30.30 14.53 16.73
N SER A 336 -30.91 14.51 15.55
CA SER A 336 -31.74 15.64 15.13
C SER A 336 -32.92 15.84 16.05
N GLY A 337 -33.52 14.75 16.54
CA GLY A 337 -34.66 14.90 17.44
C GLY A 337 -34.28 15.67 18.69
N TRP A 338 -33.19 15.27 19.34
CA TRP A 338 -32.75 15.97 20.53
C TRP A 338 -32.36 17.40 20.21
N LEU A 339 -31.64 17.61 19.12
CA LEU A 339 -31.23 18.97 18.77
C LEU A 339 -32.43 19.82 18.38
N LEU A 340 -33.56 19.21 18.09
CA LEU A 340 -34.80 19.95 17.91
C LEU A 340 -35.48 20.24 19.23
N SER A 341 -35.41 19.31 20.18
CA SER A 341 -36.05 19.53 21.47
C SER A 341 -35.51 20.77 22.18
N ASN A 342 -34.31 21.23 21.81
CA ASN A 342 -33.68 22.37 22.48
C ASN A 342 -33.61 23.60 21.59
N THR A 343 -34.30 23.61 20.46
CA THR A 343 -34.27 24.75 19.54
C THR A 343 -35.56 25.54 19.67
N ASN A 344 -35.43 26.84 19.90
CA ASN A 344 -36.61 27.68 20.01
C ASN A 344 -37.28 27.81 18.65
N ASP A 345 -38.55 28.22 18.68
CA ASP A 345 -39.33 28.31 17.43
C ASP A 345 -38.59 29.15 16.40
N GLU A 346 -37.89 30.19 16.84
CA GLU A 346 -36.96 30.91 15.99
C GLU A 346 -35.68 31.17 16.77
N SER A 347 -34.68 31.65 16.04
CA SER A 347 -33.42 32.04 16.64
C SER A 347 -32.84 33.18 15.83
N ASP A 348 -31.86 33.86 16.41
CA ASP A 348 -31.19 34.97 15.75
C ASP A 348 -29.97 34.45 15.01
N CYS A 349 -29.85 34.81 13.74
CA CYS A 349 -28.75 34.31 12.94
C CYS A 349 -27.42 34.73 13.55
N PRO A 350 -26.46 33.83 13.70
CA PRO A 350 -25.17 34.22 14.29
C PRO A 350 -24.48 35.34 13.53
N MET A 351 -24.56 35.36 12.20
CA MET A 351 -23.74 36.25 11.41
C MET A 351 -24.53 37.32 10.66
N CYS A 352 -25.85 37.37 10.82
CA CYS A 352 -26.62 38.44 10.20
C CYS A 352 -27.73 38.99 11.09
N GLY A 353 -27.81 38.56 12.35
CA GLY A 353 -28.75 39.18 13.27
C GLY A 353 -30.19 39.13 12.81
N SER A 354 -30.60 38.02 12.19
CA SER A 354 -31.97 37.86 11.72
C SER A 354 -32.68 36.82 12.56
N HIS A 355 -33.84 37.18 13.09
CA HIS A 355 -34.61 36.29 13.96
C HIS A 355 -35.50 35.43 13.07
N THR A 356 -34.94 34.33 12.58
CA THR A 356 -35.58 33.50 11.57
C THR A 356 -35.60 32.05 12.03
N ASP A 357 -36.48 31.27 11.41
CA ASP A 357 -36.63 29.85 11.73
C ASP A 357 -35.83 28.95 10.82
N SER A 358 -34.92 29.51 10.01
CA SER A 358 -34.15 28.69 9.09
C SER A 358 -33.54 27.50 9.80
N ALA A 359 -32.91 27.73 10.95
CA ALA A 359 -32.42 26.61 11.73
C ALA A 359 -33.55 25.69 12.14
N LYS A 360 -34.66 26.26 12.59
CA LYS A 360 -35.77 25.42 13.04
C LYS A 360 -36.38 24.65 11.87
N GLN A 361 -36.55 25.29 10.72
CA GLN A 361 -37.12 24.58 9.58
C GLN A 361 -36.19 23.47 9.11
N LYS A 362 -34.87 23.70 9.15
CA LYS A 362 -33.95 22.67 8.73
C LYS A 362 -33.91 21.51 9.72
N LEU A 363 -33.99 21.81 11.02
CA LEU A 363 -34.15 20.73 11.99
C LEU A 363 -35.43 19.95 11.74
N GLN A 364 -36.51 20.64 11.36
CA GLN A 364 -37.75 19.95 11.05
C GLN A 364 -37.59 19.05 9.84
N ALA A 365 -36.89 19.52 8.80
CA ALA A 365 -36.65 18.68 7.63
C ALA A 365 -35.84 17.45 8.01
N LEU A 366 -34.80 17.61 8.82
CA LEU A 366 -34.01 16.47 9.23
C LEU A 366 -34.84 15.50 10.06
N VAL A 367 -35.72 16.01 10.91
CA VAL A 367 -36.58 15.13 11.69
C VAL A 367 -37.55 14.40 10.77
N GLN A 368 -38.01 15.06 9.71
CA GLN A 368 -38.85 14.39 8.73
C GLN A 368 -38.12 13.25 8.07
N ARG A 369 -36.86 13.47 7.69
CA ARG A 369 -36.07 12.40 7.09
C ARG A 369 -35.83 11.27 8.07
N LEU A 370 -35.60 11.61 9.35
CA LEU A 370 -35.45 10.56 10.35
C LEU A 370 -36.73 9.75 10.48
N SER A 371 -37.88 10.42 10.40
CA SER A 371 -39.15 9.70 10.44
C SER A 371 -39.28 8.76 9.24
N ASP A 372 -38.90 9.23 8.07
CA ASP A 372 -38.94 8.37 6.88
C ASP A 372 -38.08 7.14 7.07
N VAL A 373 -36.85 7.33 7.57
CA VAL A 373 -35.95 6.20 7.74
C VAL A 373 -36.49 5.26 8.80
N GLU A 374 -37.07 5.79 9.87
CA GLU A 374 -37.65 4.94 10.90
C GLU A 374 -38.80 4.12 10.34
N ALA A 375 -39.65 4.73 9.52
CA ALA A 375 -40.71 3.96 8.88
C ALA A 375 -40.12 2.86 8.00
N ALA A 376 -39.07 3.17 7.25
CA ALA A 376 -38.46 2.17 6.39
C ALA A 376 -37.90 1.01 7.21
N VAL A 377 -37.27 1.30 8.34
CA VAL A 377 -36.65 0.25 9.14
C VAL A 377 -37.70 -0.72 9.65
N GLY A 378 -38.82 -0.19 10.14
CA GLY A 378 -39.84 -1.03 10.75
C GLY A 378 -40.99 -1.34 9.82
N ALA A 379 -40.75 -1.31 8.51
CA ALA A 379 -41.80 -1.56 7.55
C ALA A 379 -42.39 -2.95 7.68
N ASP A 380 -41.62 -3.93 8.13
CA ASP A 380 -42.02 -5.33 8.20
C ASP A 380 -41.67 -5.94 9.54
N ALA A 381 -42.03 -5.24 10.62
CA ALA A 381 -41.68 -5.73 11.96
C ALA A 381 -42.06 -7.19 12.12
N HIS A 382 -43.23 -7.56 11.64
CA HIS A 382 -43.57 -8.97 11.44
C HIS A 382 -42.78 -9.47 10.23
N LYS A 383 -41.82 -10.35 10.47
CA LYS A 383 -40.89 -10.80 9.44
C LYS A 383 -41.62 -11.72 8.47
N GLU A 384 -42.50 -11.13 7.66
CA GLU A 384 -43.18 -11.87 6.61
C GLU A 384 -42.40 -11.92 5.32
N VAL A 385 -41.79 -10.80 4.92
CA VAL A 385 -40.99 -10.80 3.68
C VAL A 385 -39.85 -11.79 3.78
N PRO A 386 -39.07 -11.85 4.87
CA PRO A 386 -38.04 -12.90 4.95
C PRO A 386 -38.60 -14.30 4.79
N ALA A 387 -39.76 -14.59 5.38
CA ALA A 387 -40.33 -15.92 5.27
C ALA A 387 -40.75 -16.21 3.83
N ALA A 388 -41.39 -15.25 3.16
CA ALA A 388 -41.76 -15.43 1.77
C ALA A 388 -40.53 -15.65 0.91
N PHE A 389 -39.48 -14.86 1.14
CA PHE A 389 -38.24 -15.01 0.39
C PHE A 389 -37.66 -16.40 0.58
N ASP A 390 -37.62 -16.87 1.82
CA ASP A 390 -37.05 -18.20 2.07
C ASP A 390 -37.88 -19.28 1.40
N ARG A 391 -39.21 -19.17 1.48
CA ARG A 391 -40.05 -20.16 0.84
C ARG A 391 -39.85 -20.18 -0.67
N GLU A 392 -39.74 -18.99 -1.28
CA GLU A 392 -39.50 -18.93 -2.71
C GLU A 392 -38.13 -19.51 -3.07
N LEU A 393 -37.12 -19.26 -2.23
CA LEU A 393 -35.82 -19.86 -2.46
C LEU A 393 -35.90 -21.36 -2.41
N GLN A 394 -36.63 -21.91 -1.45
CA GLN A 394 -36.81 -23.36 -1.40
C GLN A 394 -37.52 -23.86 -2.64
N ARG A 395 -38.52 -23.12 -3.11
CA ARG A 395 -39.22 -23.49 -4.34
C ARG A 395 -38.23 -23.61 -5.49
N VAL A 396 -37.41 -22.58 -5.69
CA VAL A 396 -36.48 -22.60 -6.81
C VAL A 396 -35.47 -23.73 -6.65
N THR A 397 -34.99 -23.95 -5.42
CA THR A 397 -34.01 -25.00 -5.21
C THR A 397 -34.57 -26.37 -5.55
N THR A 398 -35.76 -26.68 -5.05
CA THR A 398 -36.34 -27.98 -5.37
C THR A 398 -36.68 -28.09 -6.84
N GLU A 399 -37.10 -26.99 -7.47
CA GLU A 399 -37.40 -27.04 -8.89
C GLU A 399 -36.14 -27.33 -9.70
N VAL A 400 -35.02 -26.70 -9.34
CA VAL A 400 -33.76 -26.99 -9.99
C VAL A 400 -33.37 -28.44 -9.76
N ALA A 401 -33.61 -28.95 -8.55
CA ALA A 401 -33.30 -30.34 -8.28
C ALA A 401 -34.08 -31.26 -9.22
N ASN A 402 -35.37 -30.99 -9.38
CA ASN A 402 -36.18 -31.81 -10.28
C ASN A 402 -35.68 -31.70 -11.72
N ALA A 403 -35.35 -30.48 -12.16
CA ALA A 403 -34.87 -30.30 -13.52
C ALA A 403 -33.57 -31.06 -13.75
N THR A 404 -32.65 -31.00 -12.79
CA THR A 404 -31.38 -31.71 -12.95
C THR A 404 -31.60 -33.22 -12.96
N GLU A 405 -32.51 -33.71 -12.12
CA GLU A 405 -32.81 -35.14 -12.16
C GLU A 405 -33.37 -35.52 -13.52
N ARG A 406 -34.25 -34.70 -14.07
CA ARG A 406 -34.80 -34.99 -15.40
C ARG A 406 -33.70 -35.01 -16.45
N LEU A 407 -32.79 -34.04 -16.38
CA LEU A 407 -31.68 -34.00 -17.34
C LEU A 407 -30.80 -35.23 -17.20
N ARG A 408 -30.52 -35.64 -15.98
CA ARG A 408 -29.71 -36.84 -15.77
C ARG A 408 -30.40 -38.06 -16.35
N ALA A 409 -31.72 -38.17 -16.17
CA ALA A 409 -32.45 -39.29 -16.76
C ALA A 409 -32.37 -39.26 -18.28
N ILE A 410 -32.53 -38.07 -18.87
CA ILE A 410 -32.47 -37.96 -20.32
C ILE A 410 -31.10 -38.41 -20.82
N GLN A 411 -30.04 -37.96 -20.16
CA GLN A 411 -28.70 -38.31 -20.62
C GLN A 411 -28.43 -39.80 -20.41
N SER A 412 -28.96 -40.39 -19.35
CA SER A 412 -28.83 -41.83 -19.17
C SER A 412 -29.51 -42.58 -20.31
N ARG A 413 -30.72 -42.16 -20.66
CA ARG A 413 -31.41 -42.80 -21.78
C ARG A 413 -30.60 -42.65 -23.06
N LYS A 414 -30.07 -41.46 -23.30
CA LYS A 414 -29.30 -41.22 -24.52
C LYS A 414 -28.07 -42.10 -24.57
N ARG A 415 -27.35 -42.21 -23.45
CA ARG A 415 -26.14 -43.03 -23.44
C ARG A 415 -26.47 -44.49 -23.64
N THR A 416 -27.55 -44.97 -23.01
CA THR A 416 -27.96 -46.36 -23.22
C THR A 416 -28.30 -46.60 -24.69
N LEU A 417 -29.05 -45.67 -25.30
CA LEU A 417 -29.38 -45.80 -26.71
C LEU A 417 -28.13 -45.87 -27.56
N THR A 418 -27.19 -44.95 -27.35
CA THR A 418 -25.97 -44.95 -28.16
C THR A 418 -25.15 -46.20 -27.94
N SER A 419 -25.03 -46.65 -26.69
CA SER A 419 -24.26 -47.86 -26.42
C SER A 419 -24.86 -49.07 -27.10
N ARG A 420 -26.19 -49.21 -27.04
CA ARG A 420 -26.83 -50.37 -27.64
C ARG A 420 -26.69 -50.36 -29.15
N SER A 421 -27.21 -49.32 -29.80
CA SER A 421 -27.11 -49.21 -31.25
C SER A 421 -25.70 -48.81 -31.65
N LYS A 422 -25.44 -48.90 -32.96
CA LYS A 422 -24.17 -48.48 -33.53
C LYS A 422 -24.30 -47.32 -34.50
N GLU A 423 -25.37 -47.27 -35.31
CA GLU A 423 -25.57 -46.12 -36.17
C GLU A 423 -25.75 -44.85 -35.35
N ALA A 424 -26.51 -44.94 -34.25
CA ALA A 424 -26.63 -43.80 -33.35
C ALA A 424 -25.28 -43.44 -32.74
N ARG A 425 -24.48 -44.44 -32.39
CA ARG A 425 -23.15 -44.16 -31.86
C ARG A 425 -22.31 -43.40 -32.87
N GLU A 426 -22.34 -43.83 -34.14
CA GLU A 426 -21.60 -43.12 -35.17
C GLU A 426 -22.11 -41.70 -35.33
N GLN A 427 -23.43 -41.51 -35.29
CA GLN A 427 -23.99 -40.18 -35.44
C GLN A 427 -23.54 -39.27 -34.30
N GLN A 428 -23.56 -39.78 -33.08
CA GLN A 428 -23.11 -38.97 -31.95
C GLN A 428 -21.62 -38.67 -32.05
N PHE A 429 -20.82 -39.63 -32.50
CA PHE A 429 -19.40 -39.35 -32.69
C PHE A 429 -19.20 -38.24 -33.72
N SER A 430 -19.93 -38.29 -34.82
CA SER A 430 -19.77 -37.27 -35.86
C SER A 430 -20.19 -35.90 -35.35
N THR A 431 -21.34 -35.83 -34.66
CA THR A 431 -21.78 -34.53 -34.16
C THR A 431 -20.83 -34.01 -33.07
N ARG A 432 -20.27 -34.90 -32.26
CA ARG A 432 -19.26 -34.49 -31.30
C ARG A 432 -18.06 -33.90 -32.02
N ARG A 433 -17.60 -34.55 -33.08
CA ARG A 433 -16.49 -34.00 -33.86
C ARG A 433 -16.84 -32.60 -34.35
N ALA A 434 -18.03 -32.43 -34.90
CA ALA A 434 -18.41 -31.15 -35.47
C ALA A 434 -18.44 -30.07 -34.38
N GLU A 435 -19.05 -30.38 -33.24
CA GLU A 435 -19.12 -29.39 -32.17
C GLU A 435 -17.75 -29.06 -31.62
N ARG A 436 -16.89 -30.06 -31.44
CA ARG A 436 -15.55 -29.80 -30.95
C ARG A 436 -14.79 -28.90 -31.91
N PHE A 437 -14.89 -29.18 -33.21
CA PHE A 437 -14.22 -28.34 -34.19
C PHE A 437 -14.75 -26.92 -34.13
N ILE A 438 -16.07 -26.77 -34.01
CA ILE A 438 -16.66 -25.43 -33.97
C ILE A 438 -16.16 -24.68 -32.74
N GLY A 439 -16.08 -25.36 -31.61
CA GLY A 439 -15.58 -24.72 -30.41
C GLY A 439 -14.13 -24.30 -30.54
N ASN A 440 -13.31 -25.15 -31.16
CA ASN A 440 -11.92 -24.77 -31.39
C ASN A 440 -11.85 -23.52 -32.26
N VAL A 441 -12.66 -23.47 -33.31
CA VAL A 441 -12.68 -22.28 -34.16
C VAL A 441 -13.13 -21.08 -33.34
N GLU A 442 -14.09 -21.28 -32.45
CA GLU A 442 -14.59 -20.16 -31.65
C GLU A 442 -13.49 -19.59 -30.78
N SER A 443 -12.77 -20.44 -30.06
CA SER A 443 -11.70 -19.95 -29.20
C SER A 443 -10.60 -19.29 -30.01
N ALA A 444 -10.21 -19.91 -31.13
CA ALA A 444 -9.15 -19.34 -31.93
C ALA A 444 -9.55 -17.97 -32.49
N LEU A 445 -10.79 -17.85 -32.97
CA LEU A 445 -11.24 -16.57 -33.51
C LEU A 445 -11.37 -15.53 -32.41
N GLU A 446 -11.79 -15.95 -31.22
CA GLU A 446 -11.83 -15.02 -30.09
C GLU A 446 -10.44 -14.47 -29.80
N LEU A 447 -9.43 -15.34 -29.78
CA LEU A 447 -8.07 -14.87 -29.55
C LEU A 447 -7.62 -13.94 -30.68
N HIS A 448 -7.90 -14.32 -31.92
CA HIS A 448 -7.49 -13.50 -33.06
C HIS A 448 -8.10 -12.11 -32.96
N ARG A 449 -9.37 -12.02 -32.58
CA ARG A 449 -9.99 -10.73 -32.35
C ARG A 449 -9.34 -10.00 -31.18
N LYS A 450 -9.00 -10.72 -30.11
CA LYS A 450 -8.29 -10.13 -29.00
C LYS A 450 -6.97 -9.50 -29.42
N LEU A 451 -6.34 -10.01 -30.48
CA LEU A 451 -5.09 -9.46 -30.99
C LEU A 451 -5.35 -8.61 -32.23
N GLY A 452 -6.44 -7.86 -32.21
CA GLY A 452 -6.78 -7.02 -33.34
C GLY A 452 -5.84 -5.84 -33.47
N SER A 453 -5.98 -5.14 -34.59
CA SER A 453 -5.13 -3.99 -34.88
C SER A 453 -5.27 -2.87 -33.84
N ASP A 454 -6.37 -2.85 -33.08
CA ASP A 454 -6.55 -1.83 -32.06
C ASP A 454 -7.00 -2.45 -30.74
N SER A 455 -6.82 -3.75 -30.57
CA SER A 455 -7.28 -4.41 -29.35
C SER A 455 -6.55 -3.86 -28.14
N GLU A 456 -7.00 -4.27 -26.96
CA GLU A 456 -6.44 -3.73 -25.73
C GLU A 456 -4.95 -4.00 -25.61
N LEU A 457 -4.53 -5.21 -25.95
CA LEU A 457 -3.16 -5.62 -25.67
C LEU A 457 -2.17 -4.84 -26.54
N VAL A 458 -2.45 -4.74 -27.83
CA VAL A 458 -1.53 -4.05 -28.73
C VAL A 458 -1.38 -2.60 -28.31
N GLU A 459 -2.50 -1.93 -28.04
CA GLU A 459 -2.44 -0.53 -27.65
C GLU A 459 -1.71 -0.36 -26.33
N GLU A 460 -1.96 -1.26 -25.37
CA GLU A 460 -1.30 -1.16 -24.08
C GLU A 460 0.20 -1.28 -24.24
N VAL A 461 0.66 -2.27 -25.02
CA VAL A 461 2.10 -2.45 -25.21
C VAL A 461 2.69 -1.25 -25.94
N ARG A 462 1.98 -0.74 -26.95
CA ARG A 462 2.49 0.43 -27.67
C ARG A 462 2.66 1.62 -26.74
N LYS A 463 1.64 1.90 -25.93
CA LYS A 463 1.71 3.08 -25.06
C LYS A 463 2.75 2.89 -23.97
N LEU A 464 2.93 1.66 -23.46
CA LEU A 464 3.98 1.44 -22.49
C LEU A 464 5.36 1.62 -23.12
N LYS A 465 5.54 1.17 -24.35
CA LYS A 465 6.80 1.44 -25.05
C LYS A 465 7.04 2.94 -25.15
N GLU A 466 6.01 3.69 -25.54
CA GLU A 466 6.15 5.14 -25.63
C GLU A 466 6.50 5.75 -24.28
N MET A 467 5.86 5.26 -23.22
CA MET A 467 6.13 5.79 -21.89
C MET A 467 7.57 5.53 -21.48
N VAL A 468 8.08 4.32 -21.74
CA VAL A 468 9.46 4.01 -21.37
C VAL A 468 10.40 4.90 -22.17
N GLN A 469 10.15 5.06 -23.47
CA GLN A 469 11.02 5.90 -24.27
C GLN A 469 11.02 7.34 -23.76
N THR A 470 9.83 7.86 -23.42
CA THR A 470 9.74 9.23 -22.94
C THR A 470 10.48 9.41 -21.62
N LEU A 471 10.33 8.45 -20.70
CA LEU A 471 11.05 8.55 -19.43
C LEU A 471 12.56 8.49 -19.63
N GLU A 472 13.02 7.60 -20.52
CA GLU A 472 14.44 7.56 -20.81
C GLU A 472 14.93 8.90 -21.35
N LYS A 473 14.19 9.45 -22.31
CA LYS A 473 14.57 10.76 -22.86
C LYS A 473 14.63 11.81 -21.75
N GLU A 474 13.60 11.85 -20.91
CA GLU A 474 13.55 12.81 -19.82
C GLU A 474 14.78 12.69 -18.94
N LEU A 475 15.14 11.48 -18.55
CA LEU A 475 16.34 11.30 -17.73
C LEU A 475 17.58 11.74 -18.50
N ARG A 476 17.59 11.58 -19.81
CA ARG A 476 18.78 11.89 -20.58
C ARG A 476 18.98 13.37 -20.85
N GLU A 477 17.93 14.21 -20.85
CA GLU A 477 18.21 15.64 -20.94
C GLU A 477 19.01 16.13 -19.74
N LYS A 478 18.71 15.62 -18.55
CA LYS A 478 19.38 16.03 -17.32
C LYS A 478 20.38 14.95 -16.94
N ASP A 479 21.66 15.21 -17.20
CA ASP A 479 22.72 14.25 -16.92
C ASP A 479 23.31 14.51 -15.54
N VAL A 480 23.48 13.43 -14.77
CA VAL A 480 24.02 13.57 -13.42
C VAL A 480 25.45 14.08 -13.47
N GLU A 481 26.28 13.50 -14.35
CA GLU A 481 27.70 13.82 -14.32
C GLU A 481 27.97 15.25 -14.74
N LEU A 482 27.26 15.75 -15.73
CA LEU A 482 27.44 17.14 -16.13
C LEU A 482 27.09 18.07 -14.98
N ARG A 483 25.98 17.80 -14.30
CA ARG A 483 25.58 18.63 -13.16
C ARG A 483 26.65 18.62 -12.08
N LYS A 484 27.13 17.42 -11.73
CA LYS A 484 28.15 17.34 -10.70
C LYS A 484 29.42 18.09 -11.10
N ASN A 485 29.82 17.95 -12.36
CA ASN A 485 31.03 18.64 -12.81
C ASN A 485 30.85 20.15 -12.74
N GLN A 486 29.69 20.65 -13.16
CA GLN A 486 29.47 22.10 -13.10
C GLN A 486 29.45 22.59 -11.65
N ALA A 487 28.79 21.84 -10.76
CA ALA A 487 28.75 22.21 -9.36
C ALA A 487 30.15 22.26 -8.78
N LEU A 488 30.98 21.25 -9.08
CA LEU A 488 32.33 21.26 -8.55
C LEU A 488 33.17 22.36 -9.17
N ARG A 489 32.92 22.70 -10.44
CA ARG A 489 33.63 23.82 -11.04
C ARG A 489 33.36 25.10 -10.26
N VAL A 490 32.08 25.41 -10.03
CA VAL A 490 31.78 26.64 -9.32
C VAL A 490 32.29 26.58 -7.88
N ILE A 491 32.20 25.41 -7.25
CA ILE A 491 32.65 25.29 -5.87
C ILE A 491 34.15 25.56 -5.79
N ASN A 492 34.92 24.96 -6.69
CA ASN A 492 36.36 25.16 -6.67
C ASN A 492 36.71 26.60 -7.00
N ALA A 493 36.00 27.21 -7.96
CA ALA A 493 36.28 28.61 -8.29
C ALA A 493 36.06 29.51 -7.09
N GLN A 494 34.91 29.37 -6.43
CA GLN A 494 34.64 30.21 -5.26
C GLN A 494 35.60 29.91 -4.13
N ALA A 495 35.96 28.64 -3.93
CA ALA A 495 36.91 28.30 -2.89
C ALA A 495 38.26 28.95 -3.14
N GLY A 496 38.72 28.92 -4.39
CA GLY A 496 39.97 29.59 -4.71
C GLY A 496 39.89 31.09 -4.50
N ASN A 497 38.76 31.69 -4.90
CA ASN A 497 38.59 33.12 -4.70
C ASN A 497 38.64 33.46 -3.21
N ILE A 498 38.02 32.62 -2.38
CA ILE A 498 38.06 32.84 -0.94
C ILE A 498 39.48 32.66 -0.42
N LEU A 499 40.19 31.67 -0.94
CA LEU A 499 41.50 31.32 -0.42
C LEU A 499 42.54 32.38 -0.76
N GLN A 500 42.44 33.00 -1.94
CA GLN A 500 43.47 33.93 -2.36
C GLN A 500 43.63 35.06 -1.34
N GLY A 501 42.52 35.61 -0.86
CA GLY A 501 42.60 36.60 0.20
C GLY A 501 43.14 36.01 1.49
N LEU A 502 42.75 34.78 1.79
CA LEU A 502 43.24 34.10 2.97
C LEU A 502 44.72 33.75 2.81
N ASP A 503 45.39 33.54 3.94
CA ASP A 503 46.84 33.34 3.95
C ASP A 503 47.16 31.86 3.76
N VAL A 504 47.79 31.54 2.64
CA VAL A 504 48.25 30.19 2.34
C VAL A 504 49.64 30.31 1.73
N GLU A 505 50.39 29.21 1.77
CA GLU A 505 51.79 29.26 1.34
C GLU A 505 51.92 29.83 -0.07
N ASP A 506 50.98 29.50 -0.95
CA ASP A 506 50.92 30.09 -2.29
C ASP A 506 49.47 30.35 -2.63
N PRO A 507 49.05 31.62 -2.78
CA PRO A 507 47.62 31.90 -2.94
C PRO A 507 47.10 31.73 -4.36
N SER A 508 47.87 31.06 -5.21
CA SER A 508 47.50 30.89 -6.62
C SER A 508 47.55 29.43 -7.02
N ALA A 509 47.04 28.55 -6.17
CA ALA A 509 46.99 27.12 -6.48
C ALA A 509 45.54 26.69 -6.67
N PRO A 510 45.12 26.35 -7.88
CA PRO A 510 43.75 25.84 -8.05
C PRO A 510 43.57 24.54 -7.26
N ILE A 511 42.35 24.34 -6.77
CA ILE A 511 42.03 23.22 -5.90
C ILE A 511 40.83 22.47 -6.47
N SER A 512 40.73 21.20 -6.09
CA SER A 512 39.63 20.35 -6.54
C SER A 512 39.13 19.53 -5.36
N LEU A 513 37.83 19.55 -5.12
CA LEU A 513 37.23 18.76 -4.05
C LEU A 513 36.96 17.36 -4.59
N GLU A 514 37.71 16.38 -4.10
CA GLU A 514 37.52 14.98 -4.47
C GLU A 514 36.44 14.41 -3.56
N ILE A 515 35.28 14.13 -4.14
CA ILE A 515 34.14 13.64 -3.37
C ILE A 515 34.40 12.23 -2.87
N ASN A 516 34.86 11.34 -3.75
CA ASN A 516 35.12 9.97 -3.33
C ASN A 516 36.18 9.94 -2.23
N ASP A 517 37.24 10.70 -2.40
CA ASP A 517 38.26 10.83 -1.35
C ASP A 517 37.76 11.66 -0.18
N LEU A 518 36.73 12.48 -0.38
CA LEU A 518 36.24 13.38 0.65
C LEU A 518 37.35 14.31 1.13
N THR A 519 38.09 14.90 0.21
CA THR A 519 39.20 15.73 0.59
C THR A 519 39.55 16.71 -0.53
N ILE A 520 40.18 17.81 -0.14
CA ILE A 520 40.65 18.80 -1.11
C ILE A 520 41.94 18.29 -1.74
N LYS A 521 42.21 18.75 -2.95
CA LYS A 521 43.41 18.42 -3.70
C LYS A 521 43.98 19.71 -4.26
N VAL A 522 45.15 20.10 -3.78
CA VAL A 522 45.82 21.30 -4.28
C VAL A 522 46.55 20.94 -5.56
N LEU A 523 46.11 21.52 -6.67
CA LEU A 523 46.67 21.24 -7.98
C LEU A 523 47.82 22.22 -8.22
N GLY A 524 48.92 21.99 -7.52
CA GLY A 524 50.09 22.83 -7.65
C GLY A 524 50.86 22.56 -8.93
N ASP A 525 51.60 23.59 -9.36
CA ASP A 525 52.42 23.46 -10.56
C ASP A 525 53.48 22.38 -10.42
N GLU A 526 53.88 22.07 -9.19
CA GLU A 526 54.89 21.05 -8.94
C GLU A 526 54.27 19.68 -8.71
N ARG A 527 53.20 19.59 -7.92
CA ARG A 527 52.58 18.32 -7.61
C ARG A 527 51.12 18.55 -7.25
N ASP A 528 50.23 17.84 -7.93
CA ASP A 528 48.83 17.78 -7.54
C ASP A 528 48.75 16.88 -6.31
N ASP A 529 48.62 17.48 -5.14
CA ASP A 529 48.83 16.79 -3.87
C ASP A 529 47.67 17.04 -2.92
N TYR A 530 47.44 16.07 -2.04
CA TYR A 530 46.35 16.17 -1.07
C TYR A 530 46.71 17.15 0.03
N LEU A 531 45.69 17.61 0.75
CA LEU A 531 45.92 18.40 1.94
C LEU A 531 46.65 17.60 3.00
N SER A 532 46.49 16.27 2.99
CA SER A 532 47.05 15.45 4.05
C SER A 532 48.57 15.56 4.14
N GLU A 533 49.25 15.83 3.02
CA GLU A 533 50.71 15.80 3.03
C GLU A 533 51.33 17.15 3.37
N ILE A 534 50.75 18.26 2.92
CA ILE A 534 51.29 19.57 3.25
C ILE A 534 51.23 19.74 4.77
N GLY A 535 52.39 19.87 5.40
CA GLY A 535 52.46 20.00 6.84
C GLY A 535 52.49 21.43 7.32
N SER A 536 51.32 21.95 7.72
CA SER A 536 51.23 23.26 8.32
C SER A 536 49.84 23.51 8.89
N GLY A 537 49.76 23.89 10.17
CA GLY A 537 48.46 24.18 10.75
C GLY A 537 47.74 25.30 10.03
N SER A 538 48.48 26.37 9.70
CA SER A 538 47.87 27.51 9.03
C SER A 538 47.23 27.08 7.72
N ASN A 539 47.94 26.30 6.91
CA ASN A 539 47.42 25.91 5.61
C ASN A 539 46.24 24.95 5.75
N TRP A 540 46.30 24.01 6.70
CA TRP A 540 45.17 23.13 6.94
C TRP A 540 43.92 23.94 7.27
N LEU A 541 44.05 24.86 8.22
CA LEU A 541 42.90 25.68 8.61
C LEU A 541 42.40 26.51 7.44
N SER A 542 43.32 27.09 6.67
CA SER A 542 42.92 27.92 5.55
C SER A 542 42.12 27.12 4.54
N TYR A 543 42.58 25.91 4.24
CA TYR A 543 41.86 25.09 3.26
C TYR A 543 40.51 24.65 3.79
N HIS A 544 40.44 24.23 5.06
CA HIS A 544 39.15 23.92 5.64
C HIS A 544 38.19 25.08 5.47
N LEU A 545 38.61 26.27 5.89
CA LEU A 545 37.72 27.42 5.83
C LEU A 545 37.32 27.71 4.40
N ALA A 546 38.28 27.72 3.48
CA ALA A 546 37.96 28.06 2.10
C ALA A 546 36.95 27.08 1.52
N ILE A 547 37.19 25.79 1.70
CA ILE A 547 36.30 24.81 1.08
C ILE A 547 34.92 24.86 1.71
N LEU A 548 34.84 24.94 3.04
CA LEU A 548 33.52 24.97 3.67
C LEU A 548 32.76 26.23 3.30
N LEU A 549 33.42 27.38 3.33
CA LEU A 549 32.72 28.61 2.99
C LEU A 549 32.25 28.59 1.54
N SER A 550 33.08 28.06 0.63
CA SER A 550 32.65 27.96 -0.76
C SER A 550 31.47 27.00 -0.89
N LEU A 551 31.52 25.88 -0.16
CA LEU A 551 30.39 24.96 -0.16
C LEU A 551 29.11 25.67 0.22
N HIS A 552 29.13 26.41 1.33
CA HIS A 552 27.90 27.02 1.82
C HIS A 552 27.47 28.18 0.95
N GLN A 553 28.41 28.94 0.39
CA GLN A 553 28.03 29.95 -0.58
C GLN A 553 27.31 29.32 -1.76
N PHE A 554 27.84 28.21 -2.27
CA PHE A 554 27.17 27.52 -3.37
C PHE A 554 25.79 27.05 -2.95
N TYR A 555 25.69 26.44 -1.77
CA TYR A 555 24.40 25.97 -1.29
C TYR A 555 23.37 27.09 -1.31
N LEU A 556 23.70 28.21 -0.69
CA LEU A 556 22.78 29.34 -0.65
C LEU A 556 22.57 29.95 -2.03
N SER A 557 23.45 29.67 -2.99
CA SER A 557 23.21 30.10 -4.35
C SER A 557 22.20 29.23 -5.07
N GLN A 558 21.91 28.04 -4.55
CA GLN A 558 20.98 27.13 -5.18
C GLN A 558 19.58 27.36 -4.62
N LYS A 559 18.63 26.50 -4.98
CA LYS A 559 17.29 26.55 -4.44
C LYS A 559 16.85 25.14 -4.11
N ASN A 560 15.97 25.02 -3.12
CA ASN A 560 15.49 23.73 -2.65
C ASN A 560 16.67 22.85 -2.21
N ASN A 561 17.62 23.48 -1.54
CA ASN A 561 18.78 22.78 -1.05
C ASN A 561 18.55 22.30 0.38
N PRO A 562 19.02 21.11 0.76
CA PRO A 562 18.64 20.55 2.06
C PRO A 562 19.60 20.84 3.20
N VAL A 563 20.66 21.61 2.99
CA VAL A 563 21.67 21.82 4.03
C VAL A 563 21.33 23.05 4.85
N PRO A 564 21.50 23.01 6.18
CA PRO A 564 21.24 24.20 6.98
C PRO A 564 22.13 25.36 6.56
N SER A 565 21.62 26.56 6.76
CA SER A 565 22.37 27.78 6.46
C SER A 565 23.16 28.28 7.67
N PHE A 566 23.94 27.39 8.28
CA PHE A 566 24.75 27.77 9.41
C PHE A 566 25.94 26.84 9.53
N LEU A 567 27.02 27.34 10.12
CA LEU A 567 28.27 26.61 10.23
C LEU A 567 28.92 26.87 11.58
N ILE A 568 29.28 25.80 12.28
CA ILE A 568 29.93 25.88 13.58
C ILE A 568 31.41 25.66 13.35
N LEU A 569 32.22 26.68 13.64
CA LEU A 569 33.67 26.59 13.51
C LEU A 569 34.24 26.55 14.92
N ASP A 570 34.64 25.36 15.34
CA ASP A 570 35.11 25.16 16.70
C ASP A 570 36.62 25.35 16.77
N GLN A 571 37.05 26.38 17.49
CA GLN A 571 38.47 26.63 17.68
C GLN A 571 39.18 26.82 16.35
N PRO A 572 38.84 27.85 15.58
CA PRO A 572 39.60 28.16 14.36
C PRO A 572 40.90 28.89 14.61
N SER A 573 41.39 28.95 15.86
CA SER A 573 42.64 29.62 16.17
C SER A 573 43.62 28.72 16.91
N GLN A 574 43.23 27.48 17.21
CA GLN A 574 44.13 26.57 17.92
C GLN A 574 45.44 26.37 17.17
N VAL A 575 45.43 26.52 15.83
CA VAL A 575 46.66 26.35 15.07
C VAL A 575 47.73 27.31 15.55
N TYR A 576 47.38 28.57 15.76
CA TYR A 576 48.28 29.52 16.38
C TYR A 576 48.15 29.37 17.88
N PHE A 577 48.70 30.29 18.65
CA PHE A 577 48.53 30.26 20.10
C PHE A 577 48.89 28.88 20.63
N PRO A 578 50.19 28.52 20.68
CA PRO A 578 50.66 27.19 21.09
C PRO A 578 49.85 26.57 22.22
N GLU A 597 52.48 39.70 15.86
CA GLU A 597 52.57 38.26 16.08
C GLU A 597 51.78 37.52 15.01
N ASP A 598 51.34 36.31 15.32
CA ASP A 598 50.48 35.55 14.43
C ASP A 598 49.07 36.11 14.36
N VAL A 599 48.68 36.96 15.31
CA VAL A 599 47.31 37.43 15.40
C VAL A 599 46.86 38.07 14.09
N GLU A 600 47.75 38.81 13.42
CA GLU A 600 47.38 39.41 12.15
C GLU A 600 46.80 38.37 11.21
N ALA A 601 47.48 37.23 11.05
CA ALA A 601 46.95 36.17 10.19
C ALA A 601 45.53 35.82 10.59
N VAL A 602 45.28 35.63 11.88
CA VAL A 602 43.93 35.28 12.32
C VAL A 602 42.95 36.32 11.81
N ARG A 603 43.27 37.60 11.99
CA ARG A 603 42.36 38.64 11.52
C ARG A 603 42.00 38.40 10.07
N ARG A 604 43.01 38.15 9.22
CA ARG A 604 42.73 37.83 7.83
C ARG A 604 41.63 36.78 7.75
N ALA A 605 41.86 35.61 8.33
CA ALA A 605 40.83 34.57 8.35
C ALA A 605 39.47 35.19 8.69
N PHE A 606 39.37 35.80 9.87
CA PHE A 606 38.08 36.33 10.28
C PHE A 606 37.55 37.33 9.28
N LYS A 607 38.40 38.24 8.80
CA LYS A 607 37.94 39.19 7.80
C LYS A 607 37.31 38.44 6.64
N ALA A 608 37.99 37.43 6.12
CA ALA A 608 37.41 36.65 5.03
C ALA A 608 36.03 36.15 5.41
N MET A 609 35.93 35.49 6.57
CA MET A 609 34.63 35.01 7.01
C MET A 609 33.61 36.11 6.95
N GLY A 610 33.94 37.27 7.52
CA GLY A 610 33.01 38.38 7.49
C GLY A 610 32.52 38.66 6.09
N ASN A 611 33.46 38.85 5.16
CA ASN A 611 33.05 39.14 3.79
C ASN A 611 32.10 38.06 3.29
N VAL A 612 32.46 36.79 3.51
CA VAL A 612 31.59 35.71 3.05
C VAL A 612 30.19 35.88 3.62
N VAL A 613 30.10 36.11 4.93
CA VAL A 613 28.78 36.23 5.55
C VAL A 613 28.03 37.40 4.94
N ILE A 614 28.75 38.48 4.63
CA ILE A 614 28.09 39.65 4.08
C ILE A 614 27.96 39.54 2.56
N LYS A 615 28.58 38.55 1.94
CA LYS A 615 28.51 38.45 0.49
C LYS A 615 27.13 38.03 0.01
N GLU A 616 26.34 37.34 0.84
CA GLU A 616 25.01 36.89 0.48
C GLU A 616 23.94 37.50 1.38
N LYS A 617 24.04 38.79 1.68
CA LYS A 617 23.02 39.49 2.45
C LYS A 617 22.69 38.77 3.75
N GLY A 618 23.72 38.24 4.41
CA GLY A 618 23.55 37.68 5.73
C GLY A 618 22.61 36.49 5.80
N LYS A 619 22.55 35.69 4.75
CA LYS A 619 21.79 34.45 4.79
C LYS A 619 22.55 33.32 5.46
N LEU A 620 23.82 33.52 5.78
CA LEU A 620 24.66 32.50 6.39
C LEU A 620 25.08 32.95 7.77
N GLN A 621 25.06 32.02 8.72
CA GLN A 621 25.40 32.29 10.10
C GLN A 621 26.57 31.40 10.51
N LEU A 622 27.53 31.98 11.22
CA LEU A 622 28.70 31.25 11.70
C LEU A 622 28.78 31.34 13.22
N ILE A 623 28.84 30.19 13.87
CA ILE A 623 29.00 30.11 15.32
C ILE A 623 30.46 29.72 15.53
N VAL A 624 31.29 30.69 15.91
CA VAL A 624 32.73 30.51 15.97
C VAL A 624 33.12 30.40 17.43
N LEU A 625 33.47 29.19 17.87
CA LEU A 625 34.05 28.99 19.19
C LEU A 625 35.55 29.24 19.07
N ASP A 626 36.06 30.24 19.78
CA ASP A 626 37.40 30.71 19.54
C ASP A 626 38.02 31.24 20.82
N HIS A 627 39.35 31.35 20.82
CA HIS A 627 40.10 31.96 21.90
C HIS A 627 40.72 33.30 21.50
N ALA A 628 40.47 33.78 20.31
CA ALA A 628 41.13 34.99 19.84
C ALA A 628 40.58 36.20 20.60
N PRO A 629 41.42 36.95 21.31
CA PRO A 629 40.93 38.13 22.03
C PRO A 629 40.20 39.08 21.10
N ARG A 630 39.44 39.98 21.73
CA ARG A 630 38.47 40.78 20.99
C ARG A 630 39.11 41.72 19.98
N GLU A 631 40.36 42.12 20.20
CA GLU A 631 40.99 43.07 19.29
C GLU A 631 41.41 42.43 17.98
N VAL A 632 41.46 41.10 17.91
CA VAL A 632 41.77 40.45 16.64
C VAL A 632 40.71 40.79 15.61
N TRP A 633 39.44 40.77 16.01
CA TRP A 633 38.29 40.97 15.12
C TRP A 633 37.43 42.13 15.60
N GLY A 634 38.04 43.09 16.27
CA GLY A 634 37.25 44.11 16.96
C GLY A 634 36.32 44.88 16.04
N GLU A 635 36.82 45.26 14.85
CA GLU A 635 36.10 46.15 13.97
C GLU A 635 36.05 45.64 12.53
N ILE A 636 35.71 44.38 12.35
CA ILE A 636 35.57 43.79 11.03
C ILE A 636 34.10 43.45 10.81
N ASP A 637 33.57 43.91 9.67
CA ASP A 637 32.14 43.79 9.42
C ASP A 637 31.70 42.33 9.47
N GLY A 638 30.47 42.12 9.92
CA GLY A 638 29.88 40.81 9.92
C GLY A 638 30.27 39.93 11.09
N VAL A 639 31.12 40.41 11.98
CA VAL A 639 31.58 39.63 13.14
C VAL A 639 31.02 40.29 14.39
N VAL A 640 30.38 39.47 15.23
CA VAL A 640 29.72 39.94 16.44
C VAL A 640 30.24 39.13 17.61
N GLY A 641 30.46 39.80 18.74
CA GLY A 641 30.87 39.14 19.95
C GLY A 641 30.43 39.93 21.17
N LEU A 642 30.18 39.25 22.28
CA LEU A 642 29.72 39.88 23.50
C LEU A 642 30.56 39.43 24.68
N PRO A 643 30.64 40.24 25.74
CA PRO A 643 31.29 39.76 26.97
C PRO A 643 30.62 38.53 27.54
N GLU A 644 29.32 38.37 27.30
CA GLU A 644 28.62 37.13 27.60
C GLU A 644 29.00 36.18 26.47
N TRP A 645 28.33 35.06 26.31
CA TRP A 645 28.72 34.04 25.34
C TRP A 645 30.04 33.38 25.76
N ARG A 646 29.99 32.71 26.90
CA ARG A 646 31.12 31.91 27.35
C ARG A 646 30.90 30.46 26.88
N ASP A 647 31.82 29.57 27.27
CA ASP A 647 31.78 28.20 26.78
C ASP A 647 32.44 27.28 27.79
N GLY A 648 32.14 25.99 27.67
CA GLY A 648 32.73 24.97 28.51
C GLY A 648 31.95 24.74 29.78
N ILE A 649 32.05 25.68 30.73
CA ILE A 649 31.29 25.60 31.97
C ILE A 649 30.55 26.87 32.32
N LYS A 650 30.96 28.03 31.81
CA LYS A 650 30.25 29.26 32.08
C LYS A 650 28.92 29.36 31.34
N LEU A 651 28.72 28.56 30.29
CA LEU A 651 27.37 28.42 29.76
C LEU A 651 26.45 27.72 30.75
N VAL A 652 27.00 27.10 31.78
CA VAL A 652 26.26 26.58 32.93
C VAL A 652 26.49 27.54 34.08
N PRO A 653 25.50 28.38 34.44
CA PRO A 653 25.75 29.38 35.49
C PRO A 653 26.23 28.73 36.78
N MET A 654 27.25 29.36 37.38
CA MET A 654 27.83 28.84 38.62
C MET A 654 26.80 28.75 39.73
N GLU A 655 25.76 29.59 39.69
CA GLU A 655 24.73 29.50 40.71
C GLU A 655 24.13 28.10 40.77
N TRP A 656 23.88 27.51 39.59
CA TRP A 656 23.41 26.13 39.55
C TRP A 656 24.48 25.18 40.06
N LEU A 657 25.75 25.56 39.94
CA LEU A 657 26.83 24.70 40.34
C LEU A 657 26.90 24.63 41.86
N THR A 658 26.86 23.41 42.39
CA THR A 658 27.00 23.18 43.82
C THR A 658 27.97 22.05 44.14
N GLY A 659 28.59 21.44 43.13
CA GLY A 659 29.54 20.37 43.32
C GLY A 659 29.08 18.99 42.90
N VAL A 660 27.92 18.88 42.26
CA VAL A 660 27.41 17.57 41.85
C VAL A 660 27.77 17.28 40.40
N MET B 1 57.53 -13.25 4.84
CA MET B 1 58.65 -13.58 3.93
C MET B 1 59.82 -12.62 4.15
N TYR B 2 61.00 -13.20 4.35
CA TYR B 2 62.19 -12.44 4.71
C TYR B 2 62.50 -11.42 3.62
N PHE B 3 62.49 -10.14 4.00
CA PHE B 3 62.85 -9.06 3.08
C PHE B 3 63.31 -7.89 3.93
N GLN B 4 64.60 -7.62 3.93
CA GLN B 4 65.18 -6.56 4.76
C GLN B 4 66.04 -5.66 3.90
N ILE B 5 66.33 -4.48 4.40
CA ILE B 5 67.23 -3.56 3.70
C ILE B 5 68.64 -3.76 4.24
N ARG B 6 69.60 -3.96 3.33
CA ARG B 6 71.00 -4.03 3.74
C ARG B 6 71.70 -2.70 3.54
N GLY B 7 71.31 -1.93 2.52
CA GLY B 7 71.97 -0.67 2.26
C GLY B 7 71.28 0.12 1.16
N ILE B 8 71.80 1.31 0.93
CA ILE B 8 71.28 2.25 -0.06
C ILE B 8 72.46 2.80 -0.85
N ILE B 9 72.17 3.25 -2.07
CA ILE B 9 73.18 3.85 -2.94
C ILE B 9 72.53 4.98 -3.72
N LEU B 10 73.30 6.03 -3.95
CA LEU B 10 72.77 7.29 -4.50
C LEU B 10 73.75 7.82 -5.55
N TRP B 11 73.41 7.61 -6.81
CA TRP B 11 74.24 8.09 -7.91
C TRP B 11 74.05 9.59 -8.08
N PRO B 12 75.11 10.39 -8.07
CA PRO B 12 74.96 11.84 -8.22
C PRO B 12 74.58 12.21 -9.66
N ARG B 13 73.97 13.38 -9.78
CA ARG B 13 73.52 13.84 -11.09
C ARG B 13 74.67 13.97 -12.07
N ASN B 14 75.79 14.54 -11.60
CA ASN B 14 76.94 14.78 -12.47
C ASN B 14 77.81 13.52 -12.55
N LYS B 15 78.72 13.51 -13.52
CA LYS B 15 79.58 12.36 -13.76
C LYS B 15 80.77 12.30 -12.82
N ASN B 16 81.40 13.45 -12.55
CA ASN B 16 82.61 13.44 -11.73
C ASN B 16 82.33 12.90 -10.33
N PHE B 17 81.22 13.32 -9.73
CA PHE B 17 80.86 12.81 -8.42
C PHE B 17 80.57 11.31 -8.48
N LYS B 18 80.89 10.61 -7.40
CA LYS B 18 80.68 9.18 -7.33
C LYS B 18 79.62 8.84 -6.28
N PRO B 19 78.98 7.68 -6.41
CA PRO B 19 77.79 7.40 -5.57
C PRO B 19 78.10 7.42 -4.08
N HIS B 20 77.11 7.84 -3.30
CA HIS B 20 77.19 7.82 -1.85
C HIS B 20 76.68 6.48 -1.35
N THR B 21 77.52 5.77 -0.58
CA THR B 21 77.19 4.43 -0.12
C THR B 21 76.55 4.48 1.26
N ILE B 22 75.67 3.52 1.52
CA ILE B 22 74.95 3.41 2.78
C ILE B 22 74.78 1.94 3.10
N ARG B 23 75.10 1.55 4.33
CA ARG B 23 75.08 0.14 4.71
C ARG B 23 74.38 -0.03 6.05
N PHE B 24 73.25 -0.73 6.02
CA PHE B 24 72.41 -0.96 7.19
C PHE B 24 72.85 -2.25 7.88
N GLU B 25 72.26 -2.50 9.05
CA GLU B 25 72.48 -3.74 9.78
C GLU B 25 71.21 -4.58 9.71
N LEU B 26 71.32 -5.80 9.21
CA LEU B 26 70.16 -6.67 9.05
C LEU B 26 69.73 -7.24 10.39
N GLY B 27 68.42 -7.38 10.57
CA GLY B 27 67.87 -8.01 11.75
C GLY B 27 68.02 -7.21 13.03
N LYS B 28 68.47 -5.97 12.94
CA LYS B 28 68.68 -5.11 14.10
C LYS B 28 67.79 -3.87 13.99
N VAL B 29 67.88 -3.02 14.99
CA VAL B 29 67.14 -1.77 15.04
C VAL B 29 68.07 -0.68 14.53
N ASN B 30 68.04 -0.45 13.23
CA ASN B 30 68.88 0.58 12.62
C ASN B 30 68.36 1.95 13.03
N VAL B 31 69.26 2.83 13.48
CA VAL B 31 68.89 4.14 14.00
C VAL B 31 69.62 5.21 13.20
N ILE B 32 68.92 6.30 12.90
CA ILE B 32 69.45 7.41 12.14
C ILE B 32 69.16 8.70 12.91
N SER B 33 70.18 9.52 13.11
CA SER B 33 70.05 10.77 13.84
C SER B 33 70.26 11.96 12.92
N GLY B 34 69.64 13.09 13.29
CA GLY B 34 69.76 14.30 12.51
C GLY B 34 68.80 15.39 12.93
N ALA B 35 68.57 16.36 12.03
CA ALA B 35 67.73 17.52 12.32
C ALA B 35 66.44 17.40 11.51
N SER B 36 65.31 17.27 12.20
CA SER B 36 64.04 17.10 11.52
C SER B 36 63.56 18.43 10.96
N ARG B 37 62.54 18.33 10.09
CA ARG B 37 61.95 19.50 9.45
C ARG B 37 62.88 20.07 8.38
N THR B 38 64.07 19.47 8.22
CA THR B 38 65.01 19.85 7.18
C THR B 38 64.97 18.88 6.01
N GLY B 39 63.80 18.35 5.68
CA GLY B 39 63.71 17.28 4.70
C GLY B 39 64.14 15.94 5.23
N LYS B 40 64.15 15.77 6.56
CA LYS B 40 64.68 14.55 7.17
C LYS B 40 63.65 13.43 7.11
N SER B 41 63.03 13.23 5.93
CA SER B 41 62.11 12.12 5.73
C SER B 41 62.21 11.55 4.32
N ALA B 42 63.38 11.65 3.69
CA ALA B 42 63.49 11.31 2.28
C ALA B 42 63.83 9.85 2.03
N VAL B 43 64.15 9.08 3.07
CA VAL B 43 64.57 7.70 2.84
C VAL B 43 63.38 6.78 2.59
N ILE B 44 62.26 6.99 3.27
CA ILE B 44 61.04 6.26 2.91
C ILE B 44 60.62 6.60 1.48
N PRO B 45 60.59 7.87 1.06
CA PRO B 45 60.37 8.15 -0.37
C PRO B 45 61.37 7.46 -1.27
N ILE B 46 62.65 7.41 -0.91
CA ILE B 46 63.63 6.84 -1.83
C ILE B 46 63.41 5.34 -1.96
N ILE B 47 63.11 4.68 -0.84
CA ILE B 47 62.82 3.24 -0.88
C ILE B 47 61.56 2.98 -1.69
N ASP B 48 60.51 3.77 -1.46
CA ASP B 48 59.27 3.55 -2.20
C ASP B 48 59.46 3.75 -3.70
N TYR B 49 60.20 4.80 -4.07
CA TYR B 49 60.39 5.09 -5.49
C TYR B 49 61.28 4.04 -6.14
N CYS B 50 62.28 3.54 -5.40
CA CYS B 50 63.11 2.46 -5.92
C CYS B 50 62.30 1.18 -6.14
N LEU B 51 61.41 0.85 -5.20
CA LEU B 51 60.54 -0.30 -5.33
C LEU B 51 59.34 -0.03 -6.22
N GLY B 52 59.38 1.01 -7.04
CA GLY B 52 58.28 1.31 -7.93
C GLY B 52 57.21 2.13 -7.25
N ALA B 53 56.55 3.00 -8.00
CA ALA B 53 55.48 3.83 -7.46
C ALA B 53 54.81 4.57 -8.61
N ASN B 54 53.52 4.80 -8.46
CA ASN B 54 52.77 5.53 -9.48
C ASN B 54 53.23 6.97 -9.61
N THR B 55 53.85 7.52 -8.57
CA THR B 55 54.38 8.88 -8.61
C THR B 55 55.59 8.96 -7.69
N CYS B 56 56.42 9.98 -7.92
CA CYS B 56 57.65 10.16 -7.16
C CYS B 56 57.39 11.16 -6.03
N SER B 57 57.61 10.72 -4.80
CA SER B 57 57.34 11.52 -3.61
C SER B 57 58.62 11.96 -2.91
N ILE B 58 59.65 12.31 -3.67
CA ILE B 58 60.93 12.73 -3.14
C ILE B 58 61.03 14.25 -3.27
N PRO B 59 61.50 14.97 -2.25
CA PRO B 59 61.55 16.44 -2.35
C PRO B 59 62.38 16.93 -3.52
N VAL B 60 61.74 17.66 -4.45
CA VAL B 60 62.46 18.17 -5.62
C VAL B 60 63.34 19.36 -5.29
N LYS B 61 63.06 20.08 -4.20
CA LYS B 61 63.76 21.31 -3.90
C LYS B 61 65.08 21.08 -3.15
N THR B 62 65.23 19.93 -2.49
CA THR B 62 66.39 19.68 -1.64
C THR B 62 67.24 18.50 -2.09
N ILE B 63 66.64 17.43 -2.61
CA ILE B 63 67.37 16.18 -2.85
C ILE B 63 67.28 15.77 -4.32
N ARG B 64 66.09 15.87 -4.90
CA ARG B 64 65.80 15.19 -6.15
C ARG B 64 66.39 15.88 -7.37
N LYS B 65 67.32 16.81 -7.16
CA LYS B 65 67.99 17.48 -8.27
C LYS B 65 69.51 17.30 -8.26
N TYR B 66 70.07 16.57 -7.30
CA TYR B 66 71.50 16.35 -7.23
C TYR B 66 71.89 14.90 -7.49
N CYS B 67 70.95 14.06 -7.91
CA CYS B 67 71.18 12.62 -8.02
C CYS B 67 70.52 12.10 -9.29
N GLU B 68 71.34 11.61 -10.23
CA GLU B 68 70.79 11.05 -11.46
C GLU B 68 69.96 9.81 -11.20
N TRP B 69 70.42 8.94 -10.31
CA TRP B 69 69.81 7.63 -10.13
C TRP B 69 69.70 7.31 -8.65
N PHE B 70 68.70 6.50 -8.32
CA PHE B 70 68.44 6.05 -6.96
C PHE B 70 68.60 4.53 -6.91
N GLY B 71 68.99 4.03 -5.74
CA GLY B 71 69.27 2.62 -5.61
C GLY B 71 68.88 2.10 -4.25
N ILE B 72 68.59 0.79 -4.20
CA ILE B 72 68.20 0.11 -2.97
C ILE B 72 68.82 -1.28 -2.97
N VAL B 73 69.27 -1.71 -1.80
CA VAL B 73 69.92 -3.00 -1.61
C VAL B 73 69.09 -3.75 -0.58
N VAL B 74 68.51 -4.88 -0.97
CA VAL B 74 67.60 -5.61 -0.10
C VAL B 74 68.01 -7.08 -0.02
N ALA B 75 68.19 -7.56 1.20
CA ALA B 75 68.41 -8.99 1.42
C ALA B 75 67.08 -9.73 1.41
N THR B 76 67.08 -10.91 0.80
CA THR B 76 65.87 -11.67 0.56
C THR B 76 66.20 -13.16 0.58
N GLU B 77 65.16 -13.99 0.74
CA GLU B 77 65.36 -15.43 0.71
C GLU B 77 66.12 -15.86 -0.54
N GLN B 78 65.70 -15.38 -1.71
CA GLN B 78 66.40 -15.75 -2.94
C GLN B 78 67.84 -15.28 -2.92
N GLY B 79 68.07 -14.09 -2.38
CA GLY B 79 69.42 -13.56 -2.29
C GLY B 79 69.37 -12.04 -2.18
N GLU B 80 70.54 -11.44 -2.35
CA GLU B 80 70.62 -9.97 -2.35
C GLU B 80 70.12 -9.42 -3.67
N LYS B 81 69.27 -8.41 -3.60
CA LYS B 81 68.67 -7.78 -4.76
C LYS B 81 69.09 -6.32 -4.80
N LEU B 82 69.65 -5.88 -5.92
CA LEU B 82 70.02 -4.49 -6.11
C LEU B 82 69.07 -3.90 -7.14
N LEU B 83 68.23 -2.96 -6.70
CA LEU B 83 67.29 -2.32 -7.58
C LEU B 83 67.69 -0.86 -7.76
N ALA B 84 67.43 -0.33 -8.95
CA ALA B 84 67.77 1.04 -9.27
C ALA B 84 66.52 1.76 -9.75
N ARG B 85 66.69 3.04 -10.09
CA ARG B 85 65.57 3.85 -10.55
C ARG B 85 66.12 5.18 -11.07
N LYS B 86 65.43 5.76 -12.05
CA LYS B 86 65.82 7.02 -12.64
C LYS B 86 64.80 8.10 -12.27
N GLU B 87 65.30 9.23 -11.79
CA GLU B 87 64.41 10.35 -11.51
C GLU B 87 63.90 10.94 -12.82
N PRO B 88 62.65 11.42 -12.85
CA PRO B 88 62.08 11.91 -14.10
C PRO B 88 62.62 13.27 -14.51
N GLY B 89 62.79 14.16 -13.55
CA GLY B 89 63.14 15.54 -13.83
C GLY B 89 61.89 16.39 -13.99
N ASN B 90 61.52 16.68 -15.24
CA ASN B 90 60.26 17.38 -15.49
C ASN B 90 59.06 16.46 -15.34
N GLN B 91 59.19 15.19 -15.75
CA GLN B 91 58.12 14.22 -15.63
C GLN B 91 57.96 13.86 -14.16
N ARG B 92 56.96 13.03 -13.83
CA ARG B 92 56.73 12.60 -12.46
C ARG B 92 57.05 11.14 -12.20
N SER B 93 56.90 10.26 -13.19
CA SER B 93 57.17 8.85 -13.03
C SER B 93 58.09 8.38 -14.14
N THR B 94 58.91 7.37 -13.83
CA THR B 94 59.88 6.82 -14.75
C THR B 94 59.79 5.31 -14.76
N THR B 95 59.83 4.73 -15.96
CA THR B 95 59.85 3.28 -16.13
C THR B 95 61.27 2.74 -16.37
N ASP B 96 62.28 3.58 -16.24
CA ASP B 96 63.66 3.21 -16.54
C ASP B 96 64.38 2.88 -15.24
N MET B 97 64.86 1.64 -15.12
CA MET B 97 65.66 1.23 -13.98
C MET B 97 66.49 0.00 -14.33
N PHE B 98 67.55 -0.20 -13.57
CA PHE B 98 68.47 -1.31 -13.73
C PHE B 98 68.36 -2.26 -12.53
N VAL B 99 68.37 -3.55 -12.81
CA VAL B 99 68.20 -4.57 -11.78
C VAL B 99 69.47 -5.42 -11.71
N LEU B 100 69.68 -6.02 -10.55
CA LEU B 100 70.75 -7.01 -10.38
C LEU B 100 70.32 -8.03 -9.35
N GLU B 101 70.33 -9.30 -9.74
CA GLU B 101 70.01 -10.42 -8.88
C GLU B 101 71.31 -11.08 -8.43
N ALA B 102 71.38 -11.46 -7.16
CA ALA B 102 72.56 -12.12 -6.63
C ALA B 102 72.21 -12.69 -5.26
N GLU B 103 73.13 -13.48 -4.71
CA GLU B 103 73.00 -14.01 -3.35
C GLU B 103 73.63 -13.08 -2.33
N ASN B 104 74.89 -12.71 -2.54
CA ASN B 104 75.55 -11.71 -1.70
C ASN B 104 76.65 -11.07 -2.56
N ILE B 105 76.38 -9.89 -3.10
CA ILE B 105 77.28 -9.24 -4.04
C ILE B 105 78.01 -8.12 -3.32
N THR B 106 79.23 -7.84 -3.78
CA THR B 106 80.04 -6.75 -3.26
C THR B 106 80.42 -5.73 -4.30
N SER B 107 80.18 -6.01 -5.58
CA SER B 107 80.48 -5.08 -6.67
C SER B 107 79.39 -4.01 -6.72
N ILE B 108 79.81 -2.75 -6.79
CA ILE B 108 78.91 -1.60 -6.78
C ILE B 108 79.03 -0.91 -8.13
N PRO B 109 78.10 -1.13 -9.06
CA PRO B 109 78.16 -0.41 -10.34
C PRO B 109 78.07 1.10 -10.12
N ILE B 110 78.80 1.84 -10.94
CA ILE B 110 78.80 3.30 -10.85
C ILE B 110 78.00 3.97 -11.95
N ARG B 111 77.76 3.29 -13.08
CA ARG B 111 76.97 3.83 -14.17
C ARG B 111 75.93 2.79 -14.57
N LEU B 112 74.71 3.25 -14.80
CA LEU B 112 73.59 2.35 -15.08
C LEU B 112 72.87 2.76 -16.35
N GLU B 113 71.98 1.88 -16.80
CA GLU B 113 71.10 2.15 -17.91
C GLU B 113 69.86 1.28 -17.75
N LYS B 114 68.80 1.65 -18.46
CA LYS B 114 67.53 0.94 -18.31
C LYS B 114 67.71 -0.55 -18.61
N ASN B 115 67.35 -1.38 -17.65
CA ASN B 115 67.40 -2.83 -17.80
C ASN B 115 66.05 -3.51 -17.53
N THR B 116 65.14 -2.82 -16.83
CA THR B 116 63.84 -3.36 -16.50
C THR B 116 62.83 -2.22 -16.53
N ASN B 117 61.55 -2.58 -16.62
CA ASN B 117 60.48 -1.59 -16.54
C ASN B 117 59.69 -1.78 -15.25
N VAL B 118 58.79 -0.82 -14.99
CA VAL B 118 58.01 -0.84 -13.76
C VAL B 118 57.25 -2.15 -13.63
N ILE B 119 56.62 -2.59 -14.72
CA ILE B 119 55.78 -3.78 -14.67
C ILE B 119 56.62 -5.01 -14.32
N ALA B 120 57.78 -5.13 -14.97
CA ALA B 120 58.63 -6.30 -14.72
C ALA B 120 59.13 -6.31 -13.28
N VAL B 121 59.58 -5.16 -12.77
CA VAL B 121 60.05 -5.09 -11.39
C VAL B 121 58.92 -5.46 -10.44
N LYS B 122 57.73 -4.90 -10.67
CA LYS B 122 56.61 -5.17 -9.79
C LYS B 122 56.23 -6.64 -9.80
N ARG B 123 56.23 -7.27 -10.99
CA ARG B 123 55.79 -8.66 -11.06
C ARG B 123 56.85 -9.61 -10.52
N MET B 124 58.13 -9.31 -10.73
CA MET B 124 59.16 -10.14 -10.11
C MET B 124 59.10 -10.02 -8.60
N LEU B 125 58.87 -8.82 -8.07
CA LEU B 125 58.62 -8.70 -6.64
C LEU B 125 57.39 -9.49 -6.22
N ASP B 126 56.33 -9.46 -7.03
CA ASP B 126 55.09 -10.11 -6.66
C ASP B 126 55.28 -11.62 -6.52
N ASP B 127 55.85 -12.25 -7.57
CA ASP B 127 56.04 -13.69 -7.50
C ASP B 127 57.17 -14.06 -6.54
N LEU B 128 58.05 -13.11 -6.21
CA LEU B 128 58.91 -13.31 -5.05
C LEU B 128 58.08 -13.42 -3.79
N ALA B 129 57.05 -12.59 -3.67
CA ALA B 129 56.13 -12.65 -2.54
C ALA B 129 54.99 -13.62 -2.75
N ASN B 130 54.86 -14.21 -3.94
CA ASN B 130 53.85 -15.21 -4.23
C ASN B 130 52.44 -14.66 -4.02
N LEU B 131 52.09 -13.67 -4.85
CA LEU B 131 50.75 -13.10 -4.89
C LEU B 131 50.10 -13.38 -6.24
N SER B 132 48.80 -13.06 -6.33
CA SER B 132 48.03 -13.25 -7.54
C SER B 132 48.34 -12.13 -8.52
N ASN B 133 49.10 -12.43 -9.56
CA ASN B 133 49.45 -11.44 -10.57
C ASN B 133 48.19 -10.89 -11.22
N ARG B 148 42.69 -8.29 -6.48
CA ARG B 148 43.84 -9.14 -6.23
C ARG B 148 44.98 -8.34 -5.61
N PRO B 149 45.68 -8.91 -4.63
CA PRO B 149 46.72 -8.17 -3.93
C PRO B 149 47.98 -8.01 -4.77
N ALA B 150 48.89 -7.20 -4.27
CA ALA B 150 50.17 -6.94 -4.92
C ALA B 150 51.15 -6.46 -3.86
N PHE B 151 52.43 -6.39 -4.23
CA PHE B 151 53.45 -5.97 -3.27
C PHE B 151 53.21 -4.55 -2.80
N ARG B 152 52.91 -3.63 -3.73
CA ARG B 152 52.69 -2.24 -3.33
C ARG B 152 51.62 -2.14 -2.25
N ASP B 153 50.59 -2.98 -2.34
CA ASP B 153 49.54 -2.98 -1.33
C ASP B 153 50.04 -3.43 0.04
N LEU B 154 51.24 -4.01 0.11
CA LEU B 154 51.85 -4.33 1.40
C LEU B 154 52.67 -3.17 1.96
N ALA B 155 52.99 -2.17 1.14
CA ALA B 155 53.79 -1.05 1.61
C ALA B 155 53.12 -0.33 2.77
N ALA B 156 51.81 -0.48 2.93
CA ALA B 156 51.13 0.15 4.06
C ALA B 156 51.72 -0.30 5.39
N PHE B 157 52.27 -1.50 5.44
CA PHE B 157 52.79 -2.06 6.68
C PHE B 157 54.29 -1.89 6.83
N THR B 158 54.93 -1.16 5.93
CA THR B 158 56.37 -0.93 5.97
C THR B 158 56.74 0.52 6.25
N PHE B 159 55.99 1.46 5.69
CA PHE B 159 56.32 2.88 5.77
C PHE B 159 55.37 3.55 6.75
N GLN B 160 55.94 4.33 7.68
CA GLN B 160 55.17 5.07 8.67
C GLN B 160 55.70 6.50 8.70
N PRO B 161 55.41 7.29 7.67
CA PRO B 161 56.00 8.64 7.58
C PRO B 161 55.59 9.54 8.75
N GLN B 162 56.13 10.75 8.78
CA GLN B 162 55.80 11.67 9.87
C GLN B 162 54.31 11.96 9.90
N ASN B 163 53.71 12.16 8.73
CA ASN B 163 52.27 12.43 8.67
C ASN B 163 51.45 11.29 9.25
N VAL B 164 52.01 10.10 9.36
CA VAL B 164 51.27 8.95 9.85
C VAL B 164 51.82 8.41 11.17
N VAL B 165 53.05 8.77 11.55
CA VAL B 165 53.66 8.15 12.73
C VAL B 165 52.83 8.44 13.97
N ALA B 166 52.45 9.70 14.17
CA ALA B 166 51.60 10.12 15.29
C ALA B 166 50.41 10.87 14.70
N ASN B 167 49.38 10.13 14.34
CA ASN B 167 48.21 10.76 13.75
C ASN B 167 47.00 9.87 14.00
N PRO B 168 46.03 10.31 14.80
CA PRO B 168 45.03 9.38 15.34
C PRO B 168 44.07 8.83 14.29
N ASP B 169 44.07 9.38 13.08
CA ASP B 169 43.05 9.03 12.08
C ASP B 169 43.62 8.22 10.92
N VAL B 170 44.84 8.50 10.50
CA VAL B 170 45.53 7.65 9.53
C VAL B 170 46.42 6.69 10.30
N LEU B 171 46.24 5.39 10.03
CA LEU B 171 46.99 4.35 10.72
C LEU B 171 47.98 3.61 9.83
N PHE B 172 47.91 3.81 8.51
CA PHE B 172 48.84 3.17 7.59
C PHE B 172 49.18 4.14 6.46
N PHE B 173 50.34 3.91 5.86
CA PHE B 173 50.83 4.82 4.83
C PHE B 173 49.90 4.83 3.63
N LYS B 174 49.69 6.03 3.08
CA LYS B 174 48.97 6.21 1.82
C LYS B 174 47.64 5.48 1.83
N THR B 175 46.86 5.70 2.89
CA THR B 175 45.46 5.28 2.94
C THR B 175 44.52 6.48 2.93
N ASN B 176 44.94 7.55 2.26
CA ASN B 176 44.16 8.78 2.17
C ASN B 176 43.40 8.87 0.86
N THR B 177 43.08 7.74 0.25
CA THR B 177 42.34 7.71 -1.00
C THR B 177 41.37 6.55 -0.96
N TYR B 178 40.20 6.76 -1.58
CA TYR B 178 39.16 5.75 -1.59
C TYR B 178 39.70 4.42 -2.09
N GLU B 179 40.34 4.45 -3.26
CA GLU B 179 40.83 3.22 -3.88
C GLU B 179 41.85 2.53 -2.99
N HIS B 180 42.80 3.30 -2.45
CA HIS B 180 43.87 2.70 -1.66
C HIS B 180 43.33 2.03 -0.42
N ARG B 181 42.48 2.74 0.34
CA ARG B 181 41.99 2.16 1.58
C ARG B 181 41.05 1.00 1.29
N GLU B 182 40.29 1.05 0.19
CA GLU B 182 39.45 -0.10 -0.14
C GLU B 182 40.29 -1.32 -0.49
N LYS B 183 41.35 -1.13 -1.29
CA LYS B 183 42.19 -2.27 -1.65
C LYS B 183 42.85 -2.86 -0.41
N LEU B 184 43.37 -2.00 0.46
CA LEU B 184 43.98 -2.50 1.70
C LEU B 184 42.95 -3.17 2.60
N ARG B 185 41.73 -2.65 2.62
CA ARG B 185 40.64 -3.27 3.34
C ARG B 185 40.41 -4.70 2.86
N LYS B 186 40.22 -4.86 1.55
CA LYS B 186 39.98 -6.18 0.99
C LYS B 186 41.22 -7.07 1.04
N ILE B 187 42.38 -6.49 1.33
CA ILE B 187 43.60 -7.28 1.42
C ILE B 187 43.89 -7.78 2.83
N PHE B 188 43.39 -7.09 3.87
CA PHE B 188 43.57 -7.67 5.21
C PHE B 188 43.18 -9.14 5.29
N PRO B 189 42.03 -9.56 4.76
CA PRO B 189 41.66 -10.97 4.91
C PRO B 189 42.75 -11.92 4.46
N TYR B 190 43.52 -11.56 3.43
CA TYR B 190 44.63 -12.41 2.99
C TYR B 190 45.84 -12.24 3.89
N VAL B 191 46.37 -11.02 4.01
CA VAL B 191 47.61 -10.82 4.76
C VAL B 191 47.45 -11.23 6.22
N LEU B 192 46.22 -11.29 6.73
CA LEU B 192 46.01 -11.73 8.10
C LEU B 192 46.23 -13.23 8.27
N GLY B 193 46.57 -13.96 7.21
CA GLY B 193 46.84 -15.37 7.32
C GLY B 193 45.62 -16.19 7.70
N ALA B 194 44.48 -15.90 7.09
CA ALA B 194 43.26 -16.67 7.33
C ALA B 194 42.60 -17.14 6.04
N ILE B 195 43.19 -16.88 4.88
CA ILE B 195 42.60 -17.25 3.60
C ILE B 195 43.70 -17.23 2.56
N THR B 196 43.50 -17.99 1.48
CA THR B 196 44.46 -18.06 0.38
C THR B 196 43.93 -17.28 -0.82
N SER B 197 44.84 -16.98 -1.75
CA SER B 197 44.44 -16.24 -2.95
C SER B 197 43.41 -17.02 -3.75
N GLU B 198 43.56 -18.34 -3.82
CA GLU B 198 42.56 -19.15 -4.51
C GLU B 198 41.19 -18.99 -3.87
N LEU B 199 41.13 -19.04 -2.53
CA LEU B 199 39.86 -18.81 -1.85
C LEU B 199 39.39 -17.38 -2.04
N MET B 200 40.30 -16.42 -2.20
CA MET B 200 39.89 -15.06 -2.50
C MET B 200 39.15 -14.99 -3.83
N ALA B 201 39.73 -15.60 -4.86
CA ALA B 201 39.06 -15.63 -6.16
C ALA B 201 37.74 -16.38 -6.06
N LYS B 202 37.72 -17.46 -5.28
CA LYS B 202 36.47 -18.19 -5.05
C LYS B 202 35.40 -17.28 -4.48
N GLN B 203 35.75 -16.50 -3.46
CA GLN B 203 34.78 -15.60 -2.84
C GLN B 203 34.30 -14.54 -3.83
N PHE B 204 35.22 -14.00 -4.63
CA PHE B 204 34.84 -12.97 -5.60
C PHE B 204 33.84 -13.53 -6.60
N GLU B 205 34.16 -14.68 -7.21
CA GLU B 205 33.24 -15.29 -8.17
C GLU B 205 31.94 -15.70 -7.49
N LEU B 206 32.00 -16.15 -6.24
CA LEU B 206 30.79 -16.50 -5.51
C LEU B 206 29.88 -15.30 -5.37
N ASN B 207 30.43 -14.15 -4.98
CA ASN B 207 29.59 -12.96 -4.86
C ASN B 207 29.00 -12.57 -6.21
N ARG B 208 29.80 -12.67 -7.27
CA ARG B 208 29.27 -12.38 -8.60
C ARG B 208 28.07 -13.27 -8.92
N ILE B 209 28.20 -14.57 -8.67
CA ILE B 209 27.11 -15.48 -9.00
C ILE B 209 25.94 -15.30 -8.05
N ARG B 210 26.18 -14.86 -6.81
CA ARG B 210 25.07 -14.47 -5.95
C ARG B 210 24.27 -13.34 -6.57
N LEU B 211 24.96 -12.30 -7.05
CA LEU B 211 24.25 -11.19 -7.67
C LEU B 211 23.46 -11.66 -8.88
N PHE B 212 24.11 -12.45 -9.75
CA PHE B 212 23.44 -12.95 -10.94
C PHE B 212 22.23 -13.81 -10.58
N LEU B 213 22.39 -14.70 -9.59
CA LEU B 213 21.32 -15.58 -9.18
C LEU B 213 20.15 -14.80 -8.63
N ARG B 214 20.41 -13.80 -7.80
CA ARG B 214 19.31 -13.02 -7.24
C ARG B 214 18.56 -12.29 -8.34
N ARG B 215 19.29 -11.68 -9.28
CA ARG B 215 18.63 -10.98 -10.37
C ARG B 215 17.78 -11.94 -11.20
N LYS B 216 18.35 -13.10 -11.55
CA LYS B 216 17.61 -14.03 -12.40
C LYS B 216 16.44 -14.67 -11.67
N GLU B 217 16.57 -14.90 -10.37
CA GLU B 217 15.44 -15.43 -9.62
C GLU B 217 14.32 -14.40 -9.50
N ARG B 218 14.68 -13.13 -9.34
CA ARG B 218 13.66 -12.08 -9.37
C ARG B 218 12.95 -12.07 -10.72
N GLU B 219 13.71 -12.16 -11.81
CA GLU B 219 13.10 -12.17 -13.13
C GLU B 219 12.25 -13.42 -13.33
N LEU B 220 12.68 -14.56 -12.77
CA LEU B 220 11.91 -15.79 -12.87
C LEU B 220 10.59 -15.65 -12.15
N LYS B 221 10.60 -15.09 -10.94
CA LYS B 221 9.36 -14.86 -10.23
C LYS B 221 8.47 -13.87 -10.97
N ASP B 222 9.08 -12.91 -11.66
CA ASP B 222 8.30 -11.99 -12.47
C ASP B 222 7.59 -12.71 -13.61
N ALA B 223 8.34 -13.49 -14.39
CA ALA B 223 7.76 -14.14 -15.56
C ALA B 223 6.77 -15.22 -15.16
N GLN B 224 7.04 -15.92 -14.05
CA GLN B 224 6.19 -17.02 -13.63
C GLN B 224 4.79 -16.54 -13.32
N ASP B 225 4.66 -15.39 -12.65
CA ASP B 225 3.34 -14.87 -12.32
C ASP B 225 2.64 -14.41 -13.58
N VAL B 226 1.39 -14.83 -13.75
CA VAL B 226 0.62 -14.56 -14.95
C VAL B 226 -0.15 -13.26 -14.78
N SER B 227 -0.33 -12.54 -15.89
CA SER B 227 -1.17 -11.35 -15.85
C SER B 227 -2.58 -11.74 -15.43
N ALA B 228 -3.23 -10.85 -14.68
CA ALA B 228 -4.50 -11.18 -14.08
C ALA B 228 -5.56 -11.57 -15.12
N GLN B 229 -5.51 -10.98 -16.31
CA GLN B 229 -6.54 -11.28 -17.30
C GLN B 229 -6.55 -12.76 -17.67
N TRP B 230 -5.40 -13.31 -18.02
CA TRP B 230 -5.36 -14.70 -18.45
C TRP B 230 -5.60 -15.65 -17.29
N LEU B 231 -5.14 -15.29 -16.10
CA LEU B 231 -5.48 -16.10 -14.94
C LEU B 231 -6.99 -16.13 -14.72
N ALA B 232 -7.65 -14.98 -14.91
CA ALA B 232 -9.10 -14.94 -14.80
C ALA B 232 -9.75 -15.81 -15.86
N ASP B 233 -9.25 -15.76 -17.09
CA ASP B 233 -9.84 -16.58 -18.15
C ASP B 233 -9.73 -18.07 -17.81
N LEU B 234 -8.56 -18.50 -17.36
CA LEU B 234 -8.43 -19.91 -16.99
C LEU B 234 -9.33 -20.25 -15.82
N LYS B 235 -9.41 -19.37 -14.82
CA LYS B 235 -10.26 -19.66 -13.67
C LYS B 235 -11.72 -19.78 -14.09
N SER B 236 -12.17 -18.89 -14.97
CA SER B 236 -13.56 -18.93 -15.42
C SER B 236 -13.83 -20.20 -16.22
N LYS B 237 -12.90 -20.60 -17.09
CA LYS B 237 -13.11 -21.83 -17.84
C LYS B 237 -13.13 -23.04 -16.92
N TYR B 238 -12.24 -23.09 -15.93
CA TYR B 238 -12.27 -24.20 -15.00
C TYR B 238 -13.56 -24.22 -14.21
N SER B 239 -14.03 -23.05 -13.76
CA SER B 239 -15.27 -23.01 -13.01
C SER B 239 -16.44 -23.44 -13.86
N GLU B 240 -16.44 -23.05 -15.14
CA GLU B 240 -17.45 -23.52 -16.06
C GLU B 240 -17.46 -25.05 -16.12
N ALA B 241 -16.29 -25.64 -16.35
CA ALA B 241 -16.24 -27.10 -16.44
C ALA B 241 -16.69 -27.74 -15.13
N GLN B 242 -16.30 -27.15 -14.01
CA GLN B 242 -16.72 -27.68 -12.71
C GLN B 242 -18.23 -27.64 -12.56
N GLU B 243 -18.85 -26.53 -12.98
CA GLU B 243 -20.29 -26.40 -12.86
C GLU B 243 -21.02 -27.51 -13.60
N LEU B 244 -20.43 -28.00 -14.69
CA LEU B 244 -21.05 -29.06 -15.47
C LEU B 244 -20.85 -30.43 -14.86
N GLY B 245 -20.09 -30.53 -13.77
CA GLY B 245 -19.83 -31.81 -13.14
C GLY B 245 -18.64 -32.55 -13.69
N LEU B 246 -18.01 -32.03 -14.74
CA LEU B 246 -16.85 -32.70 -15.30
C LEU B 246 -15.75 -32.85 -14.26
N VAL B 247 -15.23 -31.73 -13.78
CA VAL B 247 -14.13 -31.71 -12.82
C VAL B 247 -14.72 -31.52 -11.43
N PRO B 248 -14.29 -32.29 -10.43
CA PRO B 248 -14.88 -32.15 -9.09
C PRO B 248 -14.47 -30.84 -8.44
N LYS B 249 -15.29 -30.42 -7.49
CA LYS B 249 -15.08 -29.15 -6.81
C LYS B 249 -13.78 -29.18 -6.03
N PRO B 250 -12.85 -28.26 -6.27
CA PRO B 250 -11.62 -28.25 -5.47
C PRO B 250 -11.89 -27.77 -4.05
N GLN B 251 -11.05 -28.24 -3.13
CA GLN B 251 -11.16 -27.79 -1.75
C GLN B 251 -10.64 -26.37 -1.58
N GLU B 252 -9.55 -26.03 -2.26
CA GLU B 252 -8.90 -24.74 -2.14
C GLU B 252 -8.53 -24.22 -3.52
N GLN B 253 -8.07 -22.98 -3.57
CA GLN B 253 -7.66 -22.38 -4.83
C GLN B 253 -6.58 -23.21 -5.49
N LEU B 254 -6.88 -23.74 -6.66
CA LEU B 254 -5.92 -24.55 -7.40
C LEU B 254 -4.89 -23.68 -8.11
N SER B 255 -3.67 -24.18 -8.20
CA SER B 255 -2.62 -23.50 -8.94
C SER B 255 -2.86 -23.65 -10.44
N ARG B 256 -2.37 -22.66 -11.19
CA ARG B 256 -2.64 -22.62 -12.62
C ARG B 256 -2.30 -23.96 -13.28
N LYS B 257 -1.15 -24.53 -12.94
CA LYS B 257 -0.73 -25.77 -13.57
C LYS B 257 -1.68 -26.92 -13.24
N GLN B 258 -2.11 -27.02 -11.98
CA GLN B 258 -3.05 -28.08 -11.62
C GLN B 258 -4.33 -27.96 -12.43
N MET B 259 -4.84 -26.74 -12.57
CA MET B 259 -6.08 -26.53 -13.28
C MET B 259 -5.92 -26.90 -14.75
N ILE B 260 -4.80 -26.51 -15.35
CA ILE B 260 -4.54 -26.89 -16.74
C ILE B 260 -4.48 -28.40 -16.87
N SER B 261 -3.82 -29.06 -15.92
CA SER B 261 -3.69 -30.51 -15.99
C SER B 261 -5.06 -31.18 -15.93
N GLN B 262 -5.90 -30.78 -14.99
CA GLN B 262 -7.22 -31.40 -14.86
C GLN B 262 -8.08 -31.12 -16.08
N LEU B 263 -8.01 -29.91 -16.61
CA LEU B 263 -8.77 -29.60 -17.82
C LEU B 263 -8.31 -30.46 -18.99
N GLU B 264 -6.99 -30.62 -19.15
CA GLU B 264 -6.49 -31.47 -20.22
C GLU B 264 -6.97 -32.90 -20.05
N GLU B 265 -6.96 -33.40 -18.81
CA GLU B 265 -7.49 -34.73 -18.56
C GLU B 265 -8.95 -34.82 -19.00
N VAL B 266 -9.75 -33.81 -18.64
CA VAL B 266 -11.16 -33.82 -19.03
C VAL B 266 -11.29 -33.87 -20.54
N ILE B 267 -10.42 -33.14 -21.24
CA ILE B 267 -10.51 -33.11 -22.70
C ILE B 267 -10.27 -34.50 -23.29
N SER B 268 -9.26 -35.20 -22.76
CA SER B 268 -8.88 -36.49 -23.31
C SER B 268 -9.94 -37.56 -23.15
N ARG B 269 -10.95 -37.33 -22.32
CA ARG B 269 -11.97 -38.34 -22.10
C ARG B 269 -12.82 -38.54 -23.36
N THR B 270 -13.57 -39.63 -23.37
CA THR B 270 -14.46 -39.96 -24.47
C THR B 270 -15.93 -40.04 -24.07
N ASP B 271 -16.23 -40.54 -22.87
CA ASP B 271 -17.60 -40.62 -22.38
C ASP B 271 -17.80 -39.45 -21.42
N LEU B 272 -18.25 -38.32 -21.97
CA LEU B 272 -18.44 -37.10 -21.18
C LEU B 272 -19.77 -37.20 -20.45
N THR B 273 -19.71 -37.49 -19.15
CA THR B 273 -20.89 -37.66 -18.32
C THR B 273 -21.10 -36.36 -17.55
N LEU B 274 -21.87 -35.45 -18.12
CA LEU B 274 -22.21 -34.21 -17.45
C LEU B 274 -23.01 -34.55 -16.20
N LYS B 275 -22.40 -34.37 -15.04
CA LYS B 275 -23.08 -34.61 -13.77
C LYS B 275 -23.59 -33.31 -13.18
N VAL B 276 -24.50 -32.67 -13.90
CA VAL B 276 -25.10 -31.42 -13.45
C VAL B 276 -26.10 -31.73 -12.35
N THR B 277 -25.98 -31.03 -11.22
CA THR B 277 -26.89 -31.23 -10.11
C THR B 277 -27.21 -29.90 -9.45
N VAL B 278 -27.96 -29.94 -8.34
CA VAL B 278 -28.12 -28.73 -7.54
C VAL B 278 -26.79 -28.31 -6.96
N SER B 279 -25.96 -29.27 -6.59
CA SER B 279 -24.70 -28.96 -5.91
C SER B 279 -23.81 -28.09 -6.79
N THR B 280 -23.63 -28.48 -8.06
CA THR B 280 -22.72 -27.75 -8.93
C THR B 280 -23.23 -26.34 -9.21
N ILE B 281 -24.52 -26.22 -9.53
CA ILE B 281 -25.08 -24.90 -9.82
C ILE B 281 -25.00 -24.02 -8.59
N SER B 282 -25.33 -24.57 -7.42
CA SER B 282 -25.28 -23.81 -6.19
C SER B 282 -23.86 -23.35 -5.89
N ASP B 283 -22.87 -24.22 -6.13
CA ASP B 283 -21.49 -23.83 -5.88
C ASP B 283 -21.04 -22.75 -6.84
N ALA B 284 -21.44 -22.84 -8.11
CA ALA B 284 -21.11 -21.79 -9.05
C ALA B 284 -21.72 -20.47 -8.60
N LEU B 285 -22.96 -20.50 -8.14
CA LEU B 285 -23.60 -19.26 -7.69
C LEU B 285 -22.94 -18.72 -6.43
N SER B 286 -22.52 -19.60 -5.51
CA SER B 286 -21.81 -19.14 -4.34
C SER B 286 -20.50 -18.47 -4.73
N GLU B 287 -19.78 -19.05 -5.68
CA GLU B 287 -18.58 -18.41 -6.17
C GLU B 287 -18.91 -17.06 -6.79
N LEU B 288 -20.05 -16.97 -7.47
CA LEU B 288 -20.44 -15.68 -8.04
C LEU B 288 -20.64 -14.65 -6.95
N ASN B 289 -21.32 -15.01 -5.87
CA ASN B 289 -21.57 -14.03 -4.82
C ASN B 289 -20.28 -13.66 -4.09
N THR B 290 -19.40 -14.63 -3.89
CA THR B 290 -18.09 -14.31 -3.31
C THR B 290 -17.32 -13.35 -4.19
N LEU B 291 -17.36 -13.57 -5.50
CA LEU B 291 -16.72 -12.64 -6.42
C LEU B 291 -17.35 -11.27 -6.33
N GLU B 292 -18.67 -11.21 -6.14
CA GLU B 292 -19.33 -9.93 -5.99
C GLU B 292 -18.84 -9.20 -4.75
N SER B 293 -18.70 -9.93 -3.65
CA SER B 293 -18.19 -9.33 -2.42
C SER B 293 -16.78 -8.78 -2.63
N GLU B 294 -15.93 -9.59 -3.25
CA GLU B 294 -14.56 -9.15 -3.47
C GLU B 294 -14.51 -7.98 -4.43
N GLU B 295 -15.38 -7.95 -5.44
CA GLU B 295 -15.42 -6.80 -6.32
C GLU B 295 -15.80 -5.55 -5.56
N ARG B 296 -16.80 -5.66 -4.69
CA ARG B 296 -17.19 -4.48 -3.91
C ARG B 296 -16.01 -3.97 -3.10
N LEU B 297 -15.35 -4.87 -2.37
CA LEU B 297 -14.22 -4.46 -1.54
C LEU B 297 -13.12 -3.82 -2.38
N VAL B 298 -12.72 -4.48 -3.47
CA VAL B 298 -11.62 -3.99 -4.28
C VAL B 298 -11.99 -2.68 -4.95
N SER B 299 -13.24 -2.54 -5.37
CA SER B 299 -13.66 -1.28 -5.99
C SER B 299 -13.61 -0.14 -4.99
N ARG B 300 -14.03 -0.39 -3.75
CA ARG B 300 -13.93 0.65 -2.74
C ARG B 300 -12.49 1.06 -2.52
N GLU B 301 -11.61 0.09 -2.30
CA GLU B 301 -10.22 0.44 -2.00
C GLU B 301 -9.54 1.10 -3.18
N LEU B 302 -9.83 0.64 -4.40
CA LEU B 302 -9.27 1.26 -5.58
C LEU B 302 -9.79 2.69 -5.74
N THR B 303 -11.07 2.92 -5.42
CA THR B 303 -11.59 4.28 -5.48
C THR B 303 -10.84 5.18 -4.51
N THR B 304 -10.61 4.70 -3.30
CA THR B 304 -9.84 5.47 -2.33
C THR B 304 -8.46 5.80 -2.88
N MET B 305 -7.74 4.79 -3.37
CA MET B 305 -6.38 5.01 -3.84
C MET B 305 -6.35 5.95 -5.03
N ARG B 306 -7.27 5.79 -5.97
CA ARG B 306 -7.32 6.68 -7.11
C ARG B 306 -7.54 8.11 -6.66
N HIS B 307 -8.47 8.31 -5.72
CA HIS B 307 -8.74 9.66 -5.24
C HIS B 307 -7.48 10.28 -4.65
N ARG B 308 -6.78 9.52 -3.80
CA ARG B 308 -5.52 10.01 -3.25
C ARG B 308 -4.59 10.42 -4.37
N LEU B 309 -4.51 9.59 -5.41
CA LEU B 309 -3.57 9.86 -6.49
C LEU B 309 -3.91 11.16 -7.21
N GLU B 310 -5.19 11.39 -7.51
CA GLU B 310 -5.53 12.62 -8.22
C GLU B 310 -5.29 13.84 -7.35
N GLU B 311 -5.55 13.73 -6.04
CA GLU B 311 -5.26 14.87 -5.18
C GLU B 311 -3.76 15.17 -5.14
N MET B 312 -2.94 14.12 -5.06
CA MET B 312 -1.49 14.30 -5.12
C MET B 312 -1.10 14.98 -6.41
N ASN B 313 -1.69 14.56 -7.53
CA ASN B 313 -1.38 15.17 -8.81
C ASN B 313 -1.76 16.64 -8.80
N ARG B 314 -2.89 16.98 -8.18
CA ARG B 314 -3.30 18.38 -8.10
C ARG B 314 -2.26 19.20 -7.33
N LEU B 315 -1.79 18.68 -6.20
CA LEU B 315 -0.78 19.41 -5.43
C LEU B 315 0.51 19.57 -6.24
N ARG B 316 0.95 18.51 -6.90
CA ARG B 316 2.15 18.61 -7.72
C ARG B 316 1.98 19.56 -8.89
N VAL B 317 0.77 19.66 -9.44
CA VAL B 317 0.52 20.66 -10.47
C VAL B 317 0.68 22.06 -9.90
N GLY B 318 0.08 22.30 -8.73
CA GLY B 318 0.29 23.58 -8.06
C GLY B 318 1.76 23.89 -7.88
N MET B 319 2.57 22.86 -7.63
CA MET B 319 4.03 23.01 -7.57
C MET B 319 4.55 23.93 -8.67
N HIS B 320 4.34 23.53 -9.92
CA HIS B 320 4.81 24.32 -11.05
C HIS B 320 3.96 25.55 -11.27
N GLN B 321 2.68 25.51 -10.89
CA GLN B 321 1.81 26.65 -11.14
C GLN B 321 2.24 27.89 -10.37
N TYR B 322 2.74 27.74 -9.14
CA TYR B 322 2.86 28.93 -8.31
C TYR B 322 4.05 29.79 -8.73
N GLU B 323 5.22 29.18 -8.91
CA GLU B 323 6.41 29.98 -9.22
C GLU B 323 7.33 29.27 -10.19
N ASN B 324 8.50 29.87 -10.43
CA ASN B 324 9.55 29.27 -11.25
C ASN B 324 10.05 27.94 -10.68
N ALA B 325 10.46 27.95 -9.42
CA ALA B 325 10.94 26.75 -8.75
C ALA B 325 9.74 25.89 -8.33
N LEU B 326 10.00 24.88 -7.50
CA LEU B 326 8.99 23.93 -7.08
C LEU B 326 8.43 24.36 -5.72
N LEU B 327 7.16 24.74 -5.68
CA LEU B 327 6.47 25.02 -4.43
C LEU B 327 4.97 24.90 -4.69
N MET B 328 4.33 23.93 -4.04
CA MET B 328 2.93 23.64 -4.30
C MET B 328 2.03 24.72 -3.70
N GLN B 329 0.94 25.00 -4.41
CA GLN B 329 -0.03 26.00 -4.00
C GLN B 329 -1.38 25.37 -3.74
N ARG B 330 -1.99 25.71 -2.61
CA ARG B 330 -3.34 25.29 -2.27
C ARG B 330 -4.12 26.52 -1.83
N ASP B 331 -5.35 26.64 -2.34
CA ASP B 331 -6.14 27.82 -2.09
C ASP B 331 -6.39 28.01 -0.60
N ARG B 332 -6.39 29.26 -0.16
CA ARG B 332 -6.63 29.57 1.25
C ARG B 332 -8.08 29.31 1.62
N LEU B 333 -8.30 29.08 2.92
CA LEU B 333 -9.67 28.98 3.42
C LEU B 333 -10.46 30.23 3.08
N LYS B 334 -9.92 31.39 3.44
CA LYS B 334 -10.54 32.68 3.10
C LYS B 334 -12.03 32.65 3.41
N ILE B 335 -12.38 32.14 4.59
CA ILE B 335 -13.78 32.17 5.00
C ILE B 335 -14.28 33.60 5.01
N SER B 336 -13.40 34.56 5.30
CA SER B 336 -13.79 35.95 5.22
C SER B 336 -14.30 36.30 3.83
N GLY B 337 -13.58 35.85 2.79
CA GLY B 337 -14.00 36.12 1.43
C GLY B 337 -15.05 35.15 0.95
N TRP B 338 -14.89 33.86 1.27
CA TRP B 338 -15.86 32.88 0.83
C TRP B 338 -17.25 33.21 1.36
N LEU B 339 -17.34 33.76 2.56
CA LEU B 339 -18.64 34.10 3.13
C LEU B 339 -19.37 35.11 2.24
N LEU B 340 -18.68 36.16 1.82
CA LEU B 340 -19.30 37.16 0.96
C LEU B 340 -19.46 36.67 -0.46
N SER B 341 -18.68 35.66 -0.88
CA SER B 341 -18.84 35.12 -2.22
C SER B 341 -20.25 34.63 -2.46
N ASN B 342 -20.86 34.00 -1.45
CA ASN B 342 -22.21 33.50 -1.58
C ASN B 342 -23.27 34.57 -1.37
N THR B 343 -22.89 35.74 -0.88
CA THR B 343 -23.84 36.83 -0.71
C THR B 343 -24.17 37.46 -2.04
N ASN B 344 -25.42 37.87 -2.20
CA ASN B 344 -25.86 38.54 -3.42
C ASN B 344 -26.83 39.66 -3.10
N ASP B 345 -27.52 40.17 -4.11
CA ASP B 345 -28.50 41.23 -3.94
C ASP B 345 -29.88 40.70 -3.59
N GLU B 346 -30.02 39.38 -3.45
CA GLU B 346 -31.30 38.77 -3.09
C GLU B 346 -31.33 38.27 -1.65
N SER B 347 -30.20 37.78 -1.13
CA SER B 347 -30.12 37.31 0.25
C SER B 347 -28.75 37.71 0.78
N ASP B 348 -28.73 38.73 1.64
CA ASP B 348 -27.47 39.22 2.17
C ASP B 348 -26.73 38.13 2.93
N CYS B 349 -27.43 37.42 3.82
CA CYS B 349 -26.82 36.41 4.64
C CYS B 349 -26.69 35.11 3.86
N PRO B 350 -25.48 34.58 3.67
CA PRO B 350 -25.35 33.32 2.91
C PRO B 350 -25.64 32.12 3.80
N MET B 351 -26.00 32.38 5.05
CA MET B 351 -26.25 31.33 6.03
C MET B 351 -27.73 31.13 6.27
N CYS B 352 -28.45 32.18 6.67
CA CYS B 352 -29.90 32.08 6.81
C CYS B 352 -30.61 32.36 5.49
N GLY B 353 -29.98 33.11 4.59
CA GLY B 353 -30.58 33.40 3.31
C GLY B 353 -31.59 34.52 3.37
N SER B 354 -31.16 35.69 3.82
CA SER B 354 -32.03 36.85 3.91
C SER B 354 -31.26 38.10 3.49
N HIS B 355 -32.03 39.15 3.21
CA HIS B 355 -31.46 40.44 2.80
C HIS B 355 -32.00 41.54 3.73
N THR B 356 -31.09 42.34 4.26
CA THR B 356 -31.46 43.44 5.15
C THR B 356 -30.24 44.32 5.36
N ASP B 357 -30.47 45.64 5.43
CA ASP B 357 -29.35 46.57 5.55
C ASP B 357 -28.56 46.34 6.84
N SER B 358 -29.26 46.21 7.97
CA SER B 358 -28.57 45.92 9.22
C SER B 358 -27.87 44.58 9.14
N ALA B 359 -28.55 43.58 8.59
CA ALA B 359 -27.91 42.29 8.38
C ALA B 359 -26.68 42.42 7.50
N LYS B 360 -26.79 43.19 6.42
CA LYS B 360 -25.66 43.34 5.51
C LYS B 360 -24.47 43.98 6.23
N GLN B 361 -24.70 45.06 6.97
CA GLN B 361 -23.59 45.77 7.60
C GLN B 361 -22.96 44.95 8.71
N LYS B 362 -23.76 44.25 9.52
CA LYS B 362 -23.15 43.44 10.56
C LYS B 362 -22.45 42.23 9.98
N LEU B 363 -22.98 41.67 8.88
CA LEU B 363 -22.27 40.61 8.18
C LEU B 363 -20.92 41.11 7.68
N GLN B 364 -20.90 42.32 7.12
CA GLN B 364 -19.64 42.91 6.71
C GLN B 364 -18.68 43.00 7.88
N ALA B 365 -19.14 43.56 9.00
CA ALA B 365 -18.29 43.69 10.19
C ALA B 365 -17.71 42.34 10.58
N LEU B 366 -18.55 41.31 10.54
CA LEU B 366 -18.08 39.96 10.85
C LEU B 366 -17.01 39.51 9.87
N VAL B 367 -17.16 39.83 8.58
CA VAL B 367 -16.13 39.39 7.64
C VAL B 367 -14.82 40.12 7.90
N GLN B 368 -14.87 41.40 8.28
CA GLN B 368 -13.61 42.07 8.61
C GLN B 368 -12.99 41.47 9.86
N ARG B 369 -13.80 41.08 10.85
CA ARG B 369 -13.26 40.41 12.02
C ARG B 369 -12.59 39.09 11.62
N LEU B 370 -13.24 38.33 10.74
CA LEU B 370 -12.65 37.06 10.29
C LEU B 370 -11.34 37.31 9.54
N SER B 371 -11.31 38.33 8.69
CA SER B 371 -10.09 38.66 7.97
C SER B 371 -8.98 39.05 8.94
N ASP B 372 -9.31 39.81 9.97
CA ASP B 372 -8.33 40.16 10.99
C ASP B 372 -7.78 38.90 11.66
N VAL B 373 -8.67 37.97 12.01
CA VAL B 373 -8.22 36.74 12.65
C VAL B 373 -7.29 35.97 11.72
N GLU B 374 -7.68 35.86 10.45
CA GLU B 374 -6.87 35.11 9.49
C GLU B 374 -5.52 35.77 9.28
N ALA B 375 -5.46 37.11 9.34
CA ALA B 375 -4.21 37.82 9.13
C ALA B 375 -3.16 37.45 10.17
N ALA B 376 -3.58 36.91 11.31
CA ALA B 376 -2.60 36.55 12.33
C ALA B 376 -1.62 35.51 11.82
N VAL B 377 -2.10 34.52 11.08
CA VAL B 377 -1.26 33.44 10.58
C VAL B 377 -1.47 33.29 9.08
N GLY B 378 -1.82 34.38 8.41
CA GLY B 378 -2.11 34.31 6.99
C GLY B 378 -0.89 34.03 6.13
N ALA B 379 0.02 35.00 6.05
CA ALA B 379 1.19 34.85 5.19
C ALA B 379 2.16 33.80 5.70
N ASP B 380 2.22 33.59 7.01
CA ASP B 380 3.20 32.68 7.58
C ASP B 380 3.03 31.27 7.02
N ALA B 381 1.84 30.92 6.57
CA ALA B 381 1.55 29.58 6.05
C ALA B 381 1.79 29.46 4.56
N HIS B 382 2.41 30.46 3.92
CA HIS B 382 2.66 30.45 2.49
C HIS B 382 4.14 30.42 2.15
N LYS B 383 4.99 30.06 3.10
CA LYS B 383 6.43 30.06 2.91
C LYS B 383 6.93 28.63 2.77
N GLU B 384 7.27 28.24 1.54
CA GLU B 384 7.95 26.97 1.24
C GLU B 384 7.13 25.77 1.75
N VAL B 385 6.03 25.53 1.05
CA VAL B 385 5.27 24.29 1.22
C VAL B 385 5.72 23.33 0.13
N PRO B 386 6.64 22.40 0.42
CA PRO B 386 7.15 21.50 -0.62
C PRO B 386 6.26 20.28 -0.89
N ALA B 387 6.74 19.37 -1.72
CA ALA B 387 6.09 18.07 -1.94
C ALA B 387 6.93 16.98 -1.26
N ALA B 388 6.54 16.63 -0.04
CA ALA B 388 7.18 15.56 0.70
C ALA B 388 6.53 14.20 0.45
N PHE B 389 5.40 14.17 -0.26
CA PHE B 389 4.66 12.93 -0.48
C PHE B 389 5.05 12.25 -1.79
N ASP B 390 6.34 12.07 -2.02
CA ASP B 390 6.76 11.32 -3.20
C ASP B 390 6.80 9.82 -2.93
N ARG B 391 7.24 9.42 -1.74
CA ARG B 391 7.14 8.02 -1.36
C ARG B 391 5.69 7.56 -1.39
N GLU B 392 4.80 8.36 -0.82
CA GLU B 392 3.38 8.03 -0.86
C GLU B 392 2.89 7.98 -2.29
N LEU B 393 3.32 8.93 -3.13
CA LEU B 393 2.84 8.94 -4.51
C LEU B 393 3.26 7.68 -5.23
N GLN B 394 4.51 7.24 -5.05
CA GLN B 394 4.95 6.04 -5.73
C GLN B 394 4.17 4.82 -5.25
N ARG B 395 4.02 4.66 -3.93
CA ARG B 395 3.31 3.49 -3.46
C ARG B 395 1.86 3.51 -3.94
N VAL B 396 1.24 4.69 -3.95
CA VAL B 396 -0.16 4.76 -4.35
C VAL B 396 -0.32 4.47 -5.83
N THR B 397 0.61 4.96 -6.66
CA THR B 397 0.51 4.65 -8.09
C THR B 397 0.68 3.16 -8.33
N THR B 398 1.65 2.55 -7.65
CA THR B 398 1.84 1.11 -7.79
C THR B 398 0.58 0.36 -7.38
N GLU B 399 0.00 0.74 -6.24
CA GLU B 399 -1.20 0.04 -5.77
C GLU B 399 -2.38 0.30 -6.67
N VAL B 400 -2.49 1.49 -7.25
CA VAL B 400 -3.58 1.76 -8.18
C VAL B 400 -3.46 0.87 -9.40
N ALA B 401 -2.27 0.74 -9.96
CA ALA B 401 -2.11 -0.14 -11.11
C ALA B 401 -2.45 -1.58 -10.75
N ASN B 402 -1.90 -2.07 -9.64
CA ASN B 402 -2.15 -3.45 -9.25
C ASN B 402 -3.63 -3.69 -9.01
N ALA B 403 -4.29 -2.78 -8.29
CA ALA B 403 -5.69 -2.96 -7.97
C ALA B 403 -6.56 -2.84 -9.21
N THR B 404 -6.21 -1.97 -10.14
CA THR B 404 -6.97 -1.90 -11.39
C THR B 404 -6.89 -3.22 -12.13
N GLU B 405 -5.69 -3.80 -12.21
CA GLU B 405 -5.55 -5.10 -12.85
C GLU B 405 -6.43 -6.13 -12.16
N ARG B 406 -6.34 -6.21 -10.83
CA ARG B 406 -7.08 -7.22 -10.09
C ARG B 406 -8.58 -7.03 -10.24
N LEU B 407 -9.04 -5.78 -10.20
CA LEU B 407 -10.46 -5.49 -10.35
C LEU B 407 -10.95 -5.89 -11.73
N ARG B 408 -10.17 -5.59 -12.77
CA ARG B 408 -10.59 -5.99 -14.10
C ARG B 408 -10.67 -7.51 -14.21
N ALA B 409 -9.72 -8.21 -13.60
CA ALA B 409 -9.78 -9.67 -13.61
C ALA B 409 -11.06 -10.16 -12.96
N ILE B 410 -11.36 -9.67 -11.75
CA ILE B 410 -12.56 -10.13 -11.06
C ILE B 410 -13.81 -9.76 -11.83
N GLN B 411 -13.83 -8.57 -12.42
CA GLN B 411 -15.00 -8.13 -13.16
C GLN B 411 -15.23 -9.02 -14.38
N SER B 412 -14.18 -9.36 -15.12
CA SER B 412 -14.35 -10.26 -16.26
C SER B 412 -14.82 -11.63 -15.80
N ARG B 413 -14.27 -12.13 -14.71
CA ARG B 413 -14.70 -13.44 -14.20
C ARG B 413 -16.18 -13.42 -13.85
N LYS B 414 -16.63 -12.37 -13.16
CA LYS B 414 -18.03 -12.29 -12.78
C LYS B 414 -18.93 -12.08 -14.00
N ARG B 415 -18.47 -11.29 -14.97
CA ARG B 415 -19.24 -11.13 -16.20
C ARG B 415 -19.45 -12.47 -16.86
N THR B 416 -18.41 -13.30 -16.89
CA THR B 416 -18.57 -14.64 -17.45
C THR B 416 -19.61 -15.42 -16.67
N LEU B 417 -19.47 -15.48 -15.34
CA LEU B 417 -20.39 -16.28 -14.56
C LEU B 417 -21.84 -15.82 -14.69
N THR B 418 -22.06 -14.51 -14.85
CA THR B 418 -23.43 -14.02 -15.01
C THR B 418 -23.93 -14.25 -16.43
N SER B 419 -23.25 -13.69 -17.43
CA SER B 419 -23.65 -13.91 -18.82
C SER B 419 -23.81 -15.38 -19.15
N ARG B 420 -23.27 -16.27 -18.32
CA ARG B 420 -23.56 -17.68 -18.43
C ARG B 420 -24.82 -18.07 -17.67
N SER B 421 -25.79 -17.17 -17.59
CA SER B 421 -27.09 -17.49 -17.05
C SER B 421 -28.24 -16.84 -17.80
N LYS B 422 -27.98 -16.01 -18.81
CA LYS B 422 -29.03 -15.23 -19.43
C LYS B 422 -29.63 -15.92 -20.66
N GLU B 423 -28.83 -16.06 -21.72
CA GLU B 423 -29.22 -16.87 -22.87
C GLU B 423 -28.06 -17.62 -23.49
N ALA B 424 -26.86 -17.53 -22.92
CA ALA B 424 -25.75 -18.32 -23.40
C ALA B 424 -25.90 -19.78 -23.01
N ARG B 425 -26.28 -20.04 -21.75
CA ARG B 425 -26.54 -21.41 -21.36
C ARG B 425 -27.78 -21.98 -22.02
N GLU B 426 -28.58 -21.14 -22.70
CA GLU B 426 -29.90 -21.58 -23.15
C GLU B 426 -29.85 -22.96 -23.78
N GLN B 427 -28.69 -23.37 -24.28
CA GLN B 427 -28.48 -24.75 -24.68
C GLN B 427 -27.26 -25.38 -24.02
N GLN B 428 -26.48 -24.62 -23.25
CA GLN B 428 -25.17 -25.12 -22.80
C GLN B 428 -25.29 -26.43 -22.05
N PHE B 429 -26.28 -26.57 -21.17
CA PHE B 429 -26.35 -27.80 -20.40
C PHE B 429 -26.61 -29.01 -21.30
N SER B 430 -27.01 -28.78 -22.55
CA SER B 430 -27.09 -29.87 -23.51
C SER B 430 -25.70 -30.39 -23.87
N THR B 431 -25.57 -31.71 -23.93
CA THR B 431 -24.27 -32.30 -24.27
C THR B 431 -23.76 -31.77 -25.60
N ARG B 432 -24.67 -31.58 -26.55
CA ARG B 432 -24.25 -31.06 -27.85
C ARG B 432 -23.50 -29.74 -27.71
N ARG B 433 -23.80 -28.98 -26.66
CA ARG B 433 -23.09 -27.73 -26.40
C ARG B 433 -21.98 -27.87 -25.37
N ALA B 434 -22.07 -28.86 -24.49
CA ALA B 434 -20.94 -29.15 -23.62
C ALA B 434 -19.71 -29.55 -24.42
N GLU B 435 -19.92 -30.32 -25.49
CA GLU B 435 -18.81 -30.64 -26.37
C GLU B 435 -18.21 -29.38 -26.98
N ARG B 436 -19.06 -28.44 -27.37
CA ARG B 436 -18.56 -27.18 -27.92
C ARG B 436 -17.72 -26.44 -26.88
N PHE B 437 -18.18 -26.45 -25.62
CA PHE B 437 -17.40 -25.82 -24.57
C PHE B 437 -16.04 -26.50 -24.41
N ILE B 438 -16.02 -27.83 -24.46
CA ILE B 438 -14.75 -28.53 -24.33
C ILE B 438 -13.85 -28.22 -25.52
N GLY B 439 -14.42 -28.06 -26.70
CA GLY B 439 -13.62 -27.60 -27.82
C GLY B 439 -12.99 -26.26 -27.54
N ASN B 440 -13.78 -25.33 -27.00
CA ASN B 440 -13.23 -24.02 -26.64
C ASN B 440 -12.08 -24.16 -25.66
N VAL B 441 -12.27 -24.96 -24.61
CA VAL B 441 -11.26 -25.02 -23.57
C VAL B 441 -10.01 -25.70 -24.09
N GLU B 442 -10.13 -26.74 -24.91
CA GLU B 442 -8.93 -27.41 -25.38
C GLU B 442 -8.27 -26.65 -26.53
N SER B 443 -8.94 -25.64 -27.08
CA SER B 443 -8.22 -24.69 -27.91
C SER B 443 -7.49 -23.65 -27.08
N ALA B 444 -8.08 -23.21 -25.96
CA ALA B 444 -7.43 -22.20 -25.14
C ALA B 444 -6.27 -22.75 -24.33
N LEU B 445 -6.32 -24.03 -23.97
CA LEU B 445 -5.27 -24.61 -23.17
C LEU B 445 -3.90 -24.44 -23.82
N GLU B 446 -3.84 -24.37 -25.14
CA GLU B 446 -2.56 -24.12 -25.78
C GLU B 446 -1.94 -22.82 -25.29
N LEU B 447 -2.67 -21.72 -25.40
CA LEU B 447 -2.16 -20.44 -24.92
C LEU B 447 -1.94 -20.48 -23.40
N HIS B 448 -2.88 -21.07 -22.67
CA HIS B 448 -2.74 -21.08 -21.22
C HIS B 448 -1.56 -21.92 -20.77
N ARG B 449 -1.06 -22.80 -21.64
CA ARG B 449 0.18 -23.50 -21.36
C ARG B 449 1.38 -22.64 -21.73
N LYS B 450 1.29 -21.92 -22.85
CA LYS B 450 2.39 -21.02 -23.20
C LYS B 450 2.58 -19.94 -22.14
N LEU B 451 1.48 -19.39 -21.64
CA LEU B 451 1.56 -18.21 -20.78
C LEU B 451 2.00 -18.58 -19.37
N GLY B 452 2.98 -17.85 -18.86
CA GLY B 452 3.40 -18.01 -17.49
C GLY B 452 4.05 -19.34 -17.16
N SER B 453 4.35 -20.15 -18.16
CA SER B 453 5.01 -21.43 -17.96
C SER B 453 6.44 -21.33 -18.50
N ASP B 454 7.41 -21.59 -17.63
CA ASP B 454 8.81 -21.53 -18.03
C ASP B 454 9.56 -22.64 -17.31
N SER B 455 10.36 -23.40 -18.06
CA SER B 455 11.22 -24.42 -17.50
C SER B 455 12.70 -24.14 -17.72
N GLU B 456 13.04 -23.31 -18.70
CA GLU B 456 14.45 -23.00 -18.93
C GLU B 456 15.00 -22.10 -17.83
N LEU B 457 14.23 -21.09 -17.41
CA LEU B 457 14.74 -20.16 -16.40
C LEU B 457 14.77 -20.80 -15.03
N VAL B 458 13.81 -21.66 -14.71
CA VAL B 458 13.84 -22.33 -13.42
C VAL B 458 15.06 -23.24 -13.33
N GLU B 459 15.38 -23.96 -14.40
CA GLU B 459 16.59 -24.79 -14.39
C GLU B 459 17.85 -23.95 -14.41
N GLU B 460 17.84 -22.81 -15.08
CA GLU B 460 19.00 -21.91 -15.03
C GLU B 460 19.25 -21.45 -13.60
N VAL B 461 18.19 -21.06 -12.90
CA VAL B 461 18.34 -20.66 -11.51
C VAL B 461 18.78 -21.84 -10.67
N ARG B 462 18.28 -23.04 -10.98
CA ARG B 462 18.68 -24.22 -10.22
C ARG B 462 20.17 -24.49 -10.37
N LYS B 463 20.69 -24.43 -11.59
CA LYS B 463 22.11 -24.67 -11.80
C LYS B 463 22.96 -23.55 -11.21
N LEU B 464 22.48 -22.31 -11.26
CA LEU B 464 23.18 -21.24 -10.57
C LEU B 464 23.26 -21.52 -9.08
N LYS B 465 22.15 -21.96 -8.49
CA LYS B 465 22.17 -22.30 -7.06
C LYS B 465 23.11 -23.47 -6.79
N GLU B 466 23.17 -24.42 -7.71
CA GLU B 466 24.04 -25.58 -7.50
C GLU B 466 25.52 -25.18 -7.54
N MET B 467 25.91 -24.35 -8.52
CA MET B 467 27.28 -23.86 -8.51
C MET B 467 27.55 -22.99 -7.29
N VAL B 468 26.55 -22.25 -6.82
CA VAL B 468 26.73 -21.48 -5.58
C VAL B 468 27.00 -22.42 -4.42
N GLN B 469 26.26 -23.53 -4.35
CA GLN B 469 26.48 -24.49 -3.28
C GLN B 469 27.87 -25.10 -3.37
N THR B 470 28.31 -25.41 -4.60
CA THR B 470 29.66 -25.94 -4.76
C THR B 470 30.70 -24.94 -4.29
N LEU B 471 30.53 -23.66 -4.64
CA LEU B 471 31.49 -22.65 -4.21
C LEU B 471 31.46 -22.49 -2.69
N GLU B 472 30.27 -22.55 -2.09
CA GLU B 472 30.19 -22.50 -0.63
C GLU B 472 30.95 -23.66 -0.01
N LYS B 473 30.76 -24.87 -0.53
CA LYS B 473 31.42 -26.02 0.05
C LYS B 473 32.93 -25.92 -0.11
N GLU B 474 33.39 -25.47 -1.27
CA GLU B 474 34.82 -25.34 -1.53
C GLU B 474 35.44 -24.28 -0.61
N LEU B 475 34.81 -23.10 -0.51
CA LEU B 475 35.35 -22.04 0.32
C LEU B 475 35.37 -22.44 1.79
N ARG B 476 34.31 -23.11 2.24
CA ARG B 476 34.12 -23.40 3.67
C ARG B 476 34.15 -22.11 4.47
N GLU B 477 33.22 -21.23 4.14
CA GLU B 477 33.09 -19.95 4.83
C GLU B 477 32.63 -20.22 6.26
N LYS B 478 32.45 -19.15 7.04
CA LYS B 478 32.09 -19.21 8.45
C LYS B 478 33.24 -19.74 9.30
N ASP B 479 34.40 -20.01 8.71
CA ASP B 479 35.59 -20.38 9.45
C ASP B 479 36.76 -19.43 9.21
N VAL B 480 36.80 -18.77 8.04
CA VAL B 480 37.84 -17.78 7.79
C VAL B 480 37.72 -16.63 8.78
N GLU B 481 36.50 -16.15 9.00
CA GLU B 481 36.30 -15.09 9.98
C GLU B 481 36.65 -15.53 11.39
N LEU B 482 36.50 -16.82 11.70
CA LEU B 482 36.96 -17.32 13.00
C LEU B 482 38.47 -17.18 13.11
N ARG B 483 39.20 -17.52 12.04
CA ARG B 483 40.63 -17.33 12.03
C ARG B 483 40.99 -15.85 12.18
N LYS B 484 40.23 -14.98 11.52
CA LYS B 484 40.47 -13.54 11.65
C LYS B 484 40.25 -13.08 13.09
N ASN B 485 39.20 -13.60 13.73
CA ASN B 485 38.94 -13.26 15.12
C ASN B 485 40.08 -13.71 16.02
N GLN B 486 40.57 -14.93 15.81
CA GLN B 486 41.71 -15.40 16.59
C GLN B 486 42.93 -14.53 16.36
N ALA B 487 43.18 -14.18 15.09
CA ALA B 487 44.34 -13.36 14.75
C ALA B 487 44.27 -12.00 15.43
N LEU B 488 43.12 -11.35 15.37
CA LEU B 488 42.98 -10.04 16.00
C LEU B 488 43.03 -10.14 17.51
N ARG B 489 42.54 -11.24 18.09
CA ARG B 489 42.66 -11.43 19.53
C ARG B 489 44.13 -11.53 19.94
N VAL B 490 44.91 -12.31 19.20
CA VAL B 490 46.34 -12.39 19.47
C VAL B 490 47.00 -11.04 19.29
N ILE B 491 46.59 -10.31 18.24
CA ILE B 491 47.14 -8.99 17.98
C ILE B 491 46.89 -8.08 19.18
N ASN B 492 45.67 -8.07 19.70
CA ASN B 492 45.35 -7.23 20.84
C ASN B 492 46.12 -7.66 22.07
N ALA B 493 46.27 -8.97 22.28
CA ALA B 493 47.01 -9.45 23.44
C ALA B 493 48.44 -8.94 23.42
N GLN B 494 49.15 -9.16 22.30
CA GLN B 494 50.54 -8.71 22.26
C GLN B 494 50.64 -7.19 22.14
N ALA B 495 49.60 -6.52 21.65
CA ALA B 495 49.60 -5.06 21.64
C ALA B 495 49.54 -4.52 23.06
N GLY B 496 48.68 -5.08 23.90
CA GLY B 496 48.71 -4.73 25.31
C GLY B 496 50.04 -5.08 25.95
N ASN B 497 50.61 -6.23 25.59
CA ASN B 497 51.93 -6.60 26.09
C ASN B 497 52.94 -5.50 25.79
N ILE B 498 52.99 -5.04 24.54
CA ILE B 498 53.91 -3.97 24.18
C ILE B 498 53.57 -2.70 24.92
N LEU B 499 52.28 -2.37 25.01
CA LEU B 499 51.86 -1.14 25.67
C LEU B 499 52.36 -1.09 27.10
N GLN B 500 52.42 -2.24 27.77
CA GLN B 500 53.02 -2.25 29.11
C GLN B 500 54.42 -1.67 29.08
N GLY B 501 55.18 -1.97 28.03
CA GLY B 501 56.52 -1.41 27.89
C GLY B 501 56.53 0.06 27.49
N LEU B 502 55.42 0.56 26.95
CA LEU B 502 55.32 1.95 26.54
C LEU B 502 54.66 2.78 27.63
N ASP B 503 55.24 3.95 27.88
CA ASP B 503 54.73 4.85 28.94
C ASP B 503 53.46 5.53 28.44
N VAL B 504 52.37 4.78 28.49
CA VAL B 504 51.05 5.28 28.15
C VAL B 504 50.38 5.77 29.41
N GLU B 505 49.51 6.76 29.27
CA GLU B 505 48.84 7.37 30.42
C GLU B 505 47.73 6.50 30.99
N ASP B 506 47.36 5.41 30.32
CA ASP B 506 46.30 4.52 30.80
C ASP B 506 46.55 3.12 30.25
N PRO B 507 47.62 2.46 30.70
CA PRO B 507 47.92 1.11 30.20
C PRO B 507 46.88 0.08 30.59
N SER B 508 46.04 0.36 31.58
CA SER B 508 45.01 -0.58 32.00
C SER B 508 43.90 -0.74 30.96
N ALA B 509 43.84 0.12 29.97
CA ALA B 509 42.82 0.05 28.93
C ALA B 509 43.36 -0.72 27.74
N PRO B 510 42.75 -1.86 27.37
CA PRO B 510 43.26 -2.61 26.21
C PRO B 510 43.14 -1.84 24.91
N ILE B 511 43.64 -2.44 23.82
CA ILE B 511 43.56 -1.86 22.49
C ILE B 511 43.01 -2.91 21.54
N SER B 512 42.07 -2.50 20.70
CA SER B 512 41.49 -3.38 19.67
C SER B 512 41.80 -2.80 18.30
N LEU B 513 42.36 -3.62 17.42
CA LEU B 513 42.54 -3.25 16.03
C LEU B 513 41.25 -3.49 15.28
N GLU B 514 40.51 -2.43 15.02
CA GLU B 514 39.21 -2.51 14.39
C GLU B 514 39.43 -2.44 12.88
N ILE B 515 39.20 -3.57 12.21
CA ILE B 515 39.48 -3.70 10.79
C ILE B 515 38.48 -2.90 9.97
N ASN B 516 37.20 -2.99 10.31
CA ASN B 516 36.17 -2.46 9.42
C ASN B 516 36.36 -0.96 9.15
N ASP B 517 37.06 -0.26 10.04
CA ASP B 517 37.33 1.16 9.82
C ASP B 517 38.80 1.44 9.51
N LEU B 518 39.65 0.41 9.46
CA LEU B 518 41.08 0.61 9.22
C LEU B 518 41.72 1.41 10.35
N THR B 519 41.41 1.07 11.60
CA THR B 519 41.85 1.90 12.71
C THR B 519 41.89 1.06 13.99
N ILE B 520 41.99 1.75 15.12
CA ILE B 520 41.96 1.12 16.42
C ILE B 520 40.82 1.72 17.22
N LYS B 521 40.04 0.86 17.85
CA LYS B 521 38.93 1.27 18.71
C LYS B 521 39.41 1.15 20.14
N VAL B 522 39.69 2.29 20.78
CA VAL B 522 40.26 2.30 22.11
C VAL B 522 39.23 1.78 23.11
N LEU B 523 39.64 0.81 23.93
CA LEU B 523 38.76 0.27 24.95
C LEU B 523 38.49 1.32 26.02
N GLY B 524 37.27 1.32 26.55
CA GLY B 524 36.92 2.22 27.62
C GLY B 524 35.71 1.72 28.37
N ASP B 525 35.72 1.93 29.69
CA ASP B 525 34.60 1.55 30.53
C ASP B 525 33.50 2.59 30.54
N GLU B 526 33.86 3.88 30.56
CA GLU B 526 32.85 4.92 30.49
C GLU B 526 32.08 4.85 29.18
N ARG B 527 32.77 4.60 28.08
CA ARG B 527 32.16 4.47 26.76
C ARG B 527 33.25 4.07 25.78
N ASP B 528 32.84 3.41 24.69
CA ASP B 528 33.79 3.05 23.65
C ASP B 528 34.38 4.31 23.05
N ASP B 529 35.70 4.32 22.89
CA ASP B 529 36.43 5.49 22.45
C ASP B 529 37.33 5.15 21.26
N TYR B 530 37.55 6.15 20.42
CA TYR B 530 38.44 6.05 19.26
C TYR B 530 39.74 6.79 19.58
N LEU B 531 40.69 6.73 18.64
CA LEU B 531 41.93 7.46 18.81
C LEU B 531 41.78 8.95 18.54
N SER B 532 40.89 9.33 17.61
CA SER B 532 40.70 10.74 17.30
C SER B 532 39.91 11.47 18.39
N GLU B 533 39.19 10.75 19.24
CA GLU B 533 38.39 11.41 20.27
C GLU B 533 39.27 12.18 21.25
N ILE B 534 40.40 11.61 21.65
CA ILE B 534 41.24 12.18 22.69
C ILE B 534 42.59 12.58 22.07
N GLY B 535 43.25 13.54 22.72
CA GLY B 535 44.53 14.04 22.24
C GLY B 535 45.70 13.20 22.73
N SER B 536 46.68 13.84 23.35
CA SER B 536 47.83 13.16 23.93
C SER B 536 48.60 12.37 22.86
N GLY B 537 49.17 13.14 21.92
CA GLY B 537 49.94 12.55 20.83
C GLY B 537 50.93 11.50 21.29
N SER B 538 51.42 11.60 22.52
CA SER B 538 52.28 10.54 23.04
C SER B 538 51.55 9.21 23.05
N ASN B 539 50.29 9.20 23.50
CA ASN B 539 49.51 7.98 23.45
C ASN B 539 49.27 7.52 22.01
N TRP B 540 49.07 8.47 21.10
CA TRP B 540 48.91 8.12 19.69
C TRP B 540 50.13 7.34 19.18
N LEU B 541 51.32 7.87 19.43
CA LEU B 541 52.54 7.21 18.98
C LEU B 541 52.73 5.87 19.68
N SER B 542 52.44 5.82 20.98
CA SER B 542 52.55 4.55 21.70
C SER B 542 51.62 3.51 21.08
N TYR B 543 50.40 3.92 20.75
CA TYR B 543 49.43 2.99 20.17
C TYR B 543 49.90 2.51 18.80
N HIS B 544 50.37 3.42 17.95
CA HIS B 544 50.87 2.98 16.64
C HIS B 544 52.03 2.02 16.80
N LEU B 545 53.00 2.35 17.66
CA LEU B 545 54.13 1.46 17.83
C LEU B 545 53.67 0.08 18.30
N ALA B 546 52.85 0.04 19.34
CA ALA B 546 52.40 -1.24 19.87
C ALA B 546 51.69 -2.06 18.80
N ILE B 547 50.76 -1.43 18.08
CA ILE B 547 49.95 -2.20 17.13
C ILE B 547 50.79 -2.65 15.95
N LEU B 548 51.66 -1.78 15.43
CA LEU B 548 52.45 -2.16 14.26
C LEU B 548 53.41 -3.28 14.60
N LEU B 549 54.09 -3.19 15.73
CA LEU B 549 54.95 -4.30 16.13
C LEU B 549 54.15 -5.55 16.44
N SER B 550 52.93 -5.41 16.97
CA SER B 550 52.08 -6.58 17.15
C SER B 550 51.77 -7.24 15.82
N LEU B 551 51.43 -6.44 14.81
CA LEU B 551 51.09 -7.00 13.50
C LEU B 551 52.30 -7.69 12.89
N HIS B 552 53.48 -7.07 12.99
CA HIS B 552 54.67 -7.71 12.45
C HIS B 552 55.02 -8.99 13.19
N GLN B 553 54.85 -8.99 14.51
CA GLN B 553 55.08 -10.20 15.28
C GLN B 553 54.13 -11.31 14.85
N PHE B 554 52.86 -10.98 14.66
CA PHE B 554 51.89 -11.99 14.21
C PHE B 554 52.22 -12.48 12.81
N TYR B 555 52.64 -11.57 11.93
CA TYR B 555 53.05 -11.98 10.58
C TYR B 555 54.19 -12.99 10.65
N LEU B 556 55.25 -12.66 11.39
CA LEU B 556 56.37 -13.57 11.48
C LEU B 556 56.06 -14.80 12.31
N SER B 557 54.98 -14.78 13.08
CA SER B 557 54.57 -15.98 13.81
C SER B 557 54.21 -17.11 12.86
N GLN B 558 53.67 -16.77 11.69
CA GLN B 558 53.39 -17.74 10.63
C GLN B 558 54.43 -17.60 9.53
N LYS B 559 54.38 -18.52 8.58
CA LYS B 559 55.34 -18.60 7.50
C LYS B 559 54.68 -18.26 6.17
N ASN B 560 55.51 -17.93 5.18
CA ASN B 560 55.04 -17.63 3.83
C ASN B 560 54.10 -16.43 3.82
N ASN B 561 54.24 -15.55 4.81
CA ASN B 561 53.38 -14.39 4.88
C ASN B 561 53.77 -13.36 3.83
N PRO B 562 52.80 -12.86 3.05
CA PRO B 562 53.18 -11.96 1.95
C PRO B 562 53.86 -10.69 2.41
N VAL B 563 53.53 -10.23 3.61
CA VAL B 563 54.07 -8.95 4.10
C VAL B 563 55.57 -9.10 4.32
N PRO B 564 56.37 -8.08 3.99
CA PRO B 564 57.80 -8.14 4.31
C PRO B 564 58.01 -8.23 5.82
N SER B 565 59.27 -8.37 6.21
CA SER B 565 59.67 -8.45 7.60
C SER B 565 60.57 -7.27 7.97
N PHE B 566 60.30 -6.10 7.42
CA PHE B 566 61.02 -4.88 7.76
C PHE B 566 60.03 -3.75 7.90
N LEU B 567 60.31 -2.85 8.84
CA LEU B 567 59.44 -1.72 9.14
C LEU B 567 60.27 -0.45 9.20
N ILE B 568 59.66 0.66 8.80
CA ILE B 568 60.32 1.96 8.80
C ILE B 568 59.44 2.92 9.59
N LEU B 569 60.03 3.53 10.62
CA LEU B 569 59.40 4.64 11.33
C LEU B 569 60.18 5.91 11.02
N ASP B 570 59.47 7.01 10.82
CA ASP B 570 60.08 8.28 10.43
C ASP B 570 59.85 9.29 11.55
N GLN B 571 60.93 9.67 12.23
CA GLN B 571 60.86 10.67 13.27
C GLN B 571 59.80 10.32 14.30
N PRO B 572 59.92 9.18 15.00
CA PRO B 572 58.95 8.89 16.07
C PRO B 572 59.31 9.58 17.36
N SER B 573 59.69 10.86 17.26
CA SER B 573 59.96 11.68 18.41
C SER B 573 59.49 13.12 18.24
N GLN B 574 58.87 13.45 17.10
CA GLN B 574 58.46 14.83 16.86
C GLN B 574 57.42 15.29 17.85
N VAL B 575 56.67 14.37 18.45
CA VAL B 575 55.70 14.73 19.49
C VAL B 575 56.38 15.24 20.74
N TYR B 576 57.70 15.10 20.85
CA TYR B 576 58.47 15.58 21.99
C TYR B 576 59.32 16.78 21.61
N PHE B 577 58.78 17.66 20.77
CA PHE B 577 59.49 18.86 20.35
C PHE B 577 58.83 20.10 20.94
N GLU B 597 63.73 14.15 31.36
CA GLU B 597 62.32 13.95 31.11
C GLU B 597 62.05 13.82 29.62
N ASP B 598 62.81 14.57 28.82
CA ASP B 598 62.69 14.52 27.38
C ASP B 598 63.25 13.25 26.77
N VAL B 599 63.95 12.44 27.58
CA VAL B 599 64.63 11.26 27.05
C VAL B 599 64.02 9.96 27.56
N GLU B 600 63.32 9.99 28.69
CA GLU B 600 62.83 8.75 29.28
C GLU B 600 61.77 8.09 28.41
N ALA B 601 60.86 8.87 27.84
CA ALA B 601 59.79 8.28 27.03
C ALA B 601 60.35 7.63 25.77
N VAL B 602 61.18 8.37 25.02
CA VAL B 602 61.76 7.81 23.82
C VAL B 602 62.65 6.63 24.16
N ARG B 603 63.35 6.69 25.29
CA ARG B 603 64.17 5.56 25.71
C ARG B 603 63.30 4.33 25.98
N ARG B 604 62.17 4.52 26.65
CA ARG B 604 61.26 3.41 26.89
C ARG B 604 60.80 2.80 25.58
N ALA B 605 60.38 3.65 24.63
CA ALA B 605 59.89 3.16 23.35
C ALA B 605 60.98 2.39 22.61
N PHE B 606 62.19 2.95 22.58
CA PHE B 606 63.27 2.31 21.84
C PHE B 606 63.69 1.00 22.49
N LYS B 607 63.71 0.93 23.83
CA LYS B 607 64.06 -0.33 24.46
C LYS B 607 62.98 -1.38 24.23
N ALA B 608 61.70 -0.97 24.20
CA ALA B 608 60.65 -1.91 23.84
C ALA B 608 60.83 -2.41 22.42
N MET B 609 61.18 -1.52 21.49
CA MET B 609 61.42 -1.92 20.11
C MET B 609 62.58 -2.91 20.03
N GLY B 610 63.66 -2.64 20.77
CA GLY B 610 64.77 -3.57 20.80
C GLY B 610 64.37 -4.91 21.38
N ASN B 611 63.55 -4.91 22.43
CA ASN B 611 63.09 -6.16 23.00
C ASN B 611 62.32 -6.97 21.97
N VAL B 612 61.36 -6.35 21.30
CA VAL B 612 60.54 -7.09 20.33
C VAL B 612 61.42 -7.59 19.19
N VAL B 613 62.38 -6.79 18.73
CA VAL B 613 63.23 -7.22 17.63
C VAL B 613 64.10 -8.40 18.06
N ILE B 614 64.70 -8.32 19.25
CA ILE B 614 65.59 -9.38 19.70
C ILE B 614 64.82 -10.67 19.93
N LYS B 615 63.66 -10.58 20.60
CA LYS B 615 62.84 -11.76 20.81
C LYS B 615 62.31 -12.35 19.52
N GLU B 616 62.40 -11.59 18.42
CA GLU B 616 62.00 -12.08 17.12
C GLU B 616 63.09 -12.89 16.43
N LYS B 617 64.24 -13.08 17.08
CA LYS B 617 65.33 -13.88 16.55
C LYS B 617 65.91 -13.25 15.28
N GLY B 618 66.30 -11.98 15.41
CA GLY B 618 67.03 -11.29 14.37
C GLY B 618 66.51 -11.48 12.96
N LYS B 619 65.19 -11.68 12.83
CA LYS B 619 64.57 -11.80 11.52
C LYS B 619 63.78 -10.57 11.12
N LEU B 620 63.35 -9.75 12.08
CA LEU B 620 62.62 -8.53 11.82
C LEU B 620 63.58 -7.35 11.83
N GLN B 621 63.47 -6.49 10.82
CA GLN B 621 64.34 -5.34 10.68
C GLN B 621 63.56 -4.06 10.94
N LEU B 622 64.16 -3.13 11.68
CA LEU B 622 63.54 -1.86 12.01
C LEU B 622 64.46 -0.73 11.60
N ILE B 623 63.91 0.26 10.91
CA ILE B 623 64.65 1.43 10.46
C ILE B 623 63.93 2.63 11.03
N VAL B 624 64.52 3.26 12.05
CA VAL B 624 63.86 4.34 12.78
C VAL B 624 64.66 5.62 12.53
N LEU B 625 64.14 6.48 11.68
CA LEU B 625 64.69 7.82 11.55
C LEU B 625 64.22 8.67 12.73
N ASP B 626 65.16 9.34 13.38
CA ASP B 626 64.83 10.08 14.59
C ASP B 626 65.79 11.24 14.73
N HIS B 627 65.35 12.24 15.48
CA HIS B 627 66.18 13.39 15.81
C HIS B 627 66.90 13.23 17.14
N ALA B 628 66.62 12.16 17.88
CA ALA B 628 67.20 12.00 19.20
C ALA B 628 68.72 11.91 19.12
N PRO B 629 69.45 12.45 20.10
CA PRO B 629 70.91 12.32 20.09
C PRO B 629 71.36 10.87 20.05
N ARG B 630 72.66 10.70 19.82
CA ARG B 630 73.21 9.36 19.68
C ARG B 630 73.02 8.54 20.94
N GLU B 631 73.43 9.09 22.09
CA GLU B 631 73.33 8.36 23.34
C GLU B 631 71.89 8.04 23.71
N VAL B 632 70.93 8.87 23.30
CA VAL B 632 69.54 8.64 23.67
C VAL B 632 69.10 7.24 23.25
N TRP B 633 69.42 6.87 22.00
CA TRP B 633 69.10 5.53 21.53
C TRP B 633 70.23 4.55 21.76
N GLY B 634 71.41 5.02 22.16
CA GLY B 634 72.49 4.10 22.51
C GLY B 634 72.31 3.42 23.84
N GLU B 635 71.51 4.01 24.74
CA GLU B 635 71.29 3.42 26.05
C GLU B 635 70.55 2.09 25.97
N ILE B 636 69.89 1.81 24.86
CA ILE B 636 69.14 0.57 24.69
C ILE B 636 70.11 -0.57 24.46
N ASP B 637 69.89 -1.69 25.15
CA ASP B 637 70.71 -2.88 24.97
C ASP B 637 70.18 -3.69 23.79
N GLY B 638 71.03 -3.94 22.81
CA GLY B 638 70.65 -4.70 21.64
C GLY B 638 70.23 -3.89 20.44
N VAL B 639 70.42 -2.57 20.46
CA VAL B 639 70.10 -1.70 19.34
C VAL B 639 71.37 -0.99 18.92
N VAL B 640 71.61 -0.94 17.61
CA VAL B 640 72.84 -0.39 17.06
C VAL B 640 72.51 0.66 16.03
N GLY B 641 73.42 1.61 15.84
CA GLY B 641 73.24 2.69 14.90
C GLY B 641 74.50 3.52 14.82
N LEU B 642 74.37 4.71 14.23
CA LEU B 642 75.50 5.62 14.13
C LEU B 642 74.99 7.05 13.95
N PRO B 643 75.69 8.07 14.50
CA PRO B 643 75.24 9.45 14.31
C PRO B 643 75.47 9.96 12.90
N GLU B 644 75.88 9.06 12.01
CA GLU B 644 75.87 9.31 10.57
C GLU B 644 74.43 9.14 10.10
N TRP B 645 74.24 8.92 8.80
CA TRP B 645 72.94 8.51 8.27
C TRP B 645 72.02 9.70 8.05
N ARG B 646 72.56 10.91 8.20
CA ARG B 646 71.79 12.15 8.06
C ARG B 646 70.83 12.11 6.88
N ASP B 647 69.57 12.46 7.12
CA ASP B 647 68.55 12.55 6.09
C ASP B 647 68.34 14.01 5.69
N GLY B 648 67.47 14.23 4.70
CA GLY B 648 67.25 15.55 4.16
C GLY B 648 68.39 15.98 3.28
N ILE B 649 68.44 17.29 3.02
CA ILE B 649 69.50 17.84 2.17
C ILE B 649 70.87 17.45 2.72
N LYS B 650 70.94 17.13 4.01
CA LYS B 650 72.19 16.69 4.61
C LYS B 650 72.66 15.34 4.09
N LEU B 651 71.73 14.45 3.71
CA LEU B 651 72.15 13.14 3.22
C LEU B 651 73.02 13.28 1.98
N VAL B 652 72.75 14.28 1.15
CA VAL B 652 73.57 14.55 -0.03
C VAL B 652 74.93 15.02 0.46
N PRO B 653 76.03 14.41 0.02
CA PRO B 653 77.35 14.92 0.43
C PRO B 653 77.51 16.38 0.04
N MET B 654 78.16 17.14 0.93
CA MET B 654 78.29 18.57 0.73
C MET B 654 78.97 18.91 -0.59
N GLU B 655 79.87 18.06 -1.07
CA GLU B 655 80.55 18.34 -2.33
C GLU B 655 79.58 18.36 -3.51
N TRP B 656 78.57 17.48 -3.49
CA TRP B 656 77.52 17.56 -4.52
C TRP B 656 76.74 18.84 -4.41
N LEU B 657 76.54 19.35 -3.19
CA LEU B 657 75.71 20.53 -2.97
C LEU B 657 76.42 21.78 -3.47
N THR B 658 76.11 22.18 -4.70
CA THR B 658 76.68 23.38 -5.31
C THR B 658 75.82 24.62 -5.08
N GLY B 659 74.68 24.49 -4.41
CA GLY B 659 73.81 25.62 -4.17
C GLY B 659 72.51 25.24 -3.51
N VAL B 660 71.44 25.98 -3.83
CA VAL B 660 70.12 25.72 -3.26
C VAL B 660 69.66 24.32 -3.60
N SER C 26 -73.64 -19.54 -0.24
CA SER C 26 -72.16 -19.45 -0.33
C SER C 26 -71.53 -20.14 0.88
N LEU C 27 -72.17 -21.20 1.36
CA LEU C 27 -71.64 -21.96 2.48
C LEU C 27 -70.95 -23.24 2.02
N GLN C 28 -71.51 -23.92 1.01
CA GLN C 28 -70.86 -25.14 0.51
C GLN C 28 -69.45 -24.85 0.03
N PHE C 29 -69.21 -23.66 -0.52
CA PHE C 29 -67.85 -23.29 -0.92
C PHE C 29 -66.91 -23.34 0.27
N THR C 30 -67.34 -22.79 1.41
CA THR C 30 -66.51 -22.81 2.60
C THR C 30 -66.22 -24.23 3.04
N LEU C 31 -67.26 -25.07 3.06
CA LEU C 31 -67.09 -26.45 3.50
C LEU C 31 -66.12 -27.19 2.60
N LEU C 32 -66.33 -27.12 1.29
CA LEU C 32 -65.47 -27.85 0.36
C LEU C 32 -64.04 -27.34 0.45
N THR C 33 -63.85 -26.02 0.48
CA THR C 33 -62.50 -25.50 0.65
C THR C 33 -61.85 -26.07 1.90
N HIS C 34 -62.55 -26.02 3.03
CA HIS C 34 -61.96 -26.48 4.29
C HIS C 34 -61.58 -27.95 4.21
N LEU C 35 -62.44 -28.78 3.65
CA LEU C 35 -62.17 -30.21 3.66
C LEU C 35 -61.11 -30.60 2.63
N LEU C 36 -61.06 -29.92 1.47
CA LEU C 36 -59.95 -30.13 0.55
C LEU C 36 -58.62 -29.71 1.14
N LEU C 37 -58.55 -28.60 1.89
CA LEU C 37 -57.32 -28.30 2.61
C LEU C 37 -56.91 -29.46 3.51
N GLN C 38 -57.90 -30.14 4.09
CA GLN C 38 -57.64 -31.31 4.93
C GLN C 38 -57.67 -32.62 4.16
N ALA C 39 -57.98 -32.59 2.88
CA ALA C 39 -58.00 -33.81 2.10
C ALA C 39 -56.56 -34.32 1.89
N PRO C 40 -56.39 -35.63 1.75
CA PRO C 40 -55.04 -36.16 1.52
C PRO C 40 -54.52 -35.80 0.14
N GLU C 41 -53.19 -35.80 0.04
CA GLU C 41 -52.54 -35.46 -1.22
C GLU C 41 -52.94 -36.44 -2.32
N GLY C 42 -52.78 -36.00 -3.56
CA GLY C 42 -53.10 -36.86 -4.69
C GLY C 42 -54.52 -37.36 -4.66
N SER C 43 -55.47 -36.50 -4.33
CA SER C 43 -56.86 -36.86 -4.19
C SER C 43 -57.68 -36.27 -5.34
N LEU C 44 -58.92 -36.74 -5.45
CA LEU C 44 -59.87 -36.24 -6.44
C LEU C 44 -61.23 -36.11 -5.78
N CYS C 45 -61.93 -35.02 -6.09
CA CYS C 45 -63.20 -34.71 -5.46
C CYS C 45 -64.18 -34.23 -6.52
N SER C 46 -65.47 -34.39 -6.22
CA SER C 46 -66.54 -34.03 -7.13
C SER C 46 -67.59 -33.23 -6.39
N LEU C 47 -68.31 -32.39 -7.13
CA LEU C 47 -69.25 -31.45 -6.57
C LEU C 47 -70.61 -31.59 -7.25
N GLU C 48 -71.67 -31.53 -6.44
CA GLU C 48 -73.05 -31.62 -6.90
C GLU C 48 -73.20 -32.67 -8.00
N VAL C 49 -72.86 -33.91 -7.66
CA VAL C 49 -73.13 -35.07 -8.51
C VAL C 49 -74.00 -36.09 -7.79
N LEU C 50 -73.55 -36.58 -6.65
CA LEU C 50 -74.38 -37.37 -5.74
C LEU C 50 -74.48 -36.73 -4.37
N ASP C 51 -73.42 -36.09 -3.91
CA ASP C 51 -73.43 -35.22 -2.75
C ASP C 51 -72.75 -33.91 -3.13
N ASP C 52 -72.93 -32.89 -2.30
CA ASP C 52 -72.27 -31.62 -2.57
C ASP C 52 -70.76 -31.70 -2.47
N VAL C 53 -70.23 -32.77 -1.87
CA VAL C 53 -68.79 -33.01 -1.78
C VAL C 53 -68.53 -34.49 -2.03
N ALA C 54 -67.45 -34.78 -2.75
CA ALA C 54 -67.05 -36.15 -3.00
C ALA C 54 -65.54 -36.28 -2.88
N GLN C 55 -65.07 -37.51 -2.80
CA GLN C 55 -63.63 -37.81 -2.78
C GLN C 55 -63.42 -39.16 -3.42
N GLU C 56 -62.30 -39.33 -4.11
CA GLU C 56 -62.02 -40.52 -4.88
C GLU C 56 -60.77 -41.23 -4.37
N ASN C 57 -60.86 -42.55 -4.17
CA ASN C 57 -59.67 -43.28 -3.71
C ASN C 57 -59.15 -44.33 -4.69
N ASN C 58 -59.88 -45.44 -4.90
CA ASN C 58 -59.35 -46.51 -5.75
C ASN C 58 -60.35 -47.27 -6.61
N SER C 59 -61.63 -47.34 -6.26
CA SER C 59 -62.57 -48.25 -6.90
C SER C 59 -63.94 -47.59 -7.00
N GLY C 60 -64.98 -48.38 -7.24
CA GLY C 60 -66.33 -47.84 -7.35
C GLY C 60 -66.88 -47.35 -6.03
N ASP C 61 -68.12 -46.84 -6.09
CA ASP C 61 -68.86 -46.34 -4.93
C ASP C 61 -68.12 -45.18 -4.26
N ILE C 62 -68.05 -44.07 -5.01
CA ILE C 62 -67.40 -42.85 -4.53
C ILE C 62 -67.79 -42.58 -3.09
N LYS C 63 -66.81 -42.12 -2.29
CA LYS C 63 -67.10 -41.63 -0.95
C LYS C 63 -67.59 -40.19 -1.04
N PHE C 64 -68.61 -39.88 -0.24
CA PHE C 64 -69.35 -38.62 -0.37
C PHE C 64 -69.52 -37.97 0.99
N ILE C 65 -69.64 -36.65 0.96
CA ILE C 65 -69.95 -35.82 2.13
C ILE C 65 -70.97 -34.79 1.70
N GLN C 66 -72.00 -34.58 2.52
CA GLN C 66 -73.12 -33.72 2.18
C GLN C 66 -73.33 -32.69 3.27
N SER C 67 -73.93 -31.56 2.88
CA SER C 67 -74.28 -30.49 3.80
C SER C 67 -75.79 -30.38 3.92
N ALA C 68 -76.28 -30.33 5.15
CA ALA C 68 -77.71 -30.22 5.43
C ALA C 68 -78.00 -28.87 6.09
N SER C 69 -79.05 -28.21 5.63
CA SER C 69 -79.45 -26.92 6.18
C SER C 69 -79.89 -27.08 7.63
N ALA C 76 -78.89 -35.42 10.31
CA ALA C 76 -79.67 -34.65 9.35
C ALA C 76 -81.07 -35.25 9.18
N ALA C 77 -81.79 -34.78 8.16
CA ALA C 77 -83.13 -35.27 7.91
C ALA C 77 -83.08 -36.73 7.45
N ASP C 78 -83.93 -37.55 8.06
CA ASP C 78 -83.98 -38.96 7.67
C ASP C 78 -84.42 -39.11 6.23
N ARG C 79 -85.40 -38.32 5.80
CA ARG C 79 -85.99 -38.42 4.47
C ARG C 79 -85.85 -37.08 3.76
N ALA C 80 -85.51 -37.15 2.46
CA ALA C 80 -85.41 -35.96 1.63
C ALA C 80 -85.37 -36.37 0.16
N LYS C 81 -86.20 -35.73 -0.67
CA LYS C 81 -86.29 -36.15 -2.06
C LYS C 81 -84.97 -35.95 -2.78
N SER C 82 -84.28 -34.84 -2.52
CA SER C 82 -83.01 -34.59 -3.20
C SER C 82 -81.96 -35.62 -2.80
N LEU C 83 -81.92 -35.98 -1.51
CA LEU C 83 -80.92 -36.93 -1.03
C LEU C 83 -81.03 -38.26 -1.78
N TRP C 84 -82.18 -38.92 -1.65
CA TRP C 84 -82.37 -40.20 -2.31
C TRP C 84 -82.28 -40.05 -3.83
N LYS C 85 -82.80 -38.94 -4.36
CA LYS C 85 -82.69 -38.67 -5.79
C LYS C 85 -81.24 -38.80 -6.25
N THR C 86 -80.36 -37.97 -5.69
CA THR C 86 -78.96 -37.99 -6.12
C THR C 86 -78.31 -39.34 -5.83
N LEU C 87 -78.58 -39.91 -4.66
CA LEU C 87 -78.00 -41.20 -4.29
C LEU C 87 -78.32 -42.25 -5.35
N SER C 88 -79.60 -42.58 -5.51
CA SER C 88 -80.00 -43.63 -6.43
C SER C 88 -79.85 -43.22 -7.89
N ASN C 89 -79.57 -41.95 -8.18
CA ASN C 89 -79.31 -41.54 -9.55
C ASN C 89 -77.88 -41.80 -9.97
N TRP C 90 -76.89 -41.26 -9.24
CA TRP C 90 -75.50 -41.39 -9.65
C TRP C 90 -74.66 -42.23 -8.69
N ILE C 91 -75.27 -43.15 -7.95
CA ILE C 91 -74.47 -44.22 -7.36
C ILE C 91 -73.92 -45.13 -8.46
N ASP C 92 -74.71 -45.37 -9.51
CA ASP C 92 -74.23 -46.19 -10.62
C ASP C 92 -73.02 -45.55 -11.28
N LEU C 93 -73.06 -44.23 -11.51
CA LEU C 93 -71.87 -43.52 -11.96
C LEU C 93 -70.76 -43.61 -10.93
N ALA C 94 -71.11 -43.50 -9.65
CA ALA C 94 -70.14 -43.70 -8.58
C ALA C 94 -69.60 -45.13 -8.56
N THR C 95 -70.32 -46.07 -9.18
CA THR C 95 -69.86 -47.46 -9.22
C THR C 95 -68.70 -47.66 -10.19
N SER C 96 -68.39 -46.68 -11.02
CA SER C 96 -67.26 -46.82 -11.93
C SER C 96 -65.96 -46.96 -11.12
N PRO C 97 -64.98 -47.72 -11.61
CA PRO C 97 -63.77 -47.95 -10.82
C PRO C 97 -62.97 -46.68 -10.62
N ASP C 98 -61.88 -46.82 -9.87
CA ASP C 98 -60.93 -45.73 -9.63
C ASP C 98 -61.60 -44.55 -8.94
N PHE C 99 -62.52 -44.83 -8.02
CA PHE C 99 -63.24 -43.75 -7.35
C PHE C 99 -63.41 -43.91 -5.84
N GLU C 100 -63.39 -45.12 -5.27
CA GLU C 100 -63.42 -45.28 -3.82
C GLU C 100 -63.33 -46.76 -3.49
N VAL C 101 -62.73 -47.09 -2.35
CA VAL C 101 -62.73 -48.49 -1.91
C VAL C 101 -64.17 -48.97 -1.75
N GLU C 102 -64.41 -50.22 -2.13
CA GLU C 102 -65.77 -50.74 -2.06
C GLU C 102 -66.37 -50.58 -0.68
N LYS C 103 -65.57 -50.80 0.37
CA LYS C 103 -65.98 -50.42 1.71
C LYS C 103 -65.90 -48.90 1.80
N ALA C 104 -66.71 -48.22 1.01
CA ALA C 104 -66.52 -46.80 0.75
C ALA C 104 -66.77 -45.99 2.01
N ILE C 105 -65.87 -45.04 2.28
CA ILE C 105 -66.08 -44.11 3.38
C ILE C 105 -67.19 -43.15 3.02
N PHE C 106 -67.85 -42.58 4.03
CA PHE C 106 -68.88 -41.59 3.83
C PHE C 106 -68.95 -40.68 5.05
N GLU C 107 -69.27 -39.41 4.80
CA GLU C 107 -69.30 -38.41 5.86
C GLU C 107 -70.51 -37.51 5.63
N LEU C 108 -70.73 -36.62 6.58
CA LEU C 108 -71.87 -35.71 6.51
C LEU C 108 -71.58 -34.52 7.41
N TYR C 109 -71.37 -33.34 6.81
CA TYR C 109 -71.24 -32.13 7.59
C TYR C 109 -72.61 -31.47 7.70
N VAL C 110 -73.06 -31.25 8.92
CA VAL C 110 -74.37 -30.64 9.19
C VAL C 110 -74.15 -29.44 10.09
N SER C 111 -74.78 -28.32 9.74
CA SER C 111 -74.66 -27.08 10.49
C SER C 111 -75.51 -27.08 11.75
N ARG C 112 -76.02 -28.24 12.18
CA ARG C 112 -76.83 -28.35 13.37
C ARG C 112 -76.65 -29.76 13.94
N PRO C 113 -76.79 -29.93 15.25
CA PRO C 113 -76.67 -31.27 15.83
C PRO C 113 -77.87 -32.17 15.59
N VAL C 114 -78.88 -31.69 14.86
CA VAL C 114 -80.08 -32.49 14.62
C VAL C 114 -79.71 -33.71 13.78
N GLU C 115 -80.18 -34.88 14.20
CA GLU C 115 -79.95 -36.12 13.45
C GLU C 115 -80.95 -37.15 13.93
N GLY C 116 -81.74 -37.68 13.00
CA GLY C 116 -82.75 -38.66 13.36
C GLY C 116 -82.16 -40.00 13.72
N SER C 117 -83.01 -40.87 14.26
CA SER C 117 -82.56 -42.19 14.68
C SER C 117 -82.01 -42.99 13.51
N ILE C 118 -82.67 -42.92 12.35
CA ILE C 118 -82.19 -43.68 11.20
C ILE C 118 -80.83 -43.18 10.74
N VAL C 119 -80.65 -41.85 10.68
CA VAL C 119 -79.35 -41.32 10.29
C VAL C 119 -78.31 -41.61 11.37
N LYS C 120 -78.70 -41.53 12.64
CA LYS C 120 -77.80 -41.93 13.72
C LYS C 120 -77.28 -43.35 13.49
N LYS C 121 -78.20 -44.27 13.18
CA LYS C 121 -77.83 -45.65 12.91
C LYS C 121 -76.94 -45.76 11.67
N PHE C 122 -77.23 -44.95 10.65
CA PHE C 122 -76.39 -44.95 9.45
C PHE C 122 -74.96 -44.59 9.80
N ASN C 123 -74.77 -43.50 10.55
CA ASN C 123 -73.42 -43.05 10.88
C ASN C 123 -72.69 -44.10 11.71
N GLU C 124 -73.38 -44.72 12.67
CA GLU C 124 -72.78 -45.78 13.47
C GLU C 124 -72.49 -47.04 12.66
N ALA C 125 -73.00 -47.14 11.44
CA ALA C 125 -72.80 -48.32 10.60
C ALA C 125 -71.38 -48.31 10.07
N LYS C 126 -70.47 -48.96 10.79
CA LYS C 126 -69.08 -49.12 10.37
C LYS C 126 -68.77 -50.54 9.92
N THR C 127 -69.77 -51.42 9.92
CA THR C 127 -69.61 -52.83 9.58
C THR C 127 -70.67 -53.22 8.55
N PRO C 128 -70.37 -54.16 7.66
CA PRO C 128 -71.41 -54.56 6.68
C PRO C 128 -72.71 -55.02 7.31
N GLU C 129 -72.63 -55.78 8.41
CA GLU C 129 -73.86 -56.26 9.06
C GLU C 129 -74.66 -55.10 9.65
N ASP C 130 -73.97 -54.17 10.32
CA ASP C 130 -74.66 -53.02 10.87
C ASP C 130 -75.26 -52.15 9.77
N ALA C 131 -74.54 -51.97 8.67
CA ALA C 131 -75.08 -51.22 7.55
C ALA C 131 -76.31 -51.90 6.98
N GLN C 132 -76.28 -53.23 6.85
CA GLN C 132 -77.45 -53.94 6.34
C GLN C 132 -78.63 -53.79 7.27
N GLU C 133 -78.40 -53.85 8.59
CA GLU C 133 -79.50 -53.65 9.53
C GLU C 133 -80.06 -52.24 9.42
N ALA C 134 -79.19 -51.25 9.25
CA ALA C 134 -79.65 -49.87 9.09
C ALA C 134 -80.49 -49.73 7.82
N ILE C 135 -80.06 -50.39 6.74
CA ILE C 135 -80.81 -50.36 5.50
C ILE C 135 -82.15 -51.08 5.66
N THR C 136 -82.19 -52.14 6.46
CA THR C 136 -83.47 -52.80 6.74
C THR C 136 -84.41 -51.85 7.49
N HIS C 137 -83.87 -51.11 8.46
CA HIS C 137 -84.68 -50.10 9.15
C HIS C 137 -85.15 -49.04 8.18
N ALA C 138 -84.29 -48.60 7.27
CA ALA C 138 -84.67 -47.61 6.27
C ALA C 138 -85.79 -48.13 5.38
N ARG C 139 -85.69 -49.39 4.96
CA ARG C 139 -86.77 -50.00 4.19
C ARG C 139 -88.06 -50.00 4.97
N THR C 140 -88.00 -50.40 6.25
CA THR C 140 -89.21 -50.47 7.06
C THR C 140 -89.86 -49.10 7.20
N GLU C 141 -89.06 -48.05 7.44
CA GLU C 141 -89.62 -46.73 7.66
C GLU C 141 -90.02 -46.02 6.38
N LEU C 142 -89.37 -46.32 5.26
CA LEU C 142 -89.60 -45.64 3.99
C LEU C 142 -90.23 -46.55 2.94
N TRP C 143 -89.78 -47.80 2.84
CA TRP C 143 -90.29 -48.75 1.87
C TRP C 143 -91.41 -49.61 2.44
N GLY C 144 -91.12 -50.35 3.51
CA GLY C 144 -92.15 -51.13 4.19
C GLY C 144 -91.55 -52.38 4.79
N ASP C 145 -92.43 -53.18 5.37
CA ASP C 145 -92.05 -54.43 6.01
C ASP C 145 -92.04 -55.56 4.99
N SER C 146 -90.98 -56.36 5.02
CA SER C 146 -90.89 -57.48 4.10
C SER C 146 -92.00 -58.49 4.39
N PRO C 147 -92.54 -59.17 3.36
CA PRO C 147 -92.21 -59.03 1.94
C PRO C 147 -93.08 -58.02 1.20
N HIS C 148 -94.21 -57.64 1.81
CA HIS C 148 -95.16 -56.77 1.11
C HIS C 148 -94.57 -55.40 0.83
N PHE C 149 -93.85 -54.82 1.80
CA PHE C 149 -93.26 -53.49 1.65
C PHE C 149 -94.34 -52.46 1.32
N THR C 150 -95.27 -52.29 2.26
CA THR C 150 -96.44 -51.45 2.03
C THR C 150 -96.20 -49.97 2.28
N LEU C 151 -95.17 -49.61 3.06
CA LEU C 151 -94.94 -48.20 3.34
C LEU C 151 -94.50 -47.43 2.11
N LYS C 152 -94.15 -48.11 1.02
CA LYS C 152 -93.86 -47.41 -0.22
C LYS C 152 -95.01 -46.49 -0.61
N ASP C 153 -96.26 -46.97 -0.45
CA ASP C 153 -97.42 -46.12 -0.65
C ASP C 153 -97.64 -45.16 0.51
N GLY C 154 -97.17 -45.50 1.71
CA GLY C 154 -97.34 -44.61 2.84
C GLY C 154 -96.59 -43.30 2.72
N ILE C 155 -95.50 -43.28 1.96
CA ILE C 155 -94.75 -42.06 1.69
C ILE C 155 -95.20 -41.53 0.33
N SER C 156 -95.00 -40.23 0.11
CA SER C 156 -95.44 -39.61 -1.12
C SER C 156 -94.73 -40.23 -2.32
N LYS C 157 -95.44 -40.25 -3.45
CA LYS C 157 -94.90 -40.86 -4.66
C LYS C 157 -93.51 -40.29 -4.99
N GLU C 158 -93.35 -38.97 -4.84
CA GLU C 158 -92.11 -38.32 -5.18
C GLU C 158 -90.92 -39.01 -4.53
N ILE C 159 -90.92 -39.10 -3.19
CA ILE C 159 -89.86 -39.79 -2.50
C ILE C 159 -90.06 -41.30 -2.51
N SER C 160 -91.30 -41.76 -2.70
CA SER C 160 -91.56 -43.20 -2.68
C SER C 160 -90.79 -43.91 -3.80
N LYS C 161 -90.86 -43.37 -5.02
CA LYS C 161 -90.16 -44.01 -6.13
C LYS C 161 -88.65 -43.96 -5.94
N TYR C 162 -88.14 -42.88 -5.35
CA TYR C 162 -86.70 -42.77 -5.16
C TYR C 162 -86.20 -43.72 -4.08
N VAL C 163 -86.95 -43.88 -2.99
CA VAL C 163 -86.56 -44.89 -2.00
C VAL C 163 -86.70 -46.28 -2.60
N GLU C 164 -87.70 -46.50 -3.46
CA GLU C 164 -87.82 -47.77 -4.15
C GLU C 164 -86.59 -48.04 -5.01
N LYS C 165 -86.11 -47.03 -5.73
CA LYS C 165 -84.90 -47.20 -6.53
C LYS C 165 -83.70 -47.50 -5.63
N VAL C 166 -83.60 -46.80 -4.50
CA VAL C 166 -82.51 -47.03 -3.57
C VAL C 166 -82.50 -48.49 -3.12
N PHE C 167 -83.65 -48.99 -2.69
CA PHE C 167 -83.72 -50.32 -2.07
C PHE C 167 -83.83 -51.45 -3.08
N THR C 168 -84.11 -51.14 -4.36
CA THR C 168 -84.18 -52.19 -5.36
C THR C 168 -82.80 -52.66 -5.79
N ALA C 169 -81.78 -51.80 -5.66
CA ALA C 169 -80.43 -52.21 -5.99
C ALA C 169 -79.96 -53.31 -5.05
N ASP C 170 -78.89 -53.99 -5.45
CA ASP C 170 -78.36 -55.08 -4.65
C ASP C 170 -78.05 -54.60 -3.24
N GLN C 171 -78.51 -55.36 -2.24
CA GLN C 171 -78.33 -54.95 -0.85
C GLN C 171 -76.86 -54.90 -0.47
N ASN C 172 -76.00 -55.65 -1.16
CA ASN C 172 -74.57 -55.53 -0.93
C ASN C 172 -74.09 -54.13 -1.29
N LEU C 173 -74.57 -53.58 -2.41
CA LEU C 173 -74.23 -52.21 -2.76
C LEU C 173 -74.77 -51.23 -1.72
N LEU C 174 -75.94 -51.50 -1.15
CA LEU C 174 -76.45 -50.66 -0.08
C LEU C 174 -75.54 -50.71 1.13
N GLN C 175 -75.04 -51.90 1.47
CA GLN C 175 -74.04 -52.03 2.52
C GLN C 175 -72.82 -51.17 2.21
N ARG C 176 -72.30 -51.28 1.00
CA ARG C 176 -71.08 -50.59 0.63
C ARG C 176 -71.25 -49.08 0.67
N LEU C 177 -72.41 -48.59 0.23
CA LEU C 177 -72.62 -47.15 0.13
C LEU C 177 -72.80 -46.52 1.51
N ILE C 178 -73.08 -47.33 2.53
CA ILE C 178 -73.21 -46.85 3.90
C ILE C 178 -72.37 -47.73 4.81
N CYS C 179 -71.31 -48.33 4.27
CA CYS C 179 -70.46 -49.21 5.06
C CYS C 179 -69.75 -48.46 6.18
N ASN C 180 -69.25 -47.26 5.92
CA ASN C 180 -68.45 -46.50 6.86
C ASN C 180 -68.92 -45.05 6.92
N PHE C 181 -70.23 -44.85 7.10
CA PHE C 181 -70.77 -43.50 7.16
C PHE C 181 -70.27 -42.76 8.39
N GLN C 182 -69.98 -41.47 8.21
CA GLN C 182 -69.54 -40.60 9.28
C GLN C 182 -70.35 -39.31 9.26
N LEU C 183 -70.17 -38.49 10.30
CA LEU C 183 -70.79 -37.18 10.40
C LEU C 183 -69.74 -36.18 10.89
N THR C 184 -69.84 -34.95 10.40
CA THR C 184 -68.87 -33.90 10.72
C THR C 184 -69.56 -32.76 11.46
N LEU C 185 -68.94 -32.30 12.53
CA LEU C 185 -69.41 -31.13 13.30
C LEU C 185 -68.18 -30.32 13.69
N GLY C 186 -67.94 -29.22 12.98
CA GLY C 186 -66.80 -28.38 13.24
C GLY C 186 -66.97 -27.53 14.47
N SER C 187 -66.26 -26.39 14.50
CA SER C 187 -66.34 -25.48 15.62
C SER C 187 -67.67 -24.73 15.68
N GLY C 188 -68.50 -24.84 14.64
CA GLY C 188 -69.74 -24.10 14.56
C GLY C 188 -69.66 -22.84 13.71
N SER C 189 -68.45 -22.37 13.41
CA SER C 189 -68.25 -21.21 12.54
C SER C 189 -67.43 -21.65 11.34
N PRO C 190 -68.06 -21.97 10.20
CA PRO C 190 -67.26 -22.49 9.08
C PRO C 190 -66.18 -21.53 8.61
N GLN C 191 -66.48 -20.23 8.54
CA GLN C 191 -65.47 -19.26 8.13
C GLN C 191 -64.25 -19.34 9.03
N ALA C 192 -64.42 -19.01 10.32
CA ALA C 192 -63.28 -18.96 11.22
C ALA C 192 -62.45 -20.23 11.13
N ASP C 193 -63.10 -21.38 11.02
CA ASP C 193 -62.37 -22.63 10.86
C ASP C 193 -61.59 -22.64 9.55
N LEU C 194 -62.16 -22.08 8.47
CA LEU C 194 -61.46 -22.05 7.20
C LEU C 194 -60.20 -21.20 7.28
N GLU C 195 -60.33 -19.99 7.83
CA GLU C 195 -59.14 -19.16 7.99
C GLU C 195 -58.14 -19.83 8.93
N ALA C 196 -58.61 -20.54 9.96
CA ALA C 196 -57.70 -21.22 10.87
C ALA C 196 -56.89 -22.28 10.13
N CYS C 197 -57.55 -23.13 9.36
CA CYS C 197 -56.83 -24.17 8.65
C CYS C 197 -55.91 -23.59 7.59
N VAL C 198 -56.34 -22.53 6.90
CA VAL C 198 -55.46 -21.89 5.92
C VAL C 198 -54.20 -21.38 6.62
N ARG C 199 -54.38 -20.65 7.71
CA ARG C 199 -53.24 -20.11 8.45
C ARG C 199 -52.38 -21.22 9.04
N SER C 200 -52.93 -22.43 9.21
CA SER C 200 -52.12 -23.53 9.73
C SER C 200 -50.96 -23.82 8.80
N HIS C 201 -51.20 -23.80 7.49
CA HIS C 201 -50.13 -24.02 6.54
C HIS C 201 -49.13 -22.87 6.59
N PRO C 202 -47.90 -23.09 6.15
CA PRO C 202 -46.92 -21.99 6.15
C PRO C 202 -47.26 -20.94 5.11
N VAL C 203 -47.80 -19.82 5.56
CA VAL C 203 -48.22 -18.73 4.68
C VAL C 203 -48.13 -17.44 5.48
N SER C 204 -48.04 -16.32 4.78
CA SER C 204 -47.99 -15.04 5.45
C SER C 204 -49.33 -14.76 6.12
N PRO C 205 -49.38 -14.61 7.44
CA PRO C 205 -50.67 -14.37 8.10
C PRO C 205 -51.32 -13.06 7.69
N SER C 206 -50.56 -12.11 7.16
CA SER C 206 -51.13 -10.84 6.73
C SER C 206 -52.01 -10.96 5.49
N LYS C 207 -52.01 -12.12 4.84
CA LYS C 207 -52.76 -12.31 3.60
C LYS C 207 -53.73 -13.48 3.66
N VAL C 208 -53.85 -14.14 4.83
CA VAL C 208 -54.66 -15.35 4.90
C VAL C 208 -56.06 -15.09 4.37
N SER C 209 -56.71 -14.04 4.87
CA SER C 209 -58.06 -13.73 4.42
C SER C 209 -58.14 -13.76 2.90
N ASP C 210 -57.40 -12.88 2.23
CA ASP C 210 -57.44 -12.84 0.78
C ASP C 210 -57.29 -14.23 0.20
N ILE C 211 -56.31 -15.00 0.67
CA ILE C 211 -56.11 -16.34 0.14
C ILE C 211 -57.43 -17.09 0.11
N THR C 212 -58.03 -17.31 1.29
CA THR C 212 -59.26 -18.09 1.29
C THR C 212 -60.28 -17.46 0.37
N ASN C 213 -60.46 -16.15 0.44
CA ASN C 213 -61.37 -15.48 -0.48
C ASN C 213 -61.12 -15.97 -1.90
N TYR C 214 -59.93 -15.71 -2.44
CA TYR C 214 -59.67 -16.10 -3.81
C TYR C 214 -60.04 -17.56 -4.02
N LEU C 215 -59.55 -18.44 -3.15
CA LEU C 215 -59.83 -19.86 -3.30
C LEU C 215 -61.32 -20.08 -3.51
N CYS C 216 -62.14 -19.65 -2.55
CA CYS C 216 -63.56 -19.93 -2.67
C CYS C 216 -64.10 -19.36 -3.97
N GLY C 217 -63.72 -18.11 -4.28
CA GLY C 217 -64.20 -17.52 -5.51
C GLY C 217 -63.93 -18.42 -6.70
N LYS C 218 -62.69 -18.91 -6.82
CA LYS C 218 -62.37 -19.80 -7.93
C LYS C 218 -63.36 -20.94 -7.99
N VAL C 219 -63.54 -21.65 -6.87
CA VAL C 219 -64.49 -22.76 -6.85
C VAL C 219 -65.82 -22.30 -7.44
N LYS C 220 -66.37 -21.22 -6.88
CA LYS C 220 -67.67 -20.76 -7.35
C LYS C 220 -67.63 -20.54 -8.85
N ARG C 221 -66.67 -19.76 -9.33
CA ARG C 221 -66.60 -19.51 -10.77
C ARG C 221 -66.49 -20.84 -11.51
N HIS C 222 -65.61 -21.73 -11.05
CA HIS C 222 -65.52 -23.03 -11.69
C HIS C 222 -66.89 -23.67 -11.78
N ILE C 223 -67.59 -23.76 -10.64
CA ILE C 223 -68.89 -24.42 -10.64
C ILE C 223 -69.78 -23.81 -11.72
N ASP C 224 -69.76 -22.49 -11.83
CA ASP C 224 -70.63 -21.83 -12.82
C ASP C 224 -70.36 -22.38 -14.20
N MET C 225 -69.10 -22.39 -14.63
CA MET C 225 -68.82 -22.85 -15.99
C MET C 225 -69.14 -24.32 -16.15
N LEU C 226 -69.14 -25.08 -15.07
CA LEU C 226 -69.49 -26.48 -15.17
C LEU C 226 -70.98 -26.69 -15.31
N LEU C 227 -71.78 -25.75 -14.80
CA LEU C 227 -73.23 -25.87 -14.92
C LEU C 227 -73.79 -25.03 -16.06
N GLU C 228 -73.09 -23.96 -16.47
CA GLU C 228 -73.52 -23.21 -17.64
C GLU C 228 -73.47 -24.11 -18.88
N ALA C 229 -72.43 -24.92 -19.00
CA ALA C 229 -72.34 -25.89 -20.08
C ALA C 229 -73.16 -27.15 -19.81
N GLU C 230 -73.79 -27.24 -18.63
CA GLU C 230 -74.64 -28.39 -18.29
C GLU C 230 -73.82 -29.68 -18.23
N LYS C 231 -72.78 -29.65 -17.40
CA LYS C 231 -71.93 -30.80 -17.18
C LYS C 231 -71.75 -31.02 -15.68
N PRO C 232 -71.61 -32.27 -15.25
CA PRO C 232 -71.36 -32.51 -13.82
C PRO C 232 -70.10 -31.78 -13.36
N ALA C 233 -70.29 -30.86 -12.42
CA ALA C 233 -69.17 -30.06 -11.94
C ALA C 233 -68.27 -30.92 -11.06
N VAL C 234 -66.98 -30.88 -11.33
CA VAL C 234 -65.99 -31.67 -10.60
C VAL C 234 -64.86 -30.73 -10.16
N ILE C 235 -64.51 -30.79 -8.89
CA ILE C 235 -63.39 -30.05 -8.34
C ILE C 235 -62.39 -31.07 -7.83
N ALA C 236 -61.35 -31.33 -8.62
CA ALA C 236 -60.35 -32.31 -8.25
C ALA C 236 -59.45 -31.76 -7.15
N ARG C 237 -59.26 -32.55 -6.10
CA ARG C 237 -58.41 -32.11 -5.00
C ARG C 237 -57.06 -31.65 -5.52
N ASP C 238 -56.51 -32.34 -6.51
CA ASP C 238 -55.21 -31.95 -7.04
C ASP C 238 -55.32 -30.67 -7.86
N ASP C 239 -56.41 -30.48 -8.60
CA ASP C 239 -56.57 -29.23 -9.34
C ASP C 239 -56.66 -28.04 -8.40
N PHE C 240 -57.50 -28.15 -7.37
CA PHE C 240 -57.58 -27.08 -6.38
C PHE C 240 -56.27 -26.90 -5.63
N TYR C 241 -55.56 -28.00 -5.37
CA TYR C 241 -54.30 -27.91 -4.66
C TYR C 241 -53.26 -27.18 -5.49
N THR C 242 -53.22 -27.46 -6.80
CA THR C 242 -52.33 -26.73 -7.68
C THR C 242 -52.74 -25.26 -7.78
N TRP C 243 -54.04 -24.99 -7.76
CA TRP C 243 -54.48 -23.60 -7.72
C TRP C 243 -53.94 -22.90 -6.47
N TYR C 244 -54.03 -23.60 -5.33
CA TYR C 244 -53.55 -23.05 -4.07
C TYR C 244 -52.06 -22.76 -4.14
N LYS C 245 -51.29 -23.72 -4.66
CA LYS C 245 -49.85 -23.53 -4.80
C LYS C 245 -49.55 -22.34 -5.71
N ALA C 246 -50.22 -22.27 -6.85
CA ALA C 246 -49.96 -21.18 -7.79
C ALA C 246 -50.27 -19.84 -7.17
N TYR C 247 -51.39 -19.73 -6.45
CA TYR C 247 -51.75 -18.45 -5.86
C TYR C 247 -50.83 -18.09 -4.71
N VAL C 248 -50.42 -19.07 -3.91
CA VAL C 248 -49.46 -18.79 -2.85
C VAL C 248 -48.17 -18.25 -3.44
N GLN C 249 -47.66 -18.88 -4.49
CA GLN C 249 -46.45 -18.39 -5.13
C GLN C 249 -46.68 -17.01 -5.73
N LYS C 250 -47.88 -16.76 -6.27
CA LYS C 250 -48.19 -15.45 -6.83
C LYS C 250 -48.08 -14.38 -5.76
N ILE C 251 -48.72 -14.61 -4.61
CA ILE C 251 -48.66 -13.59 -3.57
C ILE C 251 -47.25 -13.44 -3.03
N ASP C 252 -46.49 -14.54 -2.95
CA ASP C 252 -45.13 -14.42 -2.44
C ASP C 252 -44.25 -13.61 -3.40
N ARG C 253 -44.39 -13.82 -4.70
CA ARG C 253 -43.65 -13.00 -5.65
C ARG C 253 -44.13 -11.56 -5.62
N GLN C 254 -45.41 -11.34 -5.35
CA GLN C 254 -45.88 -9.96 -5.16
C GLN C 254 -45.21 -9.32 -3.95
N MET C 255 -45.08 -10.09 -2.87
CA MET C 255 -44.50 -9.55 -1.64
C MET C 255 -43.02 -9.27 -1.80
N VAL C 256 -42.27 -10.19 -2.41
CA VAL C 256 -40.84 -9.98 -2.56
C VAL C 256 -40.57 -8.70 -3.32
N LEU C 257 -41.41 -8.38 -4.30
CA LEU C 257 -41.36 -7.09 -4.97
C LEU C 257 -42.16 -6.07 -4.17
N SER C 258 -41.79 -5.94 -2.89
CA SER C 258 -42.46 -5.01 -1.99
C SER C 258 -41.96 -3.61 -2.27
N SER C 259 -42.26 -2.66 -1.39
CA SER C 259 -41.80 -1.30 -1.61
C SER C 259 -40.31 -1.15 -1.31
N ARG C 260 -39.93 -1.36 -0.06
CA ARG C 260 -38.53 -1.32 0.35
C ARG C 260 -37.91 0.08 0.23
N ALA C 261 -38.68 1.06 -0.21
CA ALA C 261 -38.20 2.43 -0.33
C ALA C 261 -39.04 3.43 0.43
N GLN C 262 -40.35 3.24 0.46
CA GLN C 262 -41.24 4.08 1.23
C GLN C 262 -42.33 3.20 1.83
N ALA C 263 -42.93 3.69 2.92
CA ALA C 263 -43.96 2.93 3.60
C ALA C 263 -45.18 2.81 2.70
N PRO C 264 -45.62 1.60 2.35
CA PRO C 264 -46.83 1.48 1.53
C PRO C 264 -48.05 2.00 2.28
N VAL C 265 -48.96 2.62 1.53
CA VAL C 265 -50.19 3.12 2.11
C VAL C 265 -51.10 1.95 2.45
N LYS C 266 -51.81 2.06 3.57
CA LYS C 266 -52.66 0.95 4.01
C LYS C 266 -53.68 0.56 2.95
N GLU C 267 -54.17 1.53 2.18
CA GLU C 267 -55.08 1.20 1.09
C GLU C 267 -54.39 0.31 0.06
N LYS C 268 -53.11 0.57 -0.23
CA LYS C 268 -52.33 -0.23 -1.15
C LYS C 268 -51.62 -1.38 -0.45
N ALA C 269 -51.77 -1.51 0.86
CA ALA C 269 -51.10 -2.54 1.63
C ALA C 269 -51.78 -3.90 1.50
N GLN C 270 -53.09 -3.91 1.23
CA GLN C 270 -53.82 -5.16 1.12
C GLN C 270 -53.14 -6.09 0.11
N GLU C 271 -52.87 -5.57 -1.07
CA GLU C 271 -51.98 -6.21 -2.04
C GLU C 271 -50.81 -5.26 -2.28
N TYR C 272 -49.61 -5.69 -1.87
CA TYR C 272 -48.47 -4.79 -1.90
C TYR C 272 -48.24 -4.27 -3.31
N LEU C 273 -47.95 -2.97 -3.41
CA LEU C 273 -47.74 -2.33 -4.70
C LEU C 273 -46.26 -2.05 -4.88
N PRO C 274 -45.58 -2.64 -5.86
CA PRO C 274 -44.15 -2.40 -6.01
C PRO C 274 -43.83 -0.94 -6.26
N ASP C 275 -42.60 -0.56 -5.97
CA ASP C 275 -42.18 0.83 -6.07
C ASP C 275 -42.29 1.31 -7.51
N LYS C 276 -42.02 2.60 -7.70
CA LYS C 276 -42.23 3.20 -9.01
C LYS C 276 -41.31 2.59 -10.06
N PHE C 277 -40.05 2.29 -9.70
CA PHE C 277 -39.14 1.74 -10.69
C PHE C 277 -39.53 0.32 -11.05
N VAL C 278 -39.94 -0.49 -10.07
CA VAL C 278 -40.44 -1.82 -10.38
C VAL C 278 -41.65 -1.72 -11.28
N GLN C 279 -42.53 -0.76 -11.00
CA GLN C 279 -43.70 -0.57 -11.86
C GLN C 279 -43.29 -0.20 -13.27
N GLN C 280 -42.26 0.64 -13.41
CA GLN C 280 -41.80 0.99 -14.74
C GLN C 280 -41.29 -0.24 -15.48
N LEU C 281 -40.51 -1.07 -14.79
CA LEU C 281 -40.02 -2.29 -15.43
C LEU C 281 -41.18 -3.18 -15.85
N GLU C 282 -42.18 -3.34 -14.99
CA GLU C 282 -43.31 -4.19 -15.33
C GLU C 282 -44.08 -3.62 -16.50
N ILE C 283 -44.26 -2.30 -16.55
CA ILE C 283 -44.88 -1.66 -17.70
C ILE C 283 -44.10 -1.99 -18.96
N ILE C 284 -42.76 -1.96 -18.87
CA ILE C 284 -41.95 -2.38 -20.00
C ILE C 284 -42.12 -3.87 -20.25
N GLY C 285 -42.49 -4.62 -19.22
CA GLY C 285 -42.73 -6.03 -19.37
C GLY C 285 -41.47 -6.88 -19.31
N LEU C 286 -40.58 -6.53 -18.40
CA LEU C 286 -39.38 -7.34 -18.27
C LEU C 286 -39.69 -8.64 -17.54
N PRO C 287 -38.85 -9.66 -17.73
CA PRO C 287 -39.03 -10.90 -16.96
C PRO C 287 -38.92 -10.66 -15.47
N TYR C 288 -39.55 -11.54 -14.71
CA TYR C 288 -39.55 -11.41 -13.26
C TYR C 288 -38.13 -11.45 -12.71
N GLU C 289 -37.29 -12.34 -13.26
CA GLU C 289 -35.92 -12.44 -12.78
C GLU C 289 -35.14 -11.16 -13.05
N GLU C 290 -35.37 -10.53 -14.20
CA GLU C 290 -34.73 -9.25 -14.46
C GLU C 290 -35.17 -8.20 -13.45
N ILE C 291 -36.43 -8.26 -13.03
CA ILE C 291 -36.89 -7.33 -11.99
C ILE C 291 -36.17 -7.60 -10.69
N LEU C 292 -35.98 -8.87 -10.34
CA LEU C 292 -35.22 -9.18 -9.14
C LEU C 292 -33.80 -8.61 -9.22
N GLY C 293 -33.15 -8.79 -10.36
CA GLY C 293 -31.83 -8.21 -10.53
C GLY C 293 -31.83 -6.71 -10.40
N ALA C 294 -32.85 -6.06 -10.97
CA ALA C 294 -32.97 -4.61 -10.85
C ALA C 294 -33.11 -4.18 -9.40
N ILE C 295 -33.94 -4.89 -8.64
CA ILE C 295 -34.13 -4.54 -7.24
C ILE C 295 -32.84 -4.73 -6.47
N SER C 296 -32.12 -5.81 -6.74
CA SER C 296 -30.84 -6.03 -6.06
C SER C 296 -29.87 -4.91 -6.38
N ASP C 297 -29.81 -4.50 -7.65
CA ASP C 297 -28.93 -3.40 -8.01
C ASP C 297 -29.34 -2.13 -7.28
N TYR C 298 -30.64 -1.87 -7.18
CA TYR C 298 -31.10 -0.68 -6.48
C TYR C 298 -30.65 -0.68 -5.03
N LEU C 299 -30.91 -1.77 -4.31
CA LEU C 299 -30.53 -1.84 -2.91
C LEU C 299 -29.03 -1.73 -2.75
N MET C 300 -28.27 -2.43 -3.60
CA MET C 300 -26.82 -2.41 -3.47
C MET C 300 -26.27 -1.03 -3.75
N ALA C 301 -26.81 -0.32 -4.75
CA ALA C 301 -26.34 1.04 -5.01
C ALA C 301 -26.68 1.96 -3.85
N SER C 302 -27.87 1.81 -3.27
CA SER C 302 -28.21 2.62 -2.10
C SER C 302 -27.20 2.40 -0.99
N PHE C 303 -26.89 1.13 -0.70
CA PHE C 303 -25.92 0.86 0.35
C PHE C 303 -24.55 1.41 -0.02
N ASP C 304 -24.17 1.32 -1.29
CA ASP C 304 -22.86 1.79 -1.70
C ASP C 304 -22.74 3.29 -1.46
N ARG C 305 -23.75 4.05 -1.88
CA ARG C 305 -23.70 5.48 -1.65
C ARG C 305 -23.71 5.79 -0.16
N THR C 306 -24.50 5.07 0.62
CA THR C 306 -24.51 5.30 2.06
C THR C 306 -23.13 5.06 2.64
N ASP C 307 -22.48 3.96 2.25
CA ASP C 307 -21.18 3.63 2.82
C ASP C 307 -20.12 4.64 2.40
N TRP C 308 -20.15 5.07 1.14
CA TRP C 308 -19.19 6.08 0.72
C TRP C 308 -19.38 7.36 1.51
N ALA C 309 -20.63 7.78 1.72
CA ALA C 309 -20.84 8.97 2.54
C ALA C 309 -20.34 8.76 3.96
N ALA C 310 -20.64 7.59 4.54
CA ALA C 310 -20.23 7.33 5.91
C ALA C 310 -18.72 7.27 6.04
N ARG C 311 -18.01 6.99 4.95
CA ARG C 311 -16.56 7.04 4.95
C ARG C 311 -16.02 8.41 4.63
N GLY C 312 -16.85 9.34 4.18
CA GLY C 312 -16.40 10.64 3.78
C GLY C 312 -15.84 10.71 2.38
N GLU C 313 -15.84 9.61 1.64
CA GLU C 313 -15.30 9.64 0.28
C GLU C 313 -16.09 10.61 -0.59
N VAL C 314 -17.42 10.59 -0.48
CA VAL C 314 -18.29 11.44 -1.28
C VAL C 314 -19.04 12.38 -0.35
N ASP C 315 -19.90 13.22 -0.91
CA ASP C 315 -20.64 14.17 -0.09
C ASP C 315 -21.90 14.59 -0.84
N GLU C 316 -22.55 15.63 -0.35
CA GLU C 316 -23.83 16.06 -0.87
C GLU C 316 -23.73 16.64 -2.28
N THR C 317 -22.53 16.91 -2.77
CA THR C 317 -22.34 17.46 -4.11
C THR C 317 -21.47 16.59 -4.99
N SER C 318 -20.92 15.49 -4.47
CA SER C 318 -20.14 14.60 -5.31
C SER C 318 -21.01 13.77 -6.23
N PHE C 319 -22.30 13.66 -5.93
CA PHE C 319 -23.22 12.85 -6.74
C PHE C 319 -24.02 13.67 -7.73
N ASP C 320 -24.26 14.95 -7.45
CA ASP C 320 -25.15 15.73 -8.31
C ASP C 320 -24.64 15.78 -9.75
N ASP C 321 -23.32 15.90 -9.93
CA ASP C 321 -22.77 15.78 -11.27
C ASP C 321 -23.13 14.45 -11.89
N LEU C 322 -23.03 13.37 -11.10
CA LEU C 322 -23.39 12.07 -11.62
C LEU C 322 -24.85 12.01 -12.06
N ASP C 323 -25.76 12.51 -11.22
CA ASP C 323 -27.18 12.41 -11.57
C ASP C 323 -27.51 13.25 -12.79
N THR C 324 -26.96 14.46 -12.88
CA THR C 324 -27.25 15.28 -14.05
C THR C 324 -26.69 14.65 -15.31
N ALA C 325 -25.50 14.06 -15.24
CA ALA C 325 -24.96 13.37 -16.40
C ALA C 325 -25.82 12.17 -16.77
N LEU C 326 -26.27 11.40 -15.77
CA LEU C 326 -27.12 10.25 -16.06
C LEU C 326 -28.39 10.70 -16.77
N GLN C 327 -29.01 11.77 -16.28
CA GLN C 327 -30.25 12.22 -16.90
C GLN C 327 -30.00 12.68 -18.33
N ARG C 328 -28.92 13.43 -18.56
CA ARG C 328 -28.66 13.90 -19.92
C ARG C 328 -28.44 12.74 -20.87
N THR C 329 -27.62 11.76 -20.47
CA THR C 329 -27.38 10.62 -21.33
C THR C 329 -28.67 9.83 -21.55
N TRP C 330 -29.51 9.71 -20.53
CA TRP C 330 -30.78 9.02 -20.73
C TRP C 330 -31.64 9.74 -21.74
N LYS C 331 -31.70 11.07 -21.67
CA LYS C 331 -32.51 11.80 -22.64
C LYS C 331 -31.99 11.59 -24.05
N ASN C 332 -30.67 11.65 -24.22
CA ASN C 332 -30.10 11.42 -25.55
C ASN C 332 -30.46 10.04 -26.05
N LYS C 333 -30.32 9.03 -25.18
CA LYS C 333 -30.63 7.67 -25.58
C LYS C 333 -32.10 7.52 -25.93
N GLN C 334 -32.98 8.18 -25.17
CA GLN C 334 -34.40 8.12 -25.47
C GLN C 334 -34.71 8.72 -26.82
N ARG C 335 -34.10 9.86 -27.13
CA ARG C 335 -34.31 10.46 -28.45
C ARG C 335 -33.84 9.51 -29.54
N ILE C 336 -32.67 8.92 -29.36
CA ILE C 336 -32.13 8.02 -30.38
C ILE C 336 -33.06 6.83 -30.57
N CYS C 337 -33.51 6.22 -29.47
CA CYS C 337 -34.37 5.05 -29.56
C CYS C 337 -35.69 5.40 -30.24
N GLY C 338 -36.28 6.54 -29.88
CA GLY C 338 -37.51 6.96 -30.53
C GLY C 338 -37.32 7.19 -32.01
N LEU C 339 -36.17 7.71 -32.42
CA LEU C 339 -35.91 7.90 -33.84
C LEU C 339 -35.65 6.58 -34.56
N THR C 340 -35.12 5.58 -33.87
CA THR C 340 -34.69 4.34 -34.52
C THR C 340 -35.72 3.22 -34.41
N HIS C 341 -36.09 2.85 -33.18
CA HIS C 341 -36.89 1.65 -32.95
C HIS C 341 -38.39 1.92 -33.00
N SER C 342 -38.81 2.98 -33.69
CA SER C 342 -40.24 3.28 -33.77
C SER C 342 -41.04 2.13 -34.36
N GLU C 343 -40.41 1.29 -35.18
CA GLU C 343 -41.12 0.17 -35.78
C GLU C 343 -41.57 -0.84 -34.73
N LYS C 344 -40.74 -1.07 -33.71
CA LYS C 344 -41.15 -1.96 -32.63
C LYS C 344 -42.25 -1.33 -31.80
N SER C 345 -42.97 -2.17 -31.08
CA SER C 345 -44.02 -1.70 -30.19
C SER C 345 -43.43 -0.84 -29.07
N GLU C 346 -44.31 -0.17 -28.34
CA GLU C 346 -43.84 0.71 -27.27
C GLU C 346 -43.05 -0.08 -26.23
N GLN C 347 -43.58 -1.22 -25.78
CA GLN C 347 -42.88 -1.99 -24.78
C GLN C 347 -41.52 -2.43 -25.28
N ASP C 348 -41.42 -2.81 -26.55
CA ASP C 348 -40.15 -3.26 -27.10
C ASP C 348 -39.15 -2.10 -27.13
N GLN C 349 -39.61 -0.91 -27.51
CA GLN C 349 -38.73 0.25 -27.49
C GLN C 349 -38.26 0.53 -26.07
N GLY C 350 -39.15 0.39 -25.10
CA GLY C 350 -38.75 0.58 -23.71
C GLY C 350 -37.72 -0.42 -23.27
N LYS C 351 -37.87 -1.68 -23.67
CA LYS C 351 -36.87 -2.68 -23.32
C LYS C 351 -35.53 -2.35 -23.96
N LEU C 352 -35.55 -1.90 -25.22
CA LEU C 352 -34.30 -1.52 -25.88
C LEU C 352 -33.62 -0.38 -25.14
N LEU C 353 -34.38 0.66 -24.79
CA LEU C 353 -33.78 1.80 -24.09
C LEU C 353 -33.26 1.39 -22.72
N TYR C 354 -34.04 0.59 -21.99
CA TYR C 354 -33.59 0.09 -20.70
C TYR C 354 -32.26 -0.63 -20.81
N PHE C 355 -32.18 -1.60 -21.72
CA PHE C 355 -30.97 -2.40 -21.81
C PHE C 355 -29.79 -1.57 -22.31
N GLU C 356 -30.05 -0.64 -23.24
CA GLU C 356 -28.99 0.24 -23.69
C GLU C 356 -28.45 1.08 -22.54
N CYS C 357 -29.33 1.67 -21.74
CA CYS C 357 -28.88 2.50 -20.63
C CYS C 357 -28.11 1.68 -19.62
N MET C 358 -28.65 0.53 -19.22
CA MET C 358 -27.98 -0.25 -18.18
C MET C 358 -26.63 -0.79 -18.67
N GLN C 359 -26.56 -1.26 -19.91
CA GLN C 359 -25.28 -1.66 -20.47
C GLN C 359 -24.32 -0.48 -20.55
N PHE C 360 -24.83 0.71 -20.84
CA PHE C 360 -23.97 1.88 -20.97
C PHE C 360 -23.17 2.11 -19.70
N ASN C 361 -21.89 2.44 -19.87
CA ASN C 361 -20.98 2.71 -18.75
C ASN C 361 -20.03 3.81 -19.17
N ILE C 362 -20.11 4.94 -18.48
CA ILE C 362 -19.19 6.07 -18.67
C ILE C 362 -18.30 6.15 -17.44
N PRO C 363 -16.98 6.18 -17.58
CA PRO C 363 -16.11 6.32 -16.41
C PRO C 363 -16.17 7.74 -15.87
N LEU C 364 -16.75 7.88 -14.67
CA LEU C 364 -16.86 9.17 -14.02
C LEU C 364 -15.54 9.52 -13.35
N GLN C 365 -15.54 10.52 -12.48
CA GLN C 365 -14.36 10.84 -11.70
C GLN C 365 -13.83 9.57 -11.05
N ALA C 366 -12.59 9.64 -10.57
CA ALA C 366 -11.78 8.46 -10.36
C ALA C 366 -12.37 7.47 -9.36
N MET C 367 -13.56 7.74 -8.84
CA MET C 367 -14.31 6.69 -8.19
C MET C 367 -14.51 5.55 -9.18
N SER C 368 -14.22 4.33 -8.75
CA SER C 368 -14.40 3.14 -9.59
C SER C 368 -15.53 2.31 -9.03
N PRO C 369 -16.74 2.39 -9.58
CA PRO C 369 -17.89 1.75 -8.96
C PRO C 369 -18.00 0.30 -9.40
N PRO C 370 -18.63 -0.54 -8.60
CA PRO C 370 -18.89 -1.92 -9.05
C PRO C 370 -19.84 -1.95 -10.23
N SER C 371 -20.17 -3.16 -10.70
CA SER C 371 -20.99 -3.28 -11.90
C SER C 371 -22.39 -2.73 -11.69
N HIS C 372 -22.97 -2.93 -10.51
CA HIS C 372 -24.38 -2.62 -10.27
C HIS C 372 -24.64 -1.15 -9.99
N PHE C 373 -23.60 -0.35 -9.77
CA PHE C 373 -23.83 1.00 -9.27
C PHE C 373 -24.66 1.83 -10.25
N ILE C 374 -24.28 1.83 -11.53
CA ILE C 374 -24.99 2.67 -12.50
C ILE C 374 -26.41 2.17 -12.72
N PRO C 375 -26.68 0.87 -12.87
CA PRO C 375 -28.07 0.44 -12.90
C PRO C 375 -28.85 0.86 -11.67
N GLY C 376 -28.24 0.78 -10.49
CA GLY C 376 -28.93 1.20 -9.29
C GLY C 376 -29.26 2.68 -9.31
N CYS C 377 -28.34 3.50 -9.80
CA CYS C 377 -28.59 4.93 -9.89
C CYS C 377 -29.72 5.23 -10.87
N TYR C 378 -29.72 4.56 -12.03
CA TYR C 378 -30.87 4.70 -12.93
C TYR C 378 -32.16 4.30 -12.25
N HIS C 379 -32.13 3.22 -11.46
CA HIS C 379 -33.36 2.81 -10.80
C HIS C 379 -33.83 3.85 -9.78
N ILE C 380 -32.90 4.42 -9.03
CA ILE C 380 -33.27 5.46 -8.07
C ILE C 380 -33.88 6.64 -8.79
N LEU C 381 -33.27 7.07 -9.90
CA LEU C 381 -33.87 8.14 -10.68
C LEU C 381 -35.25 7.75 -11.20
N ALA C 382 -35.40 6.51 -11.66
CA ALA C 382 -36.68 6.05 -12.17
C ALA C 382 -37.74 6.09 -11.09
N ASP C 383 -37.34 5.86 -9.83
CA ASP C 383 -38.29 5.91 -8.73
C ASP C 383 -38.96 7.27 -8.64
N SER C 384 -38.33 8.30 -9.21
CA SER C 384 -38.84 9.66 -9.17
C SER C 384 -39.51 10.07 -10.47
N LEU C 385 -39.63 9.18 -11.44
CA LEU C 385 -40.22 9.47 -12.74
C LEU C 385 -39.44 10.52 -13.52
N ALA C 386 -38.28 10.94 -13.02
CA ALA C 386 -37.43 11.85 -13.77
C ALA C 386 -36.73 11.16 -14.91
N VAL C 387 -36.62 9.84 -14.87
CA VAL C 387 -36.04 9.03 -15.93
C VAL C 387 -36.97 7.85 -16.17
N GLY C 388 -37.29 7.60 -17.44
CA GLY C 388 -38.28 6.61 -17.77
C GLY C 388 -37.83 5.74 -18.93
N TRP C 389 -38.41 4.55 -19.00
CA TRP C 389 -38.18 3.63 -20.10
C TRP C 389 -39.29 3.67 -21.14
N HIS C 390 -40.52 3.43 -20.71
CA HIS C 390 -41.62 3.40 -21.66
C HIS C 390 -41.78 4.77 -22.30
N PRO C 391 -41.88 4.83 -23.64
CA PRO C 391 -42.00 6.15 -24.29
C PRO C 391 -43.15 6.99 -23.76
N ASN C 392 -44.13 6.37 -23.12
CA ASN C 392 -45.22 7.06 -22.44
C ASN C 392 -45.30 6.60 -21.00
N TYR C 393 -44.14 6.46 -20.35
CA TYR C 393 -44.11 5.88 -19.01
C TYR C 393 -44.93 6.68 -18.02
N THR C 394 -45.03 7.99 -18.20
CA THR C 394 -45.91 8.77 -17.36
C THR C 394 -47.37 8.39 -17.58
N THR C 395 -47.79 8.36 -18.84
CA THR C 395 -49.16 7.99 -19.16
C THR C 395 -49.46 6.56 -18.73
N GLN C 396 -48.53 5.64 -18.99
CA GLN C 396 -48.75 4.26 -18.60
C GLN C 396 -48.79 4.11 -17.09
N LEU C 397 -48.00 4.91 -16.36
CA LEU C 397 -48.04 4.84 -14.91
C LEU C 397 -49.36 5.38 -14.39
N LYS C 398 -49.89 6.43 -15.01
CA LYS C 398 -51.25 6.86 -14.66
C LYS C 398 -52.26 5.76 -14.94
N ASN C 399 -52.10 5.06 -16.07
CA ASN C 399 -53.03 3.99 -16.41
C ASN C 399 -53.00 2.89 -15.35
N LYS C 400 -51.80 2.43 -14.96
CA LYS C 400 -51.72 1.40 -13.93
C LYS C 400 -52.22 1.94 -12.58
N LYS C 401 -52.06 3.24 -12.34
CA LYS C 401 -52.64 3.83 -11.13
C LYS C 401 -54.15 3.68 -11.14
N VAL C 402 -54.79 3.94 -12.28
CA VAL C 402 -56.23 3.76 -12.40
C VAL C 402 -56.61 2.32 -12.72
N ALA C 403 -55.64 1.47 -13.05
CA ALA C 403 -55.91 0.06 -13.33
C ALA C 403 -56.22 -0.68 -12.03
N MET D 1 -31.21 13.72 -5.51
CA MET D 1 -31.99 12.44 -5.54
C MET D 1 -31.05 11.28 -5.26
N LEU D 2 -29.95 11.21 -6.01
CA LEU D 2 -28.87 10.31 -5.63
C LEU D 2 -28.21 10.77 -4.35
N ALA D 3 -28.11 12.08 -4.13
CA ALA D 3 -27.43 12.62 -2.96
C ALA D 3 -28.12 12.30 -1.66
N ARG D 4 -29.36 11.83 -1.70
CA ARG D 4 -30.15 11.71 -0.48
C ARG D 4 -29.37 10.98 0.60
N GLU D 5 -28.84 9.80 0.29
CA GLU D 5 -28.14 9.03 1.30
C GLU D 5 -27.04 9.85 1.96
N ALA D 6 -26.22 10.53 1.17
CA ALA D 6 -25.14 11.33 1.75
C ALA D 6 -25.73 12.42 2.65
N GLN D 7 -26.79 13.08 2.20
CA GLN D 7 -27.35 14.15 3.00
C GLN D 7 -27.98 13.65 4.27
N ASN D 8 -28.15 12.34 4.41
CA ASN D 8 -28.56 11.79 5.70
C ASN D 8 -27.37 11.31 6.51
N ILE D 9 -26.27 10.95 5.85
CA ILE D 9 -25.11 10.45 6.57
C ILE D 9 -24.18 11.59 6.98
N GLN D 10 -24.29 12.73 6.31
CA GLN D 10 -23.49 13.90 6.65
C GLN D 10 -24.41 15.07 6.94
N ASN D 11 -25.47 14.81 7.69
CA ASN D 11 -26.47 15.81 7.98
C ASN D 11 -25.87 16.93 8.84
N PRO D 12 -26.36 18.16 8.70
CA PRO D 12 -25.84 19.25 9.52
C PRO D 12 -26.10 19.10 11.00
N ALA D 13 -27.08 18.30 11.43
CA ALA D 13 -27.34 18.18 12.86
C ALA D 13 -26.18 17.47 13.56
N LEU D 14 -25.72 16.36 12.99
CA LEU D 14 -24.54 15.70 13.53
C LEU D 14 -23.34 16.63 13.48
N GLY D 15 -23.24 17.44 12.43
CA GLY D 15 -22.14 18.38 12.36
C GLY D 15 -22.18 19.39 13.48
N ALA D 16 -23.37 19.89 13.80
CA ALA D 16 -23.51 20.83 14.91
C ALA D 16 -23.11 20.18 16.22
N ALA D 17 -23.55 18.94 16.44
CA ALA D 17 -23.15 18.26 17.66
C ALA D 17 -21.63 18.10 17.74
N LEU D 18 -21.02 17.70 16.62
CA LEU D 18 -19.57 17.51 16.61
C LEU D 18 -18.85 18.82 16.88
N VAL D 19 -19.27 19.90 16.25
CA VAL D 19 -18.62 21.19 16.46
C VAL D 19 -18.80 21.64 17.91
N TRP D 20 -19.97 21.42 18.49
CA TRP D 20 -20.19 21.78 19.88
C TRP D 20 -19.24 21.01 20.78
N ARG D 21 -19.10 19.71 20.56
CA ARG D 21 -18.18 18.95 21.41
C ARG D 21 -16.74 19.39 21.19
N PHE D 22 -16.38 19.75 19.96
CA PHE D 22 -15.04 20.26 19.68
C PHE D 22 -14.76 21.50 20.51
N CYS D 23 -15.67 22.48 20.46
CA CYS D 23 -15.47 23.68 21.25
C CYS D 23 -15.45 23.37 22.74
N CYS D 24 -16.32 22.47 23.19
CA CYS D 24 -16.32 22.10 24.61
C CYS D 24 -14.97 21.54 25.02
N GLY D 25 -14.37 20.68 24.20
CA GLY D 25 -13.06 20.16 24.52
C GLY D 25 -11.94 21.17 24.37
N TYR D 26 -12.15 22.21 23.57
CA TYR D 26 -11.12 23.21 23.37
C TYR D 26 -10.90 24.04 24.62
N VAL D 27 -11.94 24.76 25.06
CA VAL D 27 -11.81 25.60 26.24
C VAL D 27 -11.41 24.78 27.45
N LYS D 28 -11.61 23.47 27.40
CA LYS D 28 -11.26 22.63 28.53
C LYS D 28 -9.75 22.49 28.70
N THR D 29 -8.95 22.89 27.70
CA THR D 29 -7.51 22.78 27.80
C THR D 29 -6.76 24.08 27.51
N ASN D 30 -7.41 25.08 26.93
CA ASN D 30 -6.73 26.34 26.66
C ASN D 30 -6.17 26.90 27.95
N ARG D 31 -4.95 27.46 27.86
CA ARG D 31 -4.29 27.98 29.06
C ARG D 31 -5.11 29.09 29.69
N VAL D 32 -5.61 30.02 28.86
CA VAL D 32 -6.45 31.11 29.34
C VAL D 32 -7.93 30.81 29.18
N SER D 33 -8.29 29.62 28.71
CA SER D 33 -9.69 29.22 28.55
C SER D 33 -10.41 30.16 27.58
N ALA D 34 -9.69 30.65 26.59
CA ALA D 34 -10.32 31.49 25.57
C ALA D 34 -11.09 30.62 24.58
N PRO D 35 -12.12 31.17 23.94
CA PRO D 35 -12.84 30.39 22.94
C PRO D 35 -12.00 30.21 21.70
N PRO D 36 -12.17 29.10 20.97
CA PRO D 36 -11.43 28.92 19.73
C PRO D 36 -11.93 29.87 18.67
N PRO D 37 -11.07 30.29 17.73
CA PRO D 37 -11.51 31.16 16.65
C PRO D 37 -12.39 30.41 15.68
N LEU D 38 -13.21 31.16 14.95
CA LEU D 38 -14.17 30.53 14.06
C LEU D 38 -13.50 29.69 12.98
N PRO D 39 -12.45 30.14 12.31
CA PRO D 39 -11.85 29.32 11.24
C PRO D 39 -11.29 27.98 11.70
N PHE D 40 -11.29 27.66 12.99
CA PHE D 40 -10.95 26.32 13.42
C PHE D 40 -12.14 25.38 13.44
N LEU D 41 -13.37 25.90 13.45
CA LEU D 41 -14.53 25.04 13.42
C LEU D 41 -14.70 24.34 12.07
N PHE D 42 -14.12 24.89 11.03
CA PHE D 42 -14.19 24.29 9.70
C PHE D 42 -13.21 23.14 9.54
N LEU D 43 -12.44 22.81 10.56
CA LEU D 43 -11.49 21.71 10.51
C LEU D 43 -11.88 20.56 11.43
N VAL D 44 -13.15 20.49 11.83
CA VAL D 44 -13.60 19.43 12.72
C VAL D 44 -14.24 18.33 11.88
N LEU D 45 -15.22 18.69 11.07
CA LEU D 45 -15.84 17.69 10.21
C LEU D 45 -14.87 17.11 9.19
N PRO D 46 -14.03 17.89 8.52
CA PRO D 46 -13.06 17.28 7.60
C PRO D 46 -12.10 16.32 8.26
N ILE D 47 -11.93 16.40 9.57
CA ILE D 47 -11.06 15.49 10.30
C ILE D 47 -11.86 14.38 10.97
N ILE D 48 -13.06 14.69 11.44
CA ILE D 48 -13.83 13.73 12.24
C ILE D 48 -14.70 12.85 11.35
N LEU D 49 -15.29 13.42 10.29
CA LEU D 49 -16.22 12.65 9.47
C LEU D 49 -15.50 11.83 8.41
N HIS D 50 -14.18 11.93 8.31
CA HIS D 50 -13.39 11.10 7.41
C HIS D 50 -12.83 9.92 8.19
N GLN D 51 -13.09 8.70 7.72
CA GLN D 51 -12.92 7.55 8.60
C GLN D 51 -11.46 7.22 8.87
N GLU D 52 -10.57 7.41 7.89
CA GLU D 52 -9.16 7.11 8.16
C GLU D 52 -8.50 8.22 8.95
N THR D 53 -8.75 9.47 8.59
CA THR D 53 -8.28 10.57 9.42
C THR D 53 -8.86 10.45 10.81
N SER D 54 -10.16 10.18 10.93
CA SER D 54 -10.75 9.92 12.23
C SER D 54 -10.09 8.74 12.92
N GLU D 55 -9.64 7.75 12.16
CA GLU D 55 -8.96 6.62 12.76
C GLU D 55 -7.68 7.07 13.44
N PHE D 56 -6.94 7.96 12.78
CA PHE D 56 -5.74 8.49 13.42
C PHE D 56 -6.08 9.33 14.64
N VAL D 57 -7.16 10.10 14.58
CA VAL D 57 -7.59 10.86 15.75
C VAL D 57 -7.94 9.92 16.90
N LYS D 58 -8.48 8.75 16.57
CA LYS D 58 -8.89 7.80 17.59
C LYS D 58 -7.71 7.05 18.19
N ARG D 59 -6.73 6.70 17.37
CA ARG D 59 -5.64 5.84 17.83
C ARG D 59 -4.62 6.60 18.69
N THR D 60 -4.48 7.90 18.50
CA THR D 60 -3.53 8.67 19.28
C THR D 60 -4.08 8.96 20.67
N TYR D 61 -3.26 8.76 21.69
CA TYR D 61 -3.70 9.02 23.06
C TYR D 61 -4.09 10.47 23.23
N LYS D 62 -5.04 10.68 24.16
CA LYS D 62 -5.46 12.05 24.46
C LYS D 62 -4.32 12.91 24.96
N SER D 63 -3.27 12.30 25.51
CA SER D 63 -2.15 13.02 26.09
C SER D 63 -0.94 13.07 25.16
N SER D 64 -1.11 12.68 23.90
CA SER D 64 -0.01 12.67 22.95
C SER D 64 0.11 13.97 22.17
N GLY D 65 -0.94 14.77 22.12
CA GLY D 65 -0.85 16.08 21.52
C GLY D 65 -1.11 16.05 20.01
N LEU D 66 -1.50 17.21 19.48
CA LEU D 66 -1.82 17.30 18.07
C LEU D 66 -0.63 16.88 17.21
N ARG D 67 0.57 17.24 17.62
CA ARG D 67 1.75 16.90 16.82
C ARG D 67 1.85 15.40 16.63
N ALA D 68 1.70 14.64 17.72
CA ALA D 68 1.82 13.18 17.61
C ALA D 68 0.74 12.61 16.71
N PHE D 69 -0.41 13.27 16.61
CA PHE D 69 -1.45 12.82 15.70
C PHE D 69 -1.07 13.11 14.25
N ALA D 70 -0.57 14.32 14.00
CA ALA D 70 -0.17 14.69 12.66
C ALA D 70 1.12 14.02 12.23
N ALA D 71 1.92 13.52 13.16
CA ALA D 71 3.15 12.82 12.81
C ALA D 71 2.91 11.36 12.47
N LYS D 72 1.74 10.81 12.80
CA LYS D 72 1.43 9.44 12.42
C LYS D 72 1.13 9.29 10.94
N PHE D 73 0.80 10.38 10.26
CA PHE D 73 0.43 10.28 8.86
C PHE D 73 1.63 9.93 7.99
N GLY D 74 2.81 10.42 8.34
CA GLY D 74 4.00 10.16 7.57
C GLY D 74 4.80 8.95 8.00
N ASP D 75 4.36 8.23 9.03
CA ASP D 75 5.11 7.08 9.49
C ASP D 75 5.33 6.10 8.35
N SER D 76 6.55 5.57 8.25
CA SER D 76 6.88 4.65 7.17
C SER D 76 5.95 3.44 7.15
N SER D 77 5.46 3.01 8.31
CA SER D 77 4.52 1.91 8.38
C SER D 77 3.13 2.29 7.91
N VAL D 78 2.87 3.58 7.67
CA VAL D 78 1.58 4.05 7.23
C VAL D 78 1.73 4.77 5.91
N SER D 79 2.55 5.83 5.90
CA SER D 79 2.86 6.57 4.68
C SER D 79 1.59 7.15 4.06
N LYS D 80 1.01 8.12 4.77
CA LYS D 80 -0.21 8.77 4.30
C LYS D 80 -0.13 10.29 4.48
N GLN D 81 1.04 10.89 4.24
CA GLN D 81 1.15 12.34 4.28
C GLN D 81 0.16 13.03 3.37
N ASP D 82 -0.18 12.40 2.25
CA ASP D 82 -1.16 12.99 1.34
C ASP D 82 -2.44 13.36 2.07
N LEU D 83 -2.86 12.54 3.03
CA LEU D 83 -4.08 12.84 3.77
C LEU D 83 -3.89 14.05 4.69
N LEU D 84 -2.73 14.14 5.34
CA LEU D 84 -2.45 15.32 6.15
C LEU D 84 -2.53 16.57 5.29
N PHE D 85 -2.12 16.47 4.03
CA PHE D 85 -2.26 17.62 3.14
C PHE D 85 -3.70 17.81 2.66
N GLN D 86 -4.48 16.73 2.55
CA GLN D 86 -5.87 16.85 2.14
C GLN D 86 -6.80 17.36 3.23
N ILE D 87 -6.37 17.39 4.50
CA ILE D 87 -7.28 17.93 5.50
C ILE D 87 -7.74 19.33 5.10
N HIS D 88 -6.80 20.18 4.68
CA HIS D 88 -7.16 21.54 4.28
C HIS D 88 -8.09 21.55 3.08
N GLU D 89 -7.77 20.77 2.05
CA GLU D 89 -8.60 20.80 0.84
C GLU D 89 -10.00 20.29 1.13
N ARG D 90 -10.11 19.18 1.88
CA ARG D 90 -11.41 18.66 2.25
C ARG D 90 -12.20 19.71 3.01
N SER D 91 -11.54 20.44 3.91
CA SER D 91 -12.21 21.54 4.58
C SER D 91 -12.69 22.57 3.58
N ILE D 92 -11.90 22.86 2.56
CA ILE D 92 -12.33 23.81 1.54
C ILE D 92 -13.62 23.33 0.89
N ARG D 93 -13.70 22.03 0.59
CA ARG D 93 -14.84 21.48 -0.13
C ARG D 93 -16.07 21.32 0.76
N TRP D 94 -15.89 21.12 2.06
CA TRP D 94 -16.99 20.92 2.99
C TRP D 94 -17.39 22.20 3.71
N ARG D 95 -17.25 23.35 3.06
CA ARG D 95 -17.57 24.61 3.73
C ARG D 95 -19.04 24.68 4.09
N GLN D 96 -19.91 24.27 3.19
CA GLN D 96 -21.35 24.42 3.43
C GLN D 96 -21.81 23.54 4.58
N LEU D 97 -21.33 22.29 4.64
CA LEU D 97 -21.74 21.42 5.72
C LEU D 97 -21.31 21.97 7.07
N SER D 98 -20.06 22.44 7.17
CA SER D 98 -19.60 23.03 8.42
C SER D 98 -20.43 24.27 8.77
N LEU D 99 -20.70 25.12 7.78
CA LEU D 99 -21.45 26.34 8.04
C LEU D 99 -22.84 26.01 8.56
N ARG D 100 -23.53 25.04 7.95
CA ARG D 100 -24.81 24.63 8.49
C ARG D 100 -24.66 24.03 9.88
N SER D 101 -23.51 23.39 10.15
CA SER D 101 -23.29 22.86 11.49
C SER D 101 -23.27 23.99 12.52
N ILE D 102 -22.52 25.06 12.24
CA ILE D 102 -22.56 26.21 13.13
C ILE D 102 -23.96 26.79 13.20
N GLU D 103 -24.68 26.81 12.08
CA GLU D 103 -26.06 27.27 12.10
C GLU D 103 -26.86 26.54 13.17
N LEU D 104 -26.94 25.22 13.05
CA LEU D 104 -27.75 24.45 13.98
C LEU D 104 -27.18 24.41 15.39
N ALA D 105 -25.88 24.68 15.56
CA ALA D 105 -25.29 24.69 16.90
C ALA D 105 -25.40 26.04 17.60
N VAL D 106 -25.63 27.12 16.85
CA VAL D 106 -25.89 28.41 17.47
C VAL D 106 -27.37 28.59 17.74
N ALA D 107 -28.21 28.22 16.79
CA ALA D 107 -29.64 28.36 16.97
C ALA D 107 -30.14 27.51 18.14
N SER D 108 -29.55 26.34 18.34
CA SER D 108 -29.99 25.43 19.40
C SER D 108 -29.29 25.69 20.72
N ASP D 109 -28.83 26.92 20.96
CA ASP D 109 -28.21 27.28 22.23
C ASP D 109 -27.12 26.29 22.59
N LEU D 110 -26.29 25.93 21.61
CA LEU D 110 -25.13 25.08 21.82
C LEU D 110 -23.82 25.85 21.72
N LEU D 111 -23.75 26.85 20.86
CA LEU D 111 -22.59 27.72 20.76
C LEU D 111 -23.05 29.17 20.70
N LYS D 112 -22.65 29.97 21.67
CA LYS D 112 -22.91 31.38 21.64
C LYS D 112 -21.77 32.06 20.91
N LEU D 113 -22.10 32.86 19.89
CA LEU D 113 -21.09 33.49 19.05
C LEU D 113 -20.74 34.85 19.67
N GLN D 114 -19.56 34.93 20.26
CA GLN D 114 -19.05 36.20 20.75
C GLN D 114 -18.62 37.06 19.57
N ASP D 115 -19.04 38.33 19.59
CA ASP D 115 -18.96 39.29 18.48
C ASP D 115 -17.56 39.46 17.95
N GLY D 116 -16.55 38.93 18.59
CA GLY D 116 -15.21 38.97 18.05
C GLY D 116 -14.98 37.80 17.12
N SER D 117 -16.06 37.17 16.69
CA SER D 117 -15.99 36.00 15.81
C SER D 117 -15.40 34.81 16.58
N ASP D 118 -15.90 34.59 17.78
CA ASP D 118 -15.50 33.46 18.60
C ASP D 118 -16.74 32.67 18.99
N VAL D 119 -16.54 31.46 19.50
CA VAL D 119 -17.64 30.57 19.86
C VAL D 119 -17.39 30.04 21.27
N ILE D 120 -18.32 30.31 22.18
CA ILE D 120 -18.28 29.79 23.55
C ILE D 120 -19.29 28.66 23.64
N PRO D 121 -18.91 27.48 24.11
CA PRO D 121 -19.88 26.40 24.27
C PRO D 121 -20.67 26.55 25.56
N LEU D 122 -21.97 26.23 25.48
CA LEU D 122 -22.84 26.24 26.63
C LEU D 122 -22.84 24.84 27.26
N SER D 123 -23.77 24.60 28.19
CA SER D 123 -23.82 23.30 28.87
C SER D 123 -24.77 22.35 28.15
N LYS D 124 -26.05 22.70 28.09
CA LYS D 124 -27.00 22.01 27.23
C LYS D 124 -26.89 20.49 27.34
N THR D 125 -27.28 19.94 28.49
CA THR D 125 -26.97 18.56 28.84
C THR D 125 -27.10 17.61 27.65
N LYS D 126 -26.29 16.56 27.67
CA LYS D 126 -26.03 15.70 26.52
C LYS D 126 -27.31 15.17 25.87
N ALA D 127 -27.20 14.77 24.61
CA ALA D 127 -28.31 14.18 23.90
C ALA D 127 -28.75 12.87 24.57
N ARG D 128 -29.87 12.34 24.11
CA ARG D 128 -30.55 11.23 24.76
C ARG D 128 -30.38 9.97 23.93
N GLY D 129 -29.58 9.02 24.45
CA GLY D 129 -29.54 7.68 23.92
C GLY D 129 -29.14 7.53 22.47
N LEU D 130 -28.05 8.18 22.06
CA LEU D 130 -27.57 8.02 20.70
C LEU D 130 -26.92 6.64 20.53
N SER D 131 -26.54 6.34 19.29
CA SER D 131 -25.88 5.09 18.97
C SER D 131 -24.39 5.19 19.22
N ASP D 132 -23.74 4.03 19.34
CA ASP D 132 -22.34 4.01 19.71
C ASP D 132 -21.48 4.75 18.70
N GLU D 133 -21.79 4.59 17.41
CA GLU D 133 -21.02 5.30 16.39
C GLU D 133 -21.00 6.80 16.65
N VAL D 134 -22.17 7.39 16.85
CA VAL D 134 -22.25 8.84 16.98
C VAL D 134 -21.62 9.29 18.29
N LYS D 135 -21.80 8.51 19.36
CA LYS D 135 -21.14 8.86 20.61
C LYS D 135 -19.63 8.83 20.46
N THR D 136 -19.08 7.84 19.76
CA THR D 136 -17.64 7.80 19.52
C THR D 136 -17.20 9.00 18.69
N LEU D 137 -17.96 9.37 17.66
CA LEU D 137 -17.59 10.55 16.88
C LEU D 137 -17.58 11.79 17.74
N MET D 138 -18.57 11.94 18.61
CA MET D 138 -18.60 13.11 19.49
C MET D 138 -17.38 13.12 20.42
N ASP D 139 -17.04 11.95 20.98
CA ASP D 139 -15.85 11.88 21.83
C ASP D 139 -14.59 12.24 21.06
N LEU D 140 -14.48 11.78 19.82
CA LEU D 140 -13.33 12.14 19.00
C LEU D 140 -13.28 13.63 18.75
N ALA D 141 -14.43 14.25 18.51
CA ALA D 141 -14.44 15.70 18.33
C ALA D 141 -13.98 16.40 19.60
N GLU D 142 -14.38 15.90 20.76
CA GLU D 142 -13.92 16.49 22.01
C GLU D 142 -12.41 16.35 22.16
N LYS D 143 -11.88 15.16 21.85
CA LYS D 143 -10.43 14.96 21.93
C LYS D 143 -9.69 15.90 21.00
N LEU D 144 -10.17 16.02 19.77
CA LEU D 144 -9.54 16.91 18.81
C LEU D 144 -9.61 18.36 19.30
N GLY D 145 -10.72 18.74 19.92
CA GLY D 145 -10.81 20.07 20.48
C GLY D 145 -9.77 20.31 21.55
N SER D 146 -9.61 19.35 22.46
CA SER D 146 -8.57 19.47 23.48
C SER D 146 -7.22 19.70 22.81
N TRP D 147 -6.90 18.88 21.80
CA TRP D 147 -5.62 19.01 21.12
C TRP D 147 -5.45 20.40 20.52
N PHE D 148 -6.42 20.85 19.75
CA PHE D 148 -6.32 22.19 19.18
C PHE D 148 -6.14 23.23 20.25
N GLY D 149 -6.75 23.02 21.42
CA GLY D 149 -6.64 24.00 22.49
C GLY D 149 -5.26 24.09 23.07
N GLU D 150 -4.60 22.94 23.27
CA GLU D 150 -3.28 22.97 23.91
C GLU D 150 -2.30 23.89 23.18
N LEU D 151 -2.44 24.06 21.88
CA LEU D 151 -1.48 24.79 21.07
C LEU D 151 -2.06 26.12 20.63
N SER D 152 -1.20 26.98 20.12
CA SER D 152 -1.63 28.27 19.62
C SER D 152 -2.11 28.14 18.18
N ILE D 153 -2.62 29.25 17.63
CA ILE D 153 -3.16 29.22 16.29
C ILE D 153 -2.07 28.88 15.27
N HIS D 154 -0.92 29.53 15.40
CA HIS D 154 0.14 29.32 14.42
C HIS D 154 0.64 27.88 14.45
N GLU D 155 0.84 27.33 15.64
CA GLU D 155 1.30 25.96 15.74
C GLU D 155 0.32 25.00 15.11
N VAL D 156 -0.98 25.20 15.36
CA VAL D 156 -1.98 24.28 14.80
C VAL D 156 -2.02 24.39 13.30
N VAL D 157 -2.08 25.61 12.76
CA VAL D 157 -2.16 25.74 11.32
C VAL D 157 -0.91 25.20 10.64
N THR D 158 0.26 25.36 11.25
CA THR D 158 1.44 24.76 10.66
C THR D 158 1.38 23.24 10.71
N THR D 159 0.98 22.68 11.86
CA THR D 159 1.03 21.22 12.02
C THR D 159 0.07 20.52 11.07
N LEU D 160 -1.01 21.19 10.69
CA LEU D 160 -1.99 20.61 9.78
C LEU D 160 -1.88 21.17 8.37
N LYS D 161 -0.80 21.87 8.05
CA LYS D 161 -0.54 22.34 6.70
C LYS D 161 -1.76 23.08 6.16
N VAL D 162 -2.30 23.96 6.98
CA VAL D 162 -3.49 24.73 6.65
C VAL D 162 -3.08 26.13 6.25
N LYS D 163 -3.99 26.83 5.57
CA LYS D 163 -3.80 28.24 5.22
C LYS D 163 -5.10 28.97 5.50
N LEU D 164 -5.20 29.59 6.68
CA LEU D 164 -6.39 30.33 7.04
C LEU D 164 -6.57 31.50 6.09
#